data_2ZRU
#
_entry.id   2ZRU
#
_cell.length_a   100.745
_cell.length_b   100.745
_cell.length_c   336.829
_cell.angle_alpha   90.00
_cell.angle_beta   90.00
_cell.angle_gamma   90.00
#
_symmetry.space_group_name_H-M   'P 43 21 2'
#
loop_
_entity.id
_entity.type
_entity.pdbx_description
1 polymer 'Isopentenyl-diphosphate delta-isomerase'
2 non-polymer 'FLAVIN MONONUCLEOTIDE'
3 water water
#
_entity_poly.entity_id   1
_entity_poly.type   'polypeptide(L)'
_entity_poly.pdbx_seq_one_letter_code
;MPDIVNRKVEHVEIAAFENVDGLSSSTFLNDVILVHQGFPGISFSEINTKTKFFRKEISVPVMVTGMTGGRNELGRINKI
IAEVAEKFGIPMGVGSQRVAIEKAEARESFAIVRKVAPTIPIIANLGMPQLVKGYGLKEFQDAIQMIEADAIAVHLNPAQ
EVFQPEGEPEYQIYALEKLRDISKELSVPIIVKESGNGISMETAKLLYSYGIKNFDTSGQGGTNWIAIEMIRDIRRGNWK
AESAKNFLDWGVPTAASIMEVRYSVPDSFLVGSGGIRSGLDAAKAIALGADIAGMALPVLKSAIEGKESLEQFFRKIIFE
LKAAMMLTGSKDVDALKKTSIVILGKLKEWAEYRGINLSIYEKVRKRE
;
_entity_poly.pdbx_strand_id   A,B,C,D
#
# COMPACT_ATOMS: atom_id res chain seq x y z
N VAL A 9 20.14 30.53 -21.18
CA VAL A 9 20.37 30.58 -19.72
C VAL A 9 20.40 29.16 -19.18
N GLU A 10 21.26 28.94 -18.20
CA GLU A 10 21.49 27.62 -17.64
C GLU A 10 20.21 26.96 -17.13
N HIS A 11 19.36 27.74 -16.45
CA HIS A 11 18.08 27.20 -15.96
C HIS A 11 17.18 26.64 -17.05
N VAL A 12 17.04 27.37 -18.16
CA VAL A 12 16.22 26.90 -19.29
C VAL A 12 16.80 25.63 -19.93
N GLU A 13 18.12 25.62 -20.14
CA GLU A 13 18.89 24.47 -20.64
C GLU A 13 18.68 23.19 -19.82
N ILE A 14 18.82 23.31 -18.49
CA ILE A 14 18.55 22.19 -17.58
C ILE A 14 17.09 21.76 -17.62
N ALA A 15 16.17 22.72 -17.51
CA ALA A 15 14.76 22.40 -17.44
C ALA A 15 14.31 21.69 -18.73
N ALA A 16 14.75 22.22 -19.87
CA ALA A 16 14.32 21.69 -21.16
C ALA A 16 15.06 20.40 -21.54
N PHE A 17 16.32 20.27 -21.15
CA PHE A 17 17.08 19.14 -21.69
C PHE A 17 17.56 18.09 -20.68
N GLU A 18 17.51 18.39 -19.39
CA GLU A 18 17.82 17.35 -18.41
C GLU A 18 16.56 16.67 -17.86
N ASN A 19 16.76 15.53 -17.20
CA ASN A 19 15.69 14.79 -16.56
C ASN A 19 15.38 15.40 -15.19
N VAL A 20 14.52 16.41 -15.19
CA VAL A 20 14.13 17.13 -13.96
C VAL A 20 12.61 17.30 -13.82
N ASP A 21 11.85 16.80 -14.78
CA ASP A 21 10.41 16.88 -14.73
C ASP A 21 9.86 15.76 -13.84
N GLY A 22 9.44 16.11 -12.62
CA GLY A 22 8.89 15.12 -11.69
C GLY A 22 9.91 14.19 -11.08
N LEU A 23 11.18 14.56 -11.13
CA LEU A 23 12.30 13.75 -10.62
C LEU A 23 12.15 13.46 -9.13
N SER A 24 11.95 12.18 -8.79
CA SER A 24 11.73 11.77 -7.37
C SER A 24 10.63 12.53 -6.65
N SER A 25 9.67 13.04 -7.41
CA SER A 25 8.57 13.82 -6.84
C SER A 25 7.24 13.33 -7.43
N SER A 26 6.12 13.86 -6.93
CA SER A 26 4.78 13.35 -7.25
C SER A 26 3.70 14.43 -7.10
N THR A 27 2.79 14.51 -8.07
CA THR A 27 1.66 15.46 -7.98
C THR A 27 0.57 14.89 -7.06
N PHE A 28 0.63 13.59 -6.76
CA PHE A 28 -0.48 12.86 -6.13
C PHE A 28 -1.73 12.75 -7.03
N LEU A 29 -1.64 13.20 -8.28
CA LEU A 29 -2.80 13.15 -9.19
C LEU A 29 -3.26 11.74 -9.55
N ASN A 30 -2.36 10.77 -9.42
CA ASN A 30 -2.76 9.39 -9.63
C ASN A 30 -3.67 8.86 -8.50
N ASP A 31 -3.72 9.57 -7.39
CA ASP A 31 -4.65 9.26 -6.28
C ASP A 31 -6.07 9.79 -6.49
N VAL A 32 -6.27 10.52 -7.58
CA VAL A 32 -7.53 11.13 -7.97
C VAL A 32 -8.08 10.42 -9.21
N ILE A 33 -9.29 9.90 -9.08
CA ILE A 33 -9.99 9.30 -10.22
C ILE A 33 -11.26 10.10 -10.49
N LEU A 34 -11.49 10.37 -11.77
CA LEU A 34 -12.73 10.96 -12.21
C LEU A 34 -13.67 9.82 -12.58
N VAL A 35 -14.86 9.83 -11.99
CA VAL A 35 -15.73 8.70 -12.18
C VAL A 35 -16.31 8.73 -13.60
N HIS A 36 -16.07 7.64 -14.33
CA HIS A 36 -16.64 7.46 -15.68
C HIS A 36 -18.18 7.42 -15.63
N GLN A 37 -18.82 8.17 -16.51
CA GLN A 37 -20.28 8.15 -16.67
C GLN A 37 -20.62 7.59 -18.04
N GLY A 38 -21.02 6.32 -18.09
CA GLY A 38 -21.28 5.65 -19.37
C GLY A 38 -22.43 6.23 -20.16
N PHE A 39 -23.37 6.91 -19.48
CA PHE A 39 -24.34 7.76 -20.17
C PHE A 39 -24.08 9.21 -19.83
N PRO A 40 -23.27 9.88 -20.67
CA PRO A 40 -22.86 11.27 -20.42
C PRO A 40 -24.00 12.28 -20.36
N GLY A 41 -25.06 12.09 -21.17
CA GLY A 41 -26.20 13.03 -21.15
C GLY A 41 -25.96 14.24 -22.05
N ILE A 42 -24.94 14.14 -22.90
CA ILE A 42 -24.52 15.26 -23.75
C ILE A 42 -23.89 14.69 -25.01
N SER A 43 -23.67 15.53 -26.01
CA SER A 43 -22.84 15.15 -27.14
C SER A 43 -21.53 15.92 -27.08
N PHE A 44 -20.48 15.39 -27.70
CA PHE A 44 -19.15 15.98 -27.65
C PHE A 44 -19.12 17.44 -28.15
N SER A 45 -19.90 17.72 -29.20
CA SER A 45 -19.90 19.05 -29.82
C SER A 45 -20.59 20.08 -28.94
N GLU A 46 -21.36 19.63 -27.96
CA GLU A 46 -21.95 20.58 -27.03
C GLU A 46 -21.03 20.98 -25.85
N ILE A 47 -19.88 20.33 -25.72
CA ILE A 47 -18.96 20.67 -24.61
C ILE A 47 -18.46 22.11 -24.74
N ASN A 48 -18.60 22.89 -23.67
CA ASN A 48 -18.15 24.28 -23.66
C ASN A 48 -17.01 24.47 -22.66
N THR A 49 -15.82 24.80 -23.15
CA THR A 49 -14.63 24.92 -22.30
C THR A 49 -14.37 26.37 -21.84
N LYS A 50 -15.26 27.28 -22.19
CA LYS A 50 -15.05 28.68 -21.81
C LYS A 50 -15.16 28.90 -20.29
N THR A 51 -14.39 29.85 -19.78
CA THR A 51 -14.49 30.23 -18.37
C THR A 51 -14.00 31.66 -18.12
N LYS A 52 -14.21 32.16 -16.91
CA LYS A 52 -13.81 33.52 -16.55
C LYS A 52 -12.36 33.56 -16.05
N PHE A 53 -11.63 34.58 -16.46
CA PHE A 53 -10.30 34.86 -15.91
C PHE A 53 -10.33 36.36 -15.53
N PHE A 54 -10.57 36.66 -14.27
CA PHE A 54 -10.89 38.04 -13.86
C PHE A 54 -11.94 38.67 -14.77
N ARG A 55 -11.64 39.79 -15.42
CA ARG A 55 -12.67 40.52 -16.15
C ARG A 55 -12.81 40.07 -17.60
N LYS A 56 -12.06 39.04 -17.96
CA LYS A 56 -12.07 38.54 -19.33
C LYS A 56 -12.62 37.12 -19.41
N GLU A 57 -13.08 36.75 -20.60
CA GLU A 57 -13.44 35.35 -20.84
C GLU A 57 -12.31 34.67 -21.61
N ILE A 58 -12.01 33.43 -21.25
CA ILE A 58 -10.97 32.65 -21.94
C ILE A 58 -11.60 31.40 -22.55
N SER A 59 -10.91 30.76 -23.49
CA SER A 59 -11.53 29.74 -24.32
C SER A 59 -11.48 28.36 -23.70
N VAL A 60 -10.50 28.17 -22.80
CA VAL A 60 -10.17 26.87 -22.21
C VAL A 60 -9.70 27.18 -20.78
N PRO A 61 -10.07 26.34 -19.78
CA PRO A 61 -9.66 26.63 -18.39
C PRO A 61 -8.21 26.23 -18.08
N VAL A 62 -7.28 26.72 -18.88
CA VAL A 62 -5.85 26.48 -18.66
C VAL A 62 -5.09 27.79 -18.91
N MET A 63 -3.99 28.01 -18.17
CA MET A 63 -3.07 29.12 -18.49
C MET A 63 -1.65 28.57 -18.64
N VAL A 64 -0.83 29.32 -19.37
CA VAL A 64 0.62 29.13 -19.36
C VAL A 64 1.13 30.00 -18.21
N THR A 65 1.86 29.42 -17.26
CA THR A 65 2.39 30.21 -16.16
C THR A 65 3.79 30.72 -16.52
N GLY A 66 4.29 31.69 -15.75
CA GLY A 66 5.48 32.44 -16.12
C GLY A 66 6.75 31.64 -16.19
N MET A 67 7.55 31.91 -17.23
CA MET A 67 8.87 31.31 -17.38
C MET A 67 9.93 32.33 -17.81
N THR A 68 11.01 32.41 -17.04
CA THR A 68 12.10 33.34 -17.34
C THR A 68 13.08 32.72 -18.37
N ASN A 72 16.85 38.20 -25.49
CA ASN A 72 16.59 38.11 -26.93
C ASN A 72 16.08 36.72 -27.35
N GLU A 73 16.85 35.69 -27.01
CA GLU A 73 16.46 34.29 -27.23
C GLU A 73 15.29 33.90 -26.33
N LEU A 74 15.27 34.47 -25.12
CA LEU A 74 14.16 34.29 -24.19
C LEU A 74 12.89 34.99 -24.73
N GLY A 75 13.06 36.14 -25.37
CA GLY A 75 11.98 36.87 -26.00
C GLY A 75 11.38 36.24 -27.24
N ARG A 76 12.12 35.37 -27.93
CA ARG A 76 11.55 34.70 -29.09
C ARG A 76 10.69 33.49 -28.70
N ILE A 77 10.99 32.86 -27.57
CA ILE A 77 10.15 31.79 -27.02
C ILE A 77 8.88 32.41 -26.49
N ASN A 78 9.04 33.51 -25.74
CA ASN A 78 7.91 34.31 -25.26
C ASN A 78 6.99 34.76 -26.38
N LYS A 79 7.59 35.11 -27.53
CA LYS A 79 6.81 35.52 -28.68
C LYS A 79 5.98 34.37 -29.22
N ILE A 80 6.62 33.23 -29.42
CA ILE A 80 5.96 32.03 -29.92
C ILE A 80 4.82 31.62 -28.98
N ILE A 81 5.12 31.55 -27.68
CA ILE A 81 4.08 31.22 -26.70
C ILE A 81 2.91 32.19 -26.74
N ALA A 82 3.19 33.49 -26.75
CA ALA A 82 2.13 34.51 -26.77
C ALA A 82 1.24 34.45 -28.03
N GLU A 83 1.84 34.28 -29.21
CA GLU A 83 1.00 34.19 -30.38
C GLU A 83 0.14 32.95 -30.37
N VAL A 84 0.69 31.82 -29.93
CA VAL A 84 -0.11 30.60 -29.86
C VAL A 84 -1.17 30.71 -28.80
N ALA A 85 -0.82 31.25 -27.63
CA ALA A 85 -1.83 31.48 -26.58
C ALA A 85 -2.98 32.36 -27.09
N GLU A 86 -2.65 33.47 -27.74
CA GLU A 86 -3.67 34.37 -28.33
C GLU A 86 -4.62 33.62 -29.28
N LYS A 87 -4.04 32.79 -30.13
CA LYS A 87 -4.81 32.00 -31.10
C LYS A 87 -5.83 31.10 -30.40
N PHE A 88 -5.41 30.47 -29.30
CA PHE A 88 -6.23 29.51 -28.57
C PHE A 88 -7.06 30.14 -27.46
N GLY A 89 -6.88 31.44 -27.25
CA GLY A 89 -7.69 32.16 -26.28
C GLY A 89 -7.34 31.76 -24.85
N ILE A 90 -6.08 31.43 -24.61
CA ILE A 90 -5.64 31.07 -23.26
C ILE A 90 -4.69 32.10 -22.63
N PRO A 91 -4.86 32.37 -21.33
CA PRO A 91 -4.03 33.37 -20.65
C PRO A 91 -2.57 32.93 -20.53
N MET A 92 -1.68 33.93 -20.46
CA MET A 92 -0.26 33.69 -20.38
C MET A 92 0.40 34.55 -19.32
N GLY A 93 1.10 33.92 -18.39
CA GLY A 93 2.00 34.61 -17.48
C GLY A 93 3.36 34.74 -18.13
N VAL A 94 4.01 35.89 -17.94
CA VAL A 94 5.43 36.01 -18.29
C VAL A 94 6.29 35.65 -17.08
N GLY A 95 7.57 35.35 -17.30
CA GLY A 95 8.51 35.15 -16.21
C GLY A 95 8.95 36.49 -15.63
N SER A 96 9.85 36.44 -14.64
CA SER A 96 10.23 37.62 -13.86
C SER A 96 10.58 38.85 -14.70
N GLN A 97 9.98 40.00 -14.38
CA GLN A 97 10.25 41.22 -15.11
C GLN A 97 11.29 42.12 -14.43
N ARG A 98 11.99 41.58 -13.43
CA ARG A 98 13.04 42.35 -12.73
C ARG A 98 14.08 42.90 -13.72
N VAL A 99 14.61 42.03 -14.56
CA VAL A 99 15.62 42.43 -15.55
C VAL A 99 15.14 43.60 -16.43
N ALA A 100 13.87 43.56 -16.82
CA ALA A 100 13.28 44.57 -17.67
C ALA A 100 13.00 45.87 -16.93
N ILE A 101 12.69 45.78 -15.63
CA ILE A 101 12.56 46.96 -14.75
C ILE A 101 13.93 47.67 -14.67
N GLU A 102 14.99 46.89 -14.60
CA GLU A 102 16.33 47.43 -14.43
C GLU A 102 16.97 47.89 -15.76
N LYS A 103 16.81 47.11 -16.82
CA LYS A 103 17.47 47.36 -18.10
C LYS A 103 16.47 47.66 -19.23
N ALA A 104 16.59 48.87 -19.79
CA ALA A 104 15.71 49.34 -20.85
C ALA A 104 15.65 48.41 -22.06
N GLU A 105 16.78 47.78 -22.41
CA GLU A 105 16.86 46.85 -23.54
C GLU A 105 15.91 45.68 -23.37
N ALA A 106 15.91 45.09 -22.17
CA ALA A 106 15.13 43.88 -21.86
C ALA A 106 13.61 44.08 -21.91
N ARG A 107 13.16 45.34 -21.86
CA ARG A 107 11.73 45.66 -21.98
C ARG A 107 11.04 45.11 -23.23
N GLU A 108 11.77 45.02 -24.34
CA GLU A 108 11.21 44.56 -25.60
C GLU A 108 10.77 43.08 -25.51
N SER A 109 11.64 42.23 -24.96
CA SER A 109 11.37 40.77 -24.87
C SER A 109 10.13 40.41 -24.01
N PHE A 110 9.53 41.43 -23.41
CA PHE A 110 8.25 41.31 -22.70
C PHE A 110 7.14 42.01 -23.48
N ALA A 111 7.43 43.21 -23.97
CA ALA A 111 6.48 44.04 -24.72
C ALA A 111 5.84 43.29 -25.89
N ILE A 112 6.66 42.82 -26.84
CA ILE A 112 6.17 42.02 -27.99
C ILE A 112 4.98 41.11 -27.64
N VAL A 113 4.96 40.59 -26.40
CA VAL A 113 3.85 39.78 -25.91
C VAL A 113 2.50 40.43 -26.27
N ARG A 114 2.33 41.70 -25.90
CA ARG A 114 1.09 42.42 -26.16
C ARG A 114 0.94 42.89 -27.62
N LYS A 115 2.04 42.88 -28.39
CA LYS A 115 1.99 43.15 -29.83
C LYS A 115 1.33 42.00 -30.57
N VAL A 116 1.50 40.81 -30.02
CA VAL A 116 1.28 39.57 -30.72
C VAL A 116 0.07 38.88 -30.06
N ALA A 117 -0.26 39.33 -28.87
CA ALA A 117 -1.38 38.79 -28.11
C ALA A 117 -2.22 39.92 -27.51
N PRO A 118 -2.93 40.69 -28.37
CA PRO A 118 -3.73 41.84 -27.94
C PRO A 118 -4.92 41.57 -27.03
N THR A 119 -5.46 40.36 -27.06
CA THR A 119 -6.75 40.15 -26.40
C THR A 119 -6.72 39.26 -25.15
N ILE A 120 -5.86 38.24 -25.11
CA ILE A 120 -5.83 37.30 -23.98
C ILE A 120 -5.36 37.98 -22.69
N PRO A 121 -5.75 37.43 -21.51
CA PRO A 121 -5.19 37.96 -20.29
C PRO A 121 -3.71 37.67 -20.26
N ILE A 122 -2.94 38.67 -19.83
CA ILE A 122 -1.50 38.54 -19.71
C ILE A 122 -1.17 38.87 -18.28
N ILE A 123 -0.36 38.02 -17.67
CA ILE A 123 -0.09 38.16 -16.23
C ILE A 123 1.38 38.53 -16.04
N ALA A 124 1.61 39.64 -15.34
CA ALA A 124 2.94 40.15 -15.07
C ALA A 124 3.58 39.32 -13.96
N ASN A 125 4.87 39.52 -13.71
CA ASN A 125 5.62 38.67 -12.78
C ASN A 125 6.77 39.38 -12.08
N LEU A 126 6.76 39.31 -10.74
CA LEU A 126 7.93 39.71 -9.91
C LEU A 126 8.03 38.76 -8.72
N GLY A 127 9.25 38.51 -8.24
CA GLY A 127 9.48 37.61 -7.10
C GLY A 127 9.15 38.23 -5.76
N MET A 128 8.57 37.44 -4.85
CA MET A 128 8.28 37.94 -3.51
C MET A 128 9.50 38.54 -2.78
N PRO A 129 10.69 37.88 -2.85
CA PRO A 129 11.87 38.45 -2.20
C PRO A 129 12.24 39.88 -2.66
N GLN A 130 11.84 40.28 -3.86
CA GLN A 130 12.10 41.65 -4.33
C GLN A 130 11.43 42.69 -3.41
N LEU A 131 10.33 42.32 -2.77
CA LEU A 131 9.60 43.28 -1.90
C LEU A 131 10.35 43.64 -0.63
N VAL A 132 11.37 42.87 -0.27
CA VAL A 132 12.15 43.19 0.91
C VAL A 132 13.48 43.87 0.52
N LYS A 133 13.63 44.06 -0.78
CA LYS A 133 14.85 44.52 -1.43
C LYS A 133 14.60 45.80 -2.28
N GLY A 134 13.57 46.56 -1.92
CA GLY A 134 13.33 47.84 -2.58
C GLY A 134 12.25 47.91 -3.65
N TYR A 135 11.70 46.77 -4.04
CA TYR A 135 10.62 46.75 -5.00
C TYR A 135 9.29 46.98 -4.30
N GLY A 136 8.41 47.71 -4.97
CA GLY A 136 7.14 48.08 -4.34
C GLY A 136 6.15 48.52 -5.41
N LEU A 137 5.32 49.49 -5.06
CA LEU A 137 4.21 49.90 -5.91
C LEU A 137 4.63 50.26 -7.32
N LYS A 138 5.64 51.13 -7.44
CA LYS A 138 6.12 51.59 -8.74
C LYS A 138 6.54 50.47 -9.68
N GLU A 139 7.31 49.52 -9.12
CA GLU A 139 7.83 48.41 -9.89
C GLU A 139 6.70 47.50 -10.41
N PHE A 140 5.75 47.21 -9.53
CA PHE A 140 4.53 46.49 -9.88
C PHE A 140 3.79 47.22 -11.01
N GLN A 141 3.61 48.53 -10.87
CA GLN A 141 2.94 49.33 -11.90
C GLN A 141 3.69 49.31 -13.23
N ASP A 142 5.01 49.38 -13.17
CA ASP A 142 5.85 49.30 -14.36
C ASP A 142 5.76 47.92 -15.05
N ALA A 143 5.81 46.85 -14.26
CA ALA A 143 5.72 45.49 -14.82
C ALA A 143 4.36 45.28 -15.51
N ILE A 144 3.32 45.80 -14.89
CA ILE A 144 1.96 45.76 -15.42
C ILE A 144 1.85 46.60 -16.70
N GLN A 145 2.29 47.86 -16.63
CA GLN A 145 2.21 48.76 -17.79
C GLN A 145 2.96 48.19 -19.00
N MET A 146 4.13 47.64 -18.75
CA MET A 146 5.02 47.11 -19.79
C MET A 146 4.33 46.16 -20.76
N ILE A 147 3.34 45.42 -20.28
CA ILE A 147 2.66 44.39 -21.11
C ILE A 147 1.14 44.54 -21.08
N GLU A 148 0.68 45.70 -20.60
CA GLU A 148 -0.73 45.99 -20.34
C GLU A 148 -1.41 44.77 -19.68
N ALA A 149 -0.82 44.33 -18.57
CA ALA A 149 -1.23 43.13 -17.87
C ALA A 149 -2.60 43.26 -17.21
N ASP A 150 -3.29 42.11 -17.13
CA ASP A 150 -4.61 42.01 -16.50
C ASP A 150 -4.53 41.54 -15.04
N ALA A 151 -3.31 41.20 -14.61
CA ALA A 151 -3.03 40.70 -13.28
C ALA A 151 -1.52 40.66 -13.12
N ILE A 152 -1.06 40.54 -11.89
CA ILE A 152 0.35 40.29 -11.63
C ILE A 152 0.51 39.10 -10.69
N ALA A 153 1.42 38.21 -11.07
CA ALA A 153 1.78 37.07 -10.24
C ALA A 153 3.03 37.41 -9.40
N VAL A 154 2.95 37.16 -8.10
CA VAL A 154 4.10 37.32 -7.23
C VAL A 154 4.55 35.92 -6.82
N HIS A 155 5.77 35.55 -7.17
CA HIS A 155 6.19 34.18 -6.97
C HIS A 155 7.02 33.90 -5.71
N LEU A 156 6.83 32.68 -5.21
CA LEU A 156 7.51 32.19 -4.04
C LEU A 156 8.46 31.10 -4.49
N ASN A 157 9.73 31.26 -4.21
CA ASN A 157 10.67 30.20 -4.60
C ASN A 157 11.74 29.92 -3.56
N PRO A 158 11.35 29.81 -2.27
CA PRO A 158 12.37 29.67 -1.24
C PRO A 158 13.22 28.40 -1.38
N ALA A 159 12.59 27.29 -1.78
CA ALA A 159 13.34 26.03 -1.96
C ALA A 159 14.46 26.17 -3.01
N GLN A 160 14.12 26.73 -4.17
CA GLN A 160 15.11 27.03 -5.17
C GLN A 160 16.24 27.90 -4.62
N GLU A 161 15.89 28.96 -3.90
CA GLU A 161 16.90 29.89 -3.34
C GLU A 161 17.78 29.23 -2.29
N VAL A 162 17.21 28.32 -1.51
CA VAL A 162 17.94 27.60 -0.48
C VAL A 162 19.09 26.79 -1.10
N PHE A 163 18.81 26.16 -2.23
CA PHE A 163 19.76 25.20 -2.82
C PHE A 163 20.68 25.76 -3.87
N GLN A 164 20.46 27.00 -4.27
CA GLN A 164 21.34 27.60 -5.28
C GLN A 164 22.66 28.08 -4.65
N PRO A 165 23.75 28.03 -5.43
CA PRO A 165 25.04 28.51 -4.91
C PRO A 165 24.90 29.89 -4.27
N GLU A 166 24.26 30.80 -4.97
CA GLU A 166 24.31 32.22 -4.66
C GLU A 166 23.11 32.79 -3.90
N GLY A 167 23.39 33.67 -2.95
CA GLY A 167 22.35 34.34 -2.19
C GLY A 167 21.50 33.40 -1.35
N GLU A 168 20.53 33.99 -0.66
CA GLU A 168 19.69 33.21 0.25
C GLU A 168 18.28 33.78 0.34
N PRO A 169 17.32 32.91 0.69
CA PRO A 169 15.92 33.33 0.75
C PRO A 169 15.62 34.33 1.85
N GLU A 170 14.85 35.36 1.49
CA GLU A 170 14.42 36.39 2.43
C GLU A 170 12.93 36.57 2.26
N TYR A 171 12.18 36.16 3.28
CA TYR A 171 10.73 36.18 3.23
C TYR A 171 10.18 36.74 4.53
N GLN A 172 10.78 37.83 5.00
CA GLN A 172 10.31 38.53 6.19
C GLN A 172 8.86 38.99 5.98
N ILE A 173 8.07 39.05 7.05
CA ILE A 173 6.67 39.41 6.91
C ILE A 173 6.43 40.79 6.30
N TYR A 174 7.38 41.69 6.49
CA TYR A 174 7.39 42.98 5.79
C TYR A 174 6.97 42.87 4.33
N ALA A 175 7.44 41.82 3.64
CA ALA A 175 7.06 41.62 2.24
C ALA A 175 5.54 41.64 2.08
N LEU A 176 4.84 40.95 2.98
CA LEU A 176 3.38 40.82 2.89
C LEU A 176 2.69 42.12 3.27
N GLU A 177 3.27 42.85 4.21
CA GLU A 177 2.73 44.15 4.63
C GLU A 177 2.83 45.08 3.44
N LYS A 178 3.97 45.10 2.76
CA LYS A 178 4.12 45.91 1.56
C LYS A 178 3.17 45.46 0.45
N LEU A 179 3.12 44.16 0.18
CA LEU A 179 2.18 43.63 -0.81
C LEU A 179 0.71 44.02 -0.53
N ARG A 180 0.32 43.95 0.73
CA ARG A 180 -1.02 44.37 1.15
C ARG A 180 -1.25 45.86 0.84
N ASP A 181 -0.27 46.71 1.14
CA ASP A 181 -0.35 48.12 0.78
C ASP A 181 -0.51 48.27 -0.72
N ILE A 182 0.37 47.60 -1.48
CA ILE A 182 0.31 47.64 -2.94
C ILE A 182 -1.08 47.31 -3.49
N SER A 183 -1.70 46.27 -2.95
CA SER A 183 -2.96 45.74 -3.46
C SER A 183 -4.04 46.81 -3.43
N LYS A 184 -3.87 47.77 -2.55
CA LYS A 184 -4.84 48.84 -2.39
C LYS A 184 -4.80 49.91 -3.47
N GLU A 185 -3.70 49.97 -4.23
CA GLU A 185 -3.56 50.98 -5.26
C GLU A 185 -3.35 50.40 -6.66
N LEU A 186 -3.27 49.08 -6.73
CA LEU A 186 -3.07 48.44 -8.02
C LEU A 186 -4.35 48.42 -8.81
N SER A 187 -4.23 48.57 -10.13
CA SER A 187 -5.37 48.54 -11.03
C SER A 187 -5.76 47.13 -11.47
N VAL A 188 -4.99 46.13 -11.06
CA VAL A 188 -5.28 44.73 -11.43
C VAL A 188 -5.09 43.80 -10.24
N PRO A 189 -5.68 42.60 -10.29
CA PRO A 189 -5.42 41.67 -9.19
C PRO A 189 -3.99 41.07 -9.09
N ILE A 190 -3.67 40.68 -7.87
CA ILE A 190 -2.43 39.97 -7.51
C ILE A 190 -2.71 38.47 -7.34
N ILE A 191 -1.91 37.65 -8.01
CA ILE A 191 -1.88 36.22 -7.74
C ILE A 191 -0.58 35.88 -7.02
N VAL A 192 -0.67 35.10 -5.95
CA VAL A 192 0.56 34.57 -5.36
C VAL A 192 0.72 33.11 -5.78
N LYS A 193 1.86 32.82 -6.40
CA LYS A 193 2.14 31.49 -6.94
C LYS A 193 3.41 30.88 -6.34
N GLU A 194 3.46 29.55 -6.24
CA GLU A 194 4.71 28.90 -5.90
C GLU A 194 5.52 28.66 -7.18
N SER A 195 6.59 27.88 -7.08
CA SER A 195 7.48 27.63 -8.21
C SER A 195 7.87 26.16 -8.22
N GLY A 196 6.96 25.29 -7.78
CA GLY A 196 7.22 23.85 -7.81
C GLY A 196 7.24 23.11 -6.49
N ASN A 197 7.00 23.80 -5.37
CA ASN A 197 6.96 23.12 -4.05
C ASN A 197 5.61 23.27 -3.29
N GLY A 198 4.67 23.98 -3.90
CA GLY A 198 3.29 23.92 -3.47
C GLY A 198 2.90 24.88 -2.38
N ILE A 199 1.60 25.19 -2.31
CA ILE A 199 1.08 26.08 -1.30
C ILE A 199 0.27 25.26 -0.29
N SER A 200 0.64 25.38 0.98
CA SER A 200 -0.01 24.66 2.07
C SER A 200 -1.16 25.49 2.61
N MET A 201 -1.98 24.93 3.50
CA MET A 201 -3.03 25.74 4.11
C MET A 201 -2.49 26.84 5.04
N GLU A 202 -1.36 26.61 5.70
CA GLU A 202 -0.83 27.67 6.56
C GLU A 202 -0.38 28.87 5.75
N THR A 203 0.28 28.58 4.63
CA THR A 203 0.71 29.67 3.74
C THR A 203 -0.44 30.38 3.06
N ALA A 204 -1.46 29.64 2.62
CA ALA A 204 -2.61 30.29 1.99
C ALA A 204 -3.38 31.14 3.02
N LYS A 205 -3.52 30.64 4.25
CA LYS A 205 -4.27 31.37 5.28
C LYS A 205 -3.51 32.66 5.62
N LEU A 206 -2.18 32.58 5.67
CA LEU A 206 -1.33 33.71 5.99
C LEU A 206 -1.47 34.76 4.90
N LEU A 207 -1.24 34.36 3.66
CA LEU A 207 -1.43 35.25 2.52
C LEU A 207 -2.83 35.87 2.49
N TYR A 208 -3.84 35.05 2.74
CA TYR A 208 -5.23 35.50 2.75
C TYR A 208 -5.40 36.58 3.81
N SER A 209 -4.76 36.40 4.97
CA SER A 209 -4.86 37.38 6.06
C SER A 209 -4.28 38.73 5.69
N TYR A 210 -3.45 38.79 4.64
CA TYR A 210 -2.94 40.06 4.10
C TYR A 210 -3.68 40.49 2.84
N GLY A 211 -4.87 39.91 2.61
CA GLY A 211 -5.72 40.31 1.47
C GLY A 211 -5.50 39.60 0.13
N ILE A 212 -4.70 38.54 0.12
CA ILE A 212 -4.48 37.81 -1.15
C ILE A 212 -5.58 36.74 -1.29
N LYS A 213 -6.26 36.73 -2.43
CA LYS A 213 -7.42 35.89 -2.64
C LYS A 213 -7.20 34.96 -3.84
N ASN A 214 -6.09 35.17 -4.54
CA ASN A 214 -5.81 34.42 -5.78
C ASN A 214 -4.48 33.70 -5.70
N PHE A 215 -4.51 32.39 -5.94
CA PHE A 215 -3.37 31.52 -5.69
C PHE A 215 -3.11 30.64 -6.89
N ASP A 216 -1.85 30.28 -7.08
CA ASP A 216 -1.45 29.33 -8.10
C ASP A 216 -0.60 28.32 -7.35
N THR A 217 -1.10 27.09 -7.24
CA THR A 217 -0.52 26.08 -6.34
C THR A 217 0.95 25.75 -6.65
N SER A 218 1.24 25.54 -7.92
CA SER A 218 2.61 25.18 -8.36
C SER A 218 3.28 24.19 -7.39
N GLY A 219 2.63 23.03 -7.23
CA GLY A 219 3.03 21.98 -6.31
C GLY A 219 4.14 21.09 -6.83
N GLN A 220 4.63 20.19 -5.98
CA GLN A 220 5.67 19.27 -6.47
C GLN A 220 5.07 18.27 -7.43
N GLY A 221 5.93 17.70 -8.28
CA GLY A 221 5.51 16.66 -9.21
C GLY A 221 5.76 17.01 -10.65
N GLY A 222 5.96 18.30 -10.90
CA GLY A 222 6.28 18.79 -12.25
C GLY A 222 7.71 19.26 -12.20
N THR A 223 7.96 20.46 -12.73
CA THR A 223 9.31 21.01 -12.71
C THR A 223 9.87 21.00 -11.29
N ASN A 224 11.04 20.38 -11.15
CA ASN A 224 11.67 20.24 -9.85
C ASN A 224 12.88 21.19 -9.77
N TRP A 225 12.67 22.37 -9.22
CA TRP A 225 13.75 23.36 -9.08
C TRP A 225 14.87 22.96 -8.15
N ILE A 226 14.55 22.14 -7.15
CA ILE A 226 15.60 21.59 -6.29
C ILE A 226 16.52 20.70 -7.12
N ALA A 227 15.92 19.89 -8.00
CA ALA A 227 16.67 19.04 -8.95
C ALA A 227 17.48 19.87 -9.94
N ILE A 228 16.91 20.99 -10.39
CA ILE A 228 17.66 21.90 -11.28
C ILE A 228 18.87 22.48 -10.54
N GLU A 229 18.72 22.90 -9.29
CA GLU A 229 19.87 23.39 -8.53
C GLU A 229 20.86 22.29 -8.17
N MET A 230 20.35 21.09 -7.93
CA MET A 230 21.22 19.93 -7.75
C MET A 230 22.17 19.80 -8.94
N ILE A 231 21.60 19.89 -10.13
CA ILE A 231 22.36 19.78 -11.38
C ILE A 231 23.35 20.90 -11.54
N ARG A 232 22.93 22.14 -11.25
CA ARG A 232 23.85 23.26 -11.26
C ARG A 232 25.00 23.00 -10.29
N ASP A 233 24.67 22.56 -9.08
CA ASP A 233 25.68 22.18 -8.09
C ASP A 233 26.66 21.10 -8.57
N ILE A 234 26.15 20.02 -9.18
CA ILE A 234 27.00 18.94 -9.67
C ILE A 234 27.96 19.52 -10.70
N ARG A 235 27.43 20.42 -11.52
CA ARG A 235 28.17 21.05 -12.61
C ARG A 235 29.33 21.94 -12.17
N ARG A 236 29.21 22.55 -11.00
CA ARG A 236 30.38 23.23 -10.38
C ARG A 236 31.09 22.49 -9.25
N GLY A 237 30.90 21.17 -9.18
CA GLY A 237 31.50 20.35 -8.14
C GLY A 237 31.20 20.82 -6.72
N ASN A 238 30.03 21.41 -6.53
CA ASN A 238 29.57 21.95 -5.24
C ASN A 238 28.96 20.79 -4.46
N TRP A 239 29.36 20.66 -3.19
CA TRP A 239 28.86 19.59 -2.30
C TRP A 239 27.35 19.71 -1.99
N LYS A 240 26.77 20.93 -2.08
CA LYS A 240 25.32 21.14 -1.86
C LYS A 240 24.45 20.23 -2.71
N ALA A 241 25.01 19.68 -3.79
CA ALA A 241 24.26 18.77 -4.67
C ALA A 241 23.76 17.55 -3.91
N GLU A 242 24.60 17.04 -3.01
CA GLU A 242 24.25 15.88 -2.17
C GLU A 242 23.10 16.27 -1.25
N SER A 243 23.13 17.49 -0.73
CA SER A 243 22.05 17.97 0.13
C SER A 243 20.73 18.14 -0.63
N ALA A 244 20.79 18.69 -1.84
CA ALA A 244 19.62 18.88 -2.72
C ALA A 244 18.96 17.55 -3.04
N LYS A 245 19.78 16.52 -3.22
CA LYS A 245 19.28 15.17 -3.49
C LYS A 245 18.35 14.71 -2.36
N ASN A 246 18.72 15.02 -1.13
CA ASN A 246 17.86 14.69 0.02
C ASN A 246 16.50 15.38 -0.02
N PHE A 247 16.39 16.47 -0.78
CA PHE A 247 15.16 17.25 -0.82
C PHE A 247 14.40 17.17 -2.16
N LEU A 248 14.76 16.21 -3.02
CA LEU A 248 14.07 16.10 -4.31
C LEU A 248 12.54 15.96 -4.18
N ASP A 249 12.09 15.21 -3.18
CA ASP A 249 10.65 15.03 -2.94
C ASP A 249 10.05 16.03 -1.91
N TRP A 250 10.71 17.17 -1.72
CA TRP A 250 10.28 18.16 -0.76
C TRP A 250 9.12 18.95 -1.36
N GLY A 251 8.07 19.24 -0.57
CA GLY A 251 7.00 20.10 -1.06
C GLY A 251 5.60 19.54 -0.91
N VAL A 252 4.60 20.40 -1.17
CA VAL A 252 3.23 19.92 -1.20
C VAL A 252 2.89 19.47 -2.62
N PRO A 253 2.53 18.18 -2.82
CA PRO A 253 2.13 17.69 -4.14
C PRO A 253 0.97 18.49 -4.68
N THR A 254 0.95 18.69 -5.98
CA THR A 254 -0.05 19.54 -6.60
C THR A 254 -1.50 19.23 -6.15
N ALA A 255 -1.90 17.95 -6.21
CA ALA A 255 -3.27 17.59 -5.86
C ALA A 255 -3.57 17.92 -4.40
N ALA A 256 -2.61 17.66 -3.51
CA ALA A 256 -2.75 18.00 -2.10
C ALA A 256 -2.83 19.52 -1.93
N SER A 257 -2.05 20.25 -2.72
CA SER A 257 -2.05 21.72 -2.62
C SER A 257 -3.40 22.32 -3.05
N ILE A 258 -3.95 21.78 -4.12
CA ILE A 258 -5.26 22.22 -4.60
C ILE A 258 -6.29 22.06 -3.47
N MET A 259 -6.31 20.88 -2.85
CA MET A 259 -7.25 20.63 -1.74
C MET A 259 -7.04 21.57 -0.57
N GLU A 260 -5.79 21.71 -0.12
CA GLU A 260 -5.50 22.60 1.00
C GLU A 260 -5.93 24.05 0.74
N VAL A 261 -5.62 24.57 -0.45
CA VAL A 261 -5.98 25.95 -0.73
C VAL A 261 -7.51 26.12 -0.84
N ARG A 262 -8.16 25.21 -1.57
CA ARG A 262 -9.64 25.30 -1.75
C ARG A 262 -10.35 25.14 -0.41
N TYR A 263 -9.82 24.26 0.44
CA TYR A 263 -10.40 24.03 1.74
C TYR A 263 -10.24 25.21 2.69
N SER A 264 -9.02 25.74 2.76
CA SER A 264 -8.72 26.78 3.74
C SER A 264 -9.15 28.15 3.28
N VAL A 265 -9.29 28.36 1.98
CA VAL A 265 -9.84 29.60 1.48
C VAL A 265 -10.80 29.33 0.34
N PRO A 266 -12.04 28.98 0.70
CA PRO A 266 -13.04 28.49 -0.23
C PRO A 266 -13.47 29.54 -1.26
N ASP A 267 -13.29 30.82 -0.96
CA ASP A 267 -13.63 31.85 -1.92
C ASP A 267 -12.50 32.19 -2.94
N SER A 268 -11.36 31.50 -2.84
CA SER A 268 -10.19 31.82 -3.70
C SER A 268 -10.44 31.58 -5.18
N PHE A 269 -9.68 32.29 -6.01
CA PHE A 269 -9.54 31.92 -7.39
C PHE A 269 -8.23 31.13 -7.44
N LEU A 270 -8.32 29.93 -8.00
CA LEU A 270 -7.29 28.94 -7.78
C LEU A 270 -6.79 28.34 -9.06
N VAL A 271 -5.49 28.52 -9.34
CA VAL A 271 -4.84 27.85 -10.47
C VAL A 271 -4.20 26.60 -9.92
N GLY A 272 -4.49 25.46 -10.54
CA GLY A 272 -3.90 24.22 -10.12
C GLY A 272 -2.79 23.93 -11.10
N SER A 273 -1.55 24.03 -10.65
CA SER A 273 -0.40 23.78 -11.53
C SER A 273 0.72 23.09 -10.76
N GLY A 274 1.73 22.67 -11.50
CA GLY A 274 2.85 21.92 -10.97
C GLY A 274 2.66 20.50 -11.46
N GLY A 275 3.29 20.15 -12.57
CA GLY A 275 3.15 18.81 -13.13
C GLY A 275 1.90 18.50 -13.92
N ILE A 276 1.20 19.53 -14.40
CA ILE A 276 0.06 19.30 -15.29
C ILE A 276 0.63 19.01 -16.68
N ARG A 277 0.47 17.77 -17.15
CA ARG A 277 1.13 17.32 -18.38
C ARG A 277 0.17 16.81 -19.46
N SER A 278 -1.12 16.72 -19.14
CA SER A 278 -2.13 16.26 -20.09
C SER A 278 -3.43 16.99 -19.78
N GLY A 279 -4.38 16.95 -20.70
CA GLY A 279 -5.71 17.53 -20.45
C GLY A 279 -6.47 16.79 -19.37
N LEU A 280 -6.09 15.53 -19.15
CA LEU A 280 -6.62 14.71 -18.06
C LEU A 280 -6.13 15.22 -16.70
N ASP A 281 -4.83 15.52 -16.62
CA ASP A 281 -4.28 16.19 -15.45
C ASP A 281 -5.01 17.50 -15.20
N ALA A 282 -5.22 18.26 -16.25
CA ALA A 282 -5.92 19.53 -16.14
C ALA A 282 -7.34 19.34 -15.63
N ALA A 283 -8.04 18.32 -16.15
CA ALA A 283 -9.40 17.99 -15.73
C ALA A 283 -9.46 17.55 -14.26
N LYS A 284 -8.49 16.71 -13.86
CA LYS A 284 -8.34 16.32 -12.44
C LYS A 284 -8.14 17.52 -11.52
N ALA A 285 -7.26 18.44 -11.91
CA ALA A 285 -6.97 19.63 -11.08
C ALA A 285 -8.21 20.48 -10.85
N ILE A 286 -8.98 20.66 -11.90
CA ILE A 286 -10.24 21.44 -11.85
C ILE A 286 -11.34 20.73 -11.03
N ALA A 287 -11.58 19.45 -11.34
CA ALA A 287 -12.53 18.65 -10.56
C ALA A 287 -12.19 18.66 -9.06
N LEU A 288 -10.91 18.51 -8.72
CA LEU A 288 -10.43 18.63 -7.33
C LEU A 288 -10.76 19.92 -6.59
N GLY A 289 -10.73 21.04 -7.31
CA GLY A 289 -11.00 22.32 -6.70
C GLY A 289 -10.45 23.56 -7.39
N ALA A 290 -9.52 23.36 -8.32
CA ALA A 290 -9.00 24.50 -9.07
C ALA A 290 -10.06 25.12 -9.99
N ASP A 291 -9.89 26.41 -10.27
CA ASP A 291 -10.71 27.10 -11.27
C ASP A 291 -10.11 26.94 -12.63
N ILE A 292 -8.78 26.91 -12.68
CA ILE A 292 -8.11 26.61 -13.94
C ILE A 292 -6.85 25.82 -13.68
N ALA A 293 -6.32 25.18 -14.72
CA ALA A 293 -5.05 24.46 -14.61
C ALA A 293 -3.92 25.29 -15.21
N GLY A 294 -2.72 25.22 -14.64
CA GLY A 294 -1.58 25.95 -15.17
C GLY A 294 -0.53 24.97 -15.69
N MET A 295 0.21 25.39 -16.72
CA MET A 295 1.32 24.59 -17.28
C MET A 295 2.50 25.50 -17.62
N ALA A 296 3.72 25.02 -17.43
CA ALA A 296 4.89 25.80 -17.84
C ALA A 296 5.86 24.94 -18.65
N LEU A 297 6.59 24.05 -18.00
CA LEU A 297 7.65 23.27 -18.67
C LEU A 297 7.27 22.62 -20.02
N PRO A 298 6.11 21.90 -20.11
CA PRO A 298 5.78 21.30 -21.42
C PRO A 298 5.50 22.32 -22.50
N VAL A 299 5.03 23.52 -22.13
CA VAL A 299 4.87 24.63 -23.08
C VAL A 299 6.22 25.13 -23.61
N LEU A 300 7.20 25.30 -22.71
CA LEU A 300 8.56 25.63 -23.05
C LEU A 300 9.17 24.63 -24.03
N LYS A 301 9.12 23.34 -23.69
CA LYS A 301 9.71 22.28 -24.55
C LYS A 301 9.09 22.27 -25.95
N SER A 302 7.77 22.44 -26.03
CA SER A 302 7.11 22.52 -27.33
C SER A 302 7.46 23.80 -28.09
N ALA A 303 7.47 24.93 -27.37
CA ALA A 303 7.78 26.21 -28.05
C ALA A 303 9.19 26.16 -28.62
N ILE A 304 10.11 25.53 -27.89
CA ILE A 304 11.48 25.36 -28.36
C ILE A 304 11.52 24.60 -29.69
N GLU A 305 10.65 23.61 -29.85
CA GLU A 305 10.54 22.90 -31.13
C GLU A 305 9.95 23.77 -32.24
N GLY A 306 9.11 24.73 -31.87
CA GLY A 306 8.55 25.71 -32.80
C GLY A 306 7.05 25.90 -32.62
N LYS A 307 6.53 26.91 -33.31
CA LYS A 307 5.13 27.35 -33.25
C LYS A 307 4.09 26.25 -33.53
N GLU A 308 4.33 25.45 -34.57
CA GLU A 308 3.39 24.37 -34.92
C GLU A 308 3.41 23.23 -33.89
N SER A 309 4.57 23.00 -33.28
CA SER A 309 4.69 22.03 -32.21
C SER A 309 3.85 22.45 -31.00
N LEU A 310 3.91 23.74 -30.65
CA LEU A 310 3.10 24.25 -29.55
C LEU A 310 1.62 24.28 -29.91
N GLU A 311 1.28 24.63 -31.16
CA GLU A 311 -0.11 24.53 -31.63
C GLU A 311 -0.66 23.10 -31.48
N GLN A 312 0.10 22.10 -31.94
CA GLN A 312 -0.27 20.69 -31.75
C GLN A 312 -0.36 20.30 -30.25
N PHE A 313 0.54 20.85 -29.43
CA PHE A 313 0.51 20.61 -27.99
C PHE A 313 -0.83 21.04 -27.41
N PHE A 314 -1.25 22.27 -27.70
CA PHE A 314 -2.53 22.78 -27.18
C PHE A 314 -3.75 22.07 -27.75
N ARG A 315 -3.70 21.65 -29.00
CA ARG A 315 -4.79 20.87 -29.55
C ARG A 315 -4.97 19.58 -28.77
N LYS A 316 -3.86 18.95 -28.40
CA LYS A 316 -3.85 17.71 -27.67
C LYS A 316 -4.36 17.92 -26.24
N ILE A 317 -3.87 18.94 -25.57
CA ILE A 317 -4.27 19.25 -24.20
C ILE A 317 -5.78 19.50 -24.17
N ILE A 318 -6.26 20.26 -25.14
CA ILE A 318 -7.69 20.61 -25.21
C ILE A 318 -8.57 19.38 -25.54
N PHE A 319 -8.10 18.53 -26.46
CA PHE A 319 -8.80 17.28 -26.77
C PHE A 319 -8.92 16.41 -25.51
N GLU A 320 -7.81 16.28 -24.79
CA GLU A 320 -7.75 15.48 -23.59
C GLU A 320 -8.69 16.04 -22.52
N LEU A 321 -8.75 17.36 -22.41
CA LEU A 321 -9.68 17.96 -21.45
C LEU A 321 -11.11 17.65 -21.79
N LYS A 322 -11.48 17.81 -23.05
CA LYS A 322 -12.86 17.57 -23.50
C LYS A 322 -13.23 16.09 -23.41
N ALA A 323 -12.27 15.21 -23.71
CA ALA A 323 -12.42 13.78 -23.48
C ALA A 323 -12.83 13.51 -22.02
N ALA A 324 -12.15 14.12 -21.05
CA ALA A 324 -12.50 13.89 -19.63
C ALA A 324 -13.84 14.51 -19.28
N MET A 325 -14.11 15.68 -19.82
CA MET A 325 -15.42 16.31 -19.69
C MET A 325 -16.56 15.43 -20.24
N MET A 326 -16.39 14.96 -21.48
CA MET A 326 -17.36 14.08 -22.12
C MET A 326 -17.63 12.83 -21.28
N LEU A 327 -16.56 12.19 -20.80
CA LEU A 327 -16.64 10.90 -20.13
C LEU A 327 -17.06 11.01 -18.68
N THR A 328 -17.17 12.24 -18.19
CA THR A 328 -17.75 12.50 -16.86
C THR A 328 -19.13 13.14 -16.97
N GLY A 329 -19.64 13.26 -18.19
CA GLY A 329 -20.92 13.92 -18.44
C GLY A 329 -20.90 15.39 -17.98
N SER A 330 -19.78 16.07 -18.23
CA SER A 330 -19.61 17.44 -17.79
C SER A 330 -19.72 18.34 -19.00
N LYS A 331 -20.88 18.99 -19.17
CA LYS A 331 -21.12 19.84 -20.37
C LYS A 331 -20.28 21.12 -20.41
N ASP A 332 -19.85 21.59 -19.25
CA ASP A 332 -19.10 22.82 -19.15
C ASP A 332 -18.16 22.80 -17.92
N VAL A 333 -17.34 23.85 -17.76
CA VAL A 333 -16.35 23.87 -16.67
C VAL A 333 -17.05 23.78 -15.29
N ASP A 334 -18.14 24.53 -15.10
CA ASP A 334 -18.89 24.48 -13.83
C ASP A 334 -19.33 23.05 -13.50
N ALA A 335 -19.84 22.32 -14.51
CA ALA A 335 -20.18 20.90 -14.37
C ALA A 335 -18.95 20.04 -14.02
N LEU A 336 -17.83 20.32 -14.66
CA LEU A 336 -16.56 19.59 -14.34
C LEU A 336 -16.18 19.75 -12.88
N LYS A 337 -16.23 21.00 -12.40
CA LYS A 337 -15.90 21.33 -11.01
C LYS A 337 -16.77 20.58 -9.97
N LYS A 338 -17.90 20.06 -10.40
CA LYS A 338 -18.70 19.30 -9.45
C LYS A 338 -18.89 17.85 -9.78
N THR A 339 -18.13 17.34 -10.75
CA THR A 339 -18.31 15.94 -11.14
C THR A 339 -17.80 14.98 -10.07
N SER A 340 -18.32 13.76 -10.03
CA SER A 340 -17.92 12.79 -9.01
C SER A 340 -16.50 12.30 -9.13
N ILE A 341 -15.78 12.25 -8.00
CA ILE A 341 -14.41 11.78 -8.04
C ILE A 341 -14.23 10.67 -7.04
N VAL A 342 -13.09 9.99 -7.13
CA VAL A 342 -12.60 9.14 -6.05
C VAL A 342 -11.22 9.66 -5.62
N ILE A 343 -11.01 9.80 -4.32
CA ILE A 343 -9.68 10.02 -3.76
C ILE A 343 -9.17 8.81 -2.95
N LEU A 344 -8.00 8.33 -3.33
CA LEU A 344 -7.41 7.08 -2.84
C LEU A 344 -6.05 7.34 -2.22
N GLY A 345 -5.49 6.31 -1.60
CA GLY A 345 -4.04 6.21 -1.32
C GLY A 345 -3.44 7.33 -0.50
N LYS A 346 -2.24 7.77 -0.90
CA LYS A 346 -1.52 8.78 -0.10
C LYS A 346 -2.22 10.13 -0.01
N LEU A 347 -2.93 10.53 -1.07
CA LEU A 347 -3.62 11.82 -1.05
C LEU A 347 -4.73 11.77 0.01
N LYS A 348 -5.41 10.62 0.07
CA LYS A 348 -6.44 10.40 1.10
C LYS A 348 -5.83 10.50 2.50
N GLU A 349 -4.68 9.86 2.69
CA GLU A 349 -4.00 9.90 3.99
C GLU A 349 -3.52 11.31 4.33
N TRP A 350 -2.98 12.00 3.33
CA TRP A 350 -2.56 13.38 3.49
C TRP A 350 -3.74 14.27 4.00
N ALA A 351 -4.82 14.29 3.23
CA ALA A 351 -6.05 15.03 3.59
C ALA A 351 -6.56 14.73 5.00
N GLU A 352 -6.62 13.45 5.34
CA GLU A 352 -7.08 13.01 6.67
C GLU A 352 -6.18 13.57 7.76
N TYR A 353 -4.87 13.35 7.64
CA TYR A 353 -3.95 13.87 8.67
C TYR A 353 -4.09 15.36 8.80
N ARG A 354 -4.34 16.04 7.69
CA ARG A 354 -4.31 17.48 7.67
C ARG A 354 -5.64 18.11 8.10
N GLY A 355 -6.59 17.26 8.47
CA GLY A 355 -7.86 17.76 9.03
C GLY A 355 -8.88 18.09 7.97
N ILE A 356 -8.67 17.62 6.75
CA ILE A 356 -9.62 17.92 5.69
C ILE A 356 -10.73 16.89 5.81
N ASN A 357 -11.85 17.30 6.40
CA ASN A 357 -13.04 16.45 6.40
C ASN A 357 -13.49 16.34 4.94
N LEU A 358 -13.42 15.12 4.43
CA LEU A 358 -13.73 14.86 3.02
C LEU A 358 -15.18 15.18 2.70
N SER A 359 -16.06 14.98 3.68
CA SER A 359 -17.45 15.30 3.54
C SER A 359 -17.63 16.81 3.34
N ILE A 360 -17.05 17.63 4.18
CA ILE A 360 -17.18 19.07 3.95
C ILE A 360 -16.31 19.55 2.75
N TYR A 361 -15.23 18.82 2.43
CA TYR A 361 -14.44 19.13 1.23
C TYR A 361 -15.28 19.06 -0.05
N GLU A 362 -15.95 17.94 -0.21
CA GLU A 362 -16.90 17.72 -1.30
C GLU A 362 -17.86 18.88 -1.48
N LYS A 363 -18.52 19.28 -0.39
CA LYS A 363 -19.42 20.41 -0.45
C LYS A 363 -18.73 21.68 -0.94
N VAL A 364 -17.59 22.02 -0.34
CA VAL A 364 -16.81 23.21 -0.72
C VAL A 364 -16.33 23.20 -2.19
N ARG A 365 -15.73 22.11 -2.67
CA ARG A 365 -15.26 21.97 -4.07
C ARG A 365 -16.42 22.15 -5.07
N LYS A 366 -17.63 21.75 -4.66
CA LYS A 366 -18.84 21.81 -5.50
C LYS A 366 -19.61 23.14 -5.43
N ARG A 367 -19.11 24.11 -4.67
CA ARG A 367 -19.71 25.45 -4.66
C ARG A 367 -18.70 26.51 -5.11
N VAL B 9 39.02 -3.32 15.86
CA VAL B 9 38.07 -4.27 16.53
C VAL B 9 36.99 -4.70 15.52
N GLU B 10 36.64 -5.99 15.55
CA GLU B 10 35.72 -6.62 14.59
C GLU B 10 34.40 -5.84 14.39
N HIS B 11 33.79 -5.38 15.49
CA HIS B 11 32.52 -4.68 15.42
C HIS B 11 32.65 -3.36 14.64
N VAL B 12 33.73 -2.62 14.88
CA VAL B 12 34.02 -1.37 14.15
C VAL B 12 34.30 -1.66 12.67
N GLU B 13 35.10 -2.70 12.41
CA GLU B 13 35.42 -3.19 11.07
C GLU B 13 34.16 -3.52 10.25
N ILE B 14 33.24 -4.25 10.87
CA ILE B 14 31.96 -4.61 10.22
C ILE B 14 31.04 -3.40 10.05
N ALA B 15 30.85 -2.60 11.10
CA ALA B 15 30.01 -1.40 11.00
C ALA B 15 30.49 -0.48 9.88
N ALA B 16 31.81 -0.25 9.84
CA ALA B 16 32.40 0.73 8.94
C ALA B 16 32.38 0.27 7.48
N PHE B 17 32.63 -1.02 7.25
CA PHE B 17 32.95 -1.51 5.90
C PHE B 17 32.04 -2.59 5.36
N GLU B 18 31.15 -3.15 6.18
CA GLU B 18 30.15 -4.08 5.63
C GLU B 18 28.82 -3.37 5.44
N ASN B 19 27.90 -4.02 4.75
CA ASN B 19 26.62 -3.48 4.47
C ASN B 19 25.65 -3.81 5.62
N VAL B 20 25.72 -3.01 6.68
CA VAL B 20 24.85 -3.22 7.85
C VAL B 20 24.02 -1.99 8.21
N ASP B 21 24.15 -0.91 7.43
CA ASP B 21 23.41 0.31 7.71
C ASP B 21 21.98 0.30 7.13
N GLY B 22 20.98 0.09 7.99
CA GLY B 22 19.59 -0.01 7.52
C GLY B 22 19.26 -1.30 6.78
N LEU B 23 20.07 -2.35 7.01
CA LEU B 23 19.91 -3.62 6.29
C LEU B 23 18.61 -4.33 6.65
N SER B 24 17.70 -4.43 5.68
CA SER B 24 16.38 -5.05 5.86
C SER B 24 15.58 -4.39 6.99
N SER B 25 15.93 -3.16 7.36
CA SER B 25 15.29 -2.44 8.47
C SER B 25 14.78 -1.10 7.96
N SER B 26 14.06 -0.34 8.80
CA SER B 26 13.48 0.95 8.38
C SER B 26 13.28 1.88 9.57
N THR B 27 13.62 3.16 9.41
CA THR B 27 13.38 4.15 10.47
C THR B 27 11.90 4.55 10.54
N PHE B 28 11.15 4.25 9.47
CA PHE B 28 9.80 4.78 9.25
C PHE B 28 9.79 6.30 9.00
N LEU B 29 10.97 6.93 8.90
CA LEU B 29 11.00 8.38 8.67
C LEU B 29 10.47 8.81 7.30
N ASN B 30 10.45 7.89 6.35
CA ASN B 30 9.84 8.17 5.05
C ASN B 30 8.32 8.40 5.12
N ASP B 31 7.72 7.93 6.21
CA ASP B 31 6.30 8.17 6.49
C ASP B 31 6.05 9.51 7.20
N VAL B 32 7.11 10.27 7.49
CA VAL B 32 6.99 11.61 8.09
C VAL B 32 7.27 12.69 7.03
N ILE B 33 6.30 13.58 6.78
CA ILE B 33 6.49 14.69 5.85
C ILE B 33 6.44 16.03 6.58
N LEU B 34 7.48 16.85 6.40
CA LEU B 34 7.44 18.23 6.89
C LEU B 34 6.73 19.13 5.85
N VAL B 35 5.70 19.82 6.29
CA VAL B 35 4.87 20.59 5.34
C VAL B 35 5.63 21.85 4.87
N HIS B 36 5.79 21.95 3.56
CA HIS B 36 6.51 23.06 2.95
C HIS B 36 5.72 24.33 3.08
N GLN B 37 6.41 25.40 3.52
CA GLN B 37 5.77 26.70 3.66
C GLN B 37 6.34 27.70 2.65
N GLY B 38 5.59 27.96 1.58
CA GLY B 38 6.09 28.82 0.51
C GLY B 38 6.32 30.27 0.91
N PHE B 39 5.65 30.73 1.96
CA PHE B 39 6.03 31.99 2.58
C PHE B 39 6.53 31.71 4.00
N PRO B 40 7.84 31.47 4.16
CA PRO B 40 8.36 31.08 5.45
C PRO B 40 8.26 32.14 6.55
N GLY B 41 8.26 33.43 6.22
CA GLY B 41 8.10 34.46 7.26
C GLY B 41 9.41 34.86 7.91
N ILE B 42 10.53 34.35 7.38
CA ILE B 42 11.86 34.53 7.96
C ILE B 42 12.88 34.65 6.84
N SER B 43 14.10 35.09 7.18
CA SER B 43 15.21 35.02 6.24
C SER B 43 16.13 33.90 6.71
N PHE B 44 16.94 33.34 5.80
CA PHE B 44 17.82 32.20 6.13
C PHE B 44 18.82 32.54 7.25
N SER B 45 19.34 33.76 7.20
CA SER B 45 20.34 34.25 8.14
C SER B 45 19.79 34.46 9.56
N GLU B 46 18.46 34.55 9.73
CA GLU B 46 17.89 34.66 11.08
C GLU B 46 17.62 33.32 11.80
N ILE B 47 17.78 32.20 11.08
CA ILE B 47 17.54 30.88 11.67
C ILE B 47 18.55 30.66 12.78
N ASN B 48 18.05 30.28 13.94
CA ASN B 48 18.87 30.06 15.13
C ASN B 48 18.75 28.59 15.47
N THR B 49 19.86 27.86 15.43
CA THR B 49 19.85 26.41 15.69
C THR B 49 20.30 26.04 17.11
N LYS B 50 20.53 27.04 17.96
CA LYS B 50 20.95 26.80 19.33
C LYS B 50 19.87 26.10 20.14
N THR B 51 20.29 25.24 21.07
CA THR B 51 19.35 24.62 22.01
C THR B 51 20.05 24.24 23.33
N LYS B 52 19.28 23.79 24.32
CA LYS B 52 19.85 23.37 25.60
C LYS B 52 20.23 21.91 25.58
N PHE B 53 21.33 21.58 26.24
CA PHE B 53 21.63 20.19 26.56
C PHE B 53 22.00 20.16 28.03
N PHE B 54 21.05 19.77 28.86
CA PHE B 54 21.16 19.88 30.32
C PHE B 54 21.59 21.30 30.71
N ARG B 55 22.72 21.45 31.39
CA ARG B 55 23.09 22.78 31.89
C ARG B 55 23.86 23.67 30.89
N LYS B 56 24.08 23.15 29.67
CA LYS B 56 24.87 23.86 28.67
C LYS B 56 24.01 24.23 27.46
N GLU B 57 24.51 25.15 26.64
CA GLU B 57 23.89 25.45 25.36
C GLU B 57 24.76 24.83 24.30
N ILE B 58 24.12 24.27 23.29
CA ILE B 58 24.84 23.67 22.18
C ILE B 58 24.43 24.46 20.93
N SER B 59 25.21 24.32 19.86
CA SER B 59 25.05 25.20 18.71
C SER B 59 24.02 24.69 17.70
N VAL B 60 23.80 23.38 17.76
CA VAL B 60 22.94 22.66 16.82
C VAL B 60 22.25 21.54 17.60
N PRO B 61 20.97 21.23 17.31
CA PRO B 61 20.26 20.18 18.07
C PRO B 61 20.58 18.76 17.57
N VAL B 62 21.85 18.40 17.62
CA VAL B 62 22.34 17.13 17.15
C VAL B 62 23.50 16.73 18.06
N MET B 63 23.58 15.45 18.43
CA MET B 63 24.70 14.96 19.20
C MET B 63 25.32 13.77 18.47
N VAL B 64 26.60 13.53 18.70
CA VAL B 64 27.20 12.26 18.32
C VAL B 64 26.93 11.31 19.49
N THR B 65 26.41 10.13 19.19
CA THR B 65 26.22 9.14 20.23
C THR B 65 27.39 8.19 20.35
N GLY B 66 27.45 7.47 21.48
CA GLY B 66 28.63 6.70 21.84
C GLY B 66 28.99 5.57 20.88
N MET B 67 30.29 5.43 20.63
CA MET B 67 30.81 4.37 19.78
C MET B 67 32.14 3.81 20.30
N THR B 68 32.17 2.50 20.49
CA THR B 68 33.32 1.80 21.05
C THR B 68 34.31 1.37 19.97
N ASN B 72 43.78 2.32 21.63
CA ASN B 72 44.80 3.05 20.88
C ASN B 72 44.29 3.69 19.59
N GLU B 73 43.85 2.85 18.66
CA GLU B 73 43.26 3.30 17.40
C GLU B 73 41.81 3.77 17.58
N LEU B 74 41.19 3.32 18.67
CA LEU B 74 39.83 3.73 19.02
C LEU B 74 39.87 5.07 19.78
N GLY B 75 41.04 5.40 20.31
CA GLY B 75 41.27 6.69 20.94
C GLY B 75 41.54 7.81 19.94
N ARG B 76 42.10 7.48 18.79
CA ARG B 76 42.40 8.51 17.79
C ARG B 76 41.13 8.91 17.02
N ILE B 77 40.21 7.95 16.84
CA ILE B 77 38.92 8.24 16.23
C ILE B 77 38.13 9.12 17.19
N ASN B 78 38.14 8.76 18.47
CA ASN B 78 37.53 9.58 19.50
C ASN B 78 38.09 10.98 19.52
N LYS B 79 39.41 11.10 19.37
CA LYS B 79 40.07 12.40 19.35
C LYS B 79 39.61 13.24 18.17
N ILE B 80 39.55 12.65 16.99
CA ILE B 80 39.06 13.37 15.81
C ILE B 80 37.62 13.85 16.04
N ILE B 81 36.76 12.92 16.46
CA ILE B 81 35.34 13.24 16.65
C ILE B 81 35.20 14.35 17.69
N ALA B 82 35.97 14.25 18.76
CA ALA B 82 35.87 15.22 19.84
C ALA B 82 36.36 16.61 19.44
N GLU B 83 37.47 16.72 18.70
CA GLU B 83 37.88 18.08 18.31
C GLU B 83 36.93 18.75 17.31
N VAL B 84 36.29 17.98 16.44
CA VAL B 84 35.31 18.52 15.50
C VAL B 84 34.00 18.85 16.20
N ALA B 85 33.51 17.95 17.06
CA ALA B 85 32.31 18.27 17.89
C ALA B 85 32.49 19.57 18.71
N GLU B 86 33.67 19.75 19.32
CA GLU B 86 34.03 20.97 20.04
C GLU B 86 33.94 22.20 19.13
N LYS B 87 34.54 22.09 17.95
CA LYS B 87 34.47 23.12 16.91
C LYS B 87 33.04 23.54 16.53
N PHE B 88 32.16 22.56 16.34
CA PHE B 88 30.78 22.82 15.93
C PHE B 88 29.81 23.11 17.08
N GLY B 89 30.28 22.95 18.31
CA GLY B 89 29.44 23.17 19.49
C GLY B 89 28.34 22.12 19.68
N ILE B 90 28.63 20.90 19.26
CA ILE B 90 27.71 19.78 19.37
C ILE B 90 28.17 18.77 20.45
N PRO B 91 27.23 18.26 21.25
CA PRO B 91 27.61 17.28 22.26
C PRO B 91 28.12 15.98 21.66
N MET B 92 28.91 15.25 22.47
CA MET B 92 29.46 13.98 22.06
C MET B 92 29.41 12.97 23.19
N GLY B 93 28.83 11.79 22.91
CA GLY B 93 28.92 10.68 23.86
C GLY B 93 30.09 9.82 23.45
N VAL B 94 30.81 9.26 24.43
CA VAL B 94 31.88 8.32 24.13
C VAL B 94 31.29 6.92 24.10
N GLY B 95 32.04 5.97 23.56
CA GLY B 95 31.67 4.56 23.63
C GLY B 95 31.82 4.00 25.04
N SER B 96 31.52 2.71 25.19
CA SER B 96 31.52 2.08 26.49
C SER B 96 32.86 2.25 27.18
N GLN B 97 32.79 2.71 28.42
CA GLN B 97 34.01 2.90 29.22
C GLN B 97 34.44 1.69 30.05
N ARG B 98 33.74 0.58 29.84
CA ARG B 98 33.99 -0.68 30.55
C ARG B 98 35.48 -1.00 30.65
N VAL B 99 36.16 -1.04 29.51
CA VAL B 99 37.58 -1.42 29.44
C VAL B 99 38.49 -0.47 30.21
N ALA B 100 38.06 0.79 30.35
CA ALA B 100 38.79 1.81 31.08
C ALA B 100 38.53 1.77 32.60
N ILE B 101 37.36 1.28 32.99
CA ILE B 101 37.11 0.94 34.39
C ILE B 101 38.03 -0.24 34.78
N GLU B 102 38.06 -1.25 33.91
CA GLU B 102 38.80 -2.48 34.19
C GLU B 102 40.32 -2.40 33.99
N LYS B 103 40.79 -1.52 33.10
CA LYS B 103 42.24 -1.37 32.83
C LYS B 103 42.64 0.09 32.86
N ALA B 104 43.53 0.47 33.78
CA ALA B 104 43.98 1.87 33.92
C ALA B 104 44.63 2.45 32.66
N GLU B 105 45.14 1.57 31.77
CA GLU B 105 45.81 1.99 30.54
C GLU B 105 44.84 2.38 29.43
N ALA B 106 43.57 2.01 29.58
CA ALA B 106 42.56 2.35 28.59
C ALA B 106 41.97 3.73 28.84
N ARG B 107 42.28 4.30 29.99
CA ARG B 107 41.81 5.64 30.38
C ARG B 107 42.16 6.77 29.39
N GLU B 108 43.37 6.73 28.85
CA GLU B 108 43.85 7.77 27.94
C GLU B 108 42.94 7.96 26.73
N SER B 109 42.57 6.87 26.07
CA SER B 109 41.73 6.93 24.86
C SER B 109 40.35 7.56 25.11
N PHE B 110 40.08 7.87 26.39
CA PHE B 110 38.92 8.66 26.81
C PHE B 110 39.33 10.03 27.35
N ALA B 111 40.44 10.08 28.10
CA ALA B 111 40.95 11.34 28.66
C ALA B 111 41.35 12.40 27.61
N ILE B 112 41.78 11.94 26.44
CA ILE B 112 42.06 12.82 25.29
C ILE B 112 40.84 13.68 24.92
N VAL B 113 39.66 13.08 25.04
CA VAL B 113 38.36 13.71 24.78
C VAL B 113 38.20 15.11 25.41
N ARG B 114 38.55 15.24 26.69
CA ARG B 114 38.33 16.49 27.39
C ARG B 114 39.46 17.50 27.17
N LYS B 115 40.65 17.03 26.80
CA LYS B 115 41.75 17.94 26.44
C LYS B 115 41.38 18.67 25.15
N VAL B 116 40.79 17.93 24.22
CA VAL B 116 40.53 18.41 22.88
C VAL B 116 39.12 19.03 22.76
N ALA B 117 38.27 18.75 23.75
CA ALA B 117 36.90 19.28 23.79
C ALA B 117 36.49 19.78 25.17
N PRO B 118 37.10 20.89 25.63
CA PRO B 118 36.89 21.38 27.01
C PRO B 118 35.52 22.00 27.31
N THR B 119 34.75 22.36 26.29
CA THR B 119 33.53 23.11 26.57
C THR B 119 32.18 22.43 26.26
N ILE B 120 32.12 21.61 25.20
CA ILE B 120 30.87 20.92 24.82
C ILE B 120 30.43 19.91 25.86
N PRO B 121 29.12 19.58 25.89
CA PRO B 121 28.72 18.46 26.73
C PRO B 121 29.39 17.19 26.25
N ILE B 122 29.90 16.42 27.22
CA ILE B 122 30.46 15.10 26.96
C ILE B 122 29.65 14.10 27.80
N ILE B 123 29.26 12.99 27.18
CA ILE B 123 28.39 12.00 27.82
C ILE B 123 29.18 10.73 27.99
N ALA B 124 29.41 10.38 29.27
CA ALA B 124 29.93 9.05 29.62
C ALA B 124 29.04 7.89 29.11
N ASN B 125 29.56 6.66 29.22
CA ASN B 125 28.84 5.51 28.70
C ASN B 125 29.22 4.23 29.44
N LEU B 126 28.22 3.59 30.06
CA LEU B 126 28.37 2.23 30.60
C LEU B 126 27.16 1.38 30.18
N GLY B 127 27.31 0.08 30.13
CA GLY B 127 26.19 -0.74 29.69
C GLY B 127 25.25 -1.14 30.80
N MET B 128 23.98 -1.31 30.46
CA MET B 128 23.09 -2.03 31.36
C MET B 128 23.67 -3.42 31.75
N PRO B 129 24.34 -4.16 30.82
CA PRO B 129 25.02 -5.41 31.20
C PRO B 129 26.04 -5.25 32.37
N GLN B 130 26.82 -4.16 32.37
CA GLN B 130 27.71 -3.85 33.50
C GLN B 130 26.96 -3.64 34.82
N LEU B 131 25.78 -3.06 34.76
CA LEU B 131 24.96 -2.85 35.97
C LEU B 131 24.34 -4.12 36.50
N VAL B 132 24.03 -5.03 35.59
CA VAL B 132 23.53 -6.36 35.94
C VAL B 132 24.64 -7.16 36.66
N LYS B 133 25.88 -6.93 36.21
CA LYS B 133 27.09 -7.54 36.75
C LYS B 133 27.83 -6.76 37.87
N GLY B 134 27.13 -6.08 38.77
CA GLY B 134 27.96 -5.44 39.84
C GLY B 134 28.99 -4.33 39.52
N TYR B 135 28.72 -3.53 38.49
CA TYR B 135 29.16 -2.13 38.51
C TYR B 135 28.21 -1.44 39.46
N GLY B 136 28.67 -0.41 40.14
CA GLY B 136 27.83 0.35 41.10
C GLY B 136 28.17 1.83 41.01
N LEU B 137 27.99 2.55 42.11
CA LEU B 137 28.24 3.98 42.12
C LEU B 137 29.68 4.37 41.72
N LYS B 138 30.68 3.73 42.30
CA LYS B 138 32.05 4.16 42.09
C LYS B 138 32.46 4.04 40.63
N GLU B 139 32.05 2.95 39.99
CA GLU B 139 32.36 2.75 38.59
C GLU B 139 31.77 3.86 37.71
N PHE B 140 30.52 4.19 37.98
CA PHE B 140 29.79 5.28 37.34
C PHE B 140 30.45 6.66 37.58
N GLN B 141 30.76 6.96 38.84
CA GLN B 141 31.51 8.18 39.19
C GLN B 141 32.84 8.23 38.47
N ASP B 142 33.50 7.08 38.34
CA ASP B 142 34.83 7.04 37.73
C ASP B 142 34.74 7.25 36.21
N ALA B 143 33.67 6.74 35.60
CA ALA B 143 33.45 6.89 34.16
C ALA B 143 33.24 8.36 33.83
N ILE B 144 32.45 9.00 34.67
CA ILE B 144 32.16 10.43 34.58
C ILE B 144 33.39 11.31 34.81
N GLN B 145 34.15 11.01 35.86
CA GLN B 145 35.30 11.85 36.25
C GLN B 145 36.41 11.78 35.21
N MET B 146 36.51 10.60 34.61
CA MET B 146 37.52 10.29 33.61
C MET B 146 37.49 11.26 32.42
N ILE B 147 36.32 11.83 32.11
CA ILE B 147 36.16 12.72 30.94
C ILE B 147 35.44 14.02 31.30
N GLU B 148 35.35 14.27 32.61
CA GLU B 148 34.51 15.34 33.20
C GLU B 148 33.17 15.45 32.51
N ALA B 149 32.43 14.35 32.54
CA ALA B 149 31.20 14.22 31.77
C ALA B 149 30.11 15.10 32.35
N ASP B 150 29.23 15.56 31.46
CA ASP B 150 28.05 16.35 31.82
C ASP B 150 26.81 15.48 32.02
N ALA B 151 26.91 14.22 31.61
CA ALA B 151 25.90 13.19 31.88
C ALA B 151 26.50 11.82 31.60
N ILE B 152 25.76 10.77 31.89
CA ILE B 152 26.19 9.42 31.55
C ILE B 152 25.06 8.70 30.80
N ALA B 153 25.41 8.02 29.71
CA ALA B 153 24.42 7.19 29.02
C ALA B 153 24.58 5.75 29.44
N VAL B 154 23.46 5.10 29.71
CA VAL B 154 23.44 3.68 30.02
C VAL B 154 22.73 3.01 28.85
N HIS B 155 23.46 2.14 28.14
CA HIS B 155 22.90 1.51 26.93
C HIS B 155 22.24 0.14 27.15
N LEU B 156 21.16 -0.07 26.38
CA LEU B 156 20.43 -1.31 26.29
C LEU B 156 20.77 -1.96 24.96
N ASN B 157 21.22 -3.21 25.00
CA ASN B 157 21.54 -3.96 23.78
C ASN B 157 21.17 -5.45 23.87
N PRO B 158 19.95 -5.76 24.33
CA PRO B 158 19.61 -7.19 24.49
C PRO B 158 19.65 -7.96 23.17
N ALA B 159 19.27 -7.33 22.06
CA ALA B 159 19.29 -8.01 20.74
C ALA B 159 20.69 -8.44 20.32
N GLN B 160 21.65 -7.54 20.49
CA GLN B 160 23.03 -7.82 20.17
C GLN B 160 23.55 -8.96 21.04
N GLU B 161 23.22 -8.93 22.32
CA GLU B 161 23.59 -9.98 23.24
C GLU B 161 22.99 -11.35 22.91
N VAL B 162 21.77 -11.34 22.38
CA VAL B 162 21.07 -12.58 22.04
C VAL B 162 21.77 -13.32 20.89
N PHE B 163 22.23 -12.54 19.91
CA PHE B 163 22.74 -13.07 18.66
C PHE B 163 24.23 -13.21 18.55
N GLN B 164 24.95 -12.73 19.56
CA GLN B 164 26.41 -12.79 19.55
C GLN B 164 26.87 -14.23 19.79
N PRO B 165 27.98 -14.66 19.14
CA PRO B 165 28.43 -16.05 19.29
C PRO B 165 28.41 -16.47 20.74
N GLU B 166 29.03 -15.65 21.58
CA GLU B 166 29.27 -15.95 22.99
C GLU B 166 28.37 -15.18 23.95
N GLY B 167 27.71 -15.89 24.87
CA GLY B 167 27.02 -15.23 25.97
C GLY B 167 25.56 -14.91 25.72
N GLU B 168 24.87 -14.45 26.76
CA GLU B 168 23.41 -14.37 26.74
C GLU B 168 22.83 -13.43 27.80
N PRO B 169 21.90 -12.55 27.37
CA PRO B 169 21.52 -11.37 28.11
C PRO B 169 20.83 -11.62 29.44
N GLU B 170 21.10 -10.72 30.39
CA GLU B 170 20.42 -10.70 31.66
C GLU B 170 19.94 -9.28 31.91
N TYR B 171 18.63 -9.12 32.06
CA TYR B 171 18.06 -7.80 32.27
C TYR B 171 17.02 -7.79 33.38
N GLN B 172 17.38 -8.28 34.57
CA GLN B 172 16.42 -8.32 35.69
C GLN B 172 16.20 -6.95 36.32
N ILE B 173 15.03 -6.73 36.94
CA ILE B 173 14.72 -5.39 37.48
C ILE B 173 15.61 -4.91 38.63
N TYR B 174 16.37 -5.82 39.23
CA TYR B 174 17.42 -5.48 40.19
C TYR B 174 18.41 -4.46 39.65
N ALA B 175 18.70 -4.54 38.34
CA ALA B 175 19.61 -3.59 37.70
C ALA B 175 19.01 -2.18 37.67
N LEU B 176 17.68 -2.09 37.58
CA LEU B 176 16.97 -0.82 37.62
C LEU B 176 16.85 -0.25 39.02
N GLU B 177 16.71 -1.12 40.01
CA GLU B 177 16.87 -0.71 41.42
C GLU B 177 18.27 -0.15 41.67
N LYS B 178 19.30 -0.82 41.14
CA LYS B 178 20.67 -0.31 41.20
C LYS B 178 20.80 1.05 40.53
N LEU B 179 20.29 1.16 39.29
CA LEU B 179 20.32 2.43 38.53
C LEU B 179 19.67 3.59 39.30
N ARG B 180 18.48 3.33 39.83
CA ARG B 180 17.80 4.31 40.66
C ARG B 180 18.64 4.70 41.89
N ASP B 181 19.27 3.73 42.55
CA ASP B 181 20.09 4.04 43.72
C ASP B 181 21.29 4.90 43.33
N ILE B 182 21.98 4.48 42.26
CA ILE B 182 23.11 5.22 41.72
C ILE B 182 22.75 6.69 41.40
N SER B 183 21.58 6.89 40.79
CA SER B 183 21.15 8.18 40.24
C SER B 183 20.92 9.24 41.30
N LYS B 184 20.64 8.80 42.52
CA LYS B 184 20.36 9.73 43.59
C LYS B 184 21.64 10.32 44.19
N GLU B 185 22.78 9.73 43.86
CA GLU B 185 24.07 10.16 44.36
C GLU B 185 25.04 10.64 43.28
N LEU B 186 24.60 10.58 42.02
CA LEU B 186 25.44 10.98 40.90
C LEU B 186 25.39 12.51 40.74
N SER B 187 26.48 13.08 40.22
CA SER B 187 26.59 14.55 40.02
C SER B 187 25.90 15.05 38.74
N VAL B 188 25.60 14.10 37.85
CA VAL B 188 25.13 14.41 36.49
C VAL B 188 23.97 13.49 36.10
N PRO B 189 23.11 13.94 35.16
CA PRO B 189 21.95 13.15 34.73
C PRO B 189 22.30 11.86 34.00
N ILE B 190 21.35 10.93 34.01
CA ILE B 190 21.45 9.66 33.31
C ILE B 190 20.56 9.68 32.08
N ILE B 191 21.11 9.22 30.95
CA ILE B 191 20.34 8.99 29.73
C ILE B 191 20.31 7.49 29.53
N VAL B 192 19.12 6.94 29.30
CA VAL B 192 19.05 5.54 28.88
C VAL B 192 18.80 5.49 27.37
N LYS B 193 19.70 4.80 26.68
CA LYS B 193 19.66 4.69 25.22
C LYS B 193 19.59 3.24 24.76
N GLU B 194 18.99 3.00 23.60
CA GLU B 194 19.08 1.69 22.97
C GLU B 194 20.35 1.69 22.10
N SER B 195 20.47 0.66 21.27
CA SER B 195 21.63 0.43 20.43
C SER B 195 21.14 -0.12 19.12
N GLY B 196 20.10 0.48 18.55
CA GLY B 196 19.64 0.04 17.25
C GLY B 196 18.31 -0.67 17.14
N ASN B 197 17.65 -0.95 18.27
CA ASN B 197 16.39 -1.68 18.18
C ASN B 197 15.23 -0.93 18.82
N GLY B 198 15.53 0.25 19.38
CA GLY B 198 14.51 1.23 19.75
C GLY B 198 13.83 1.04 21.09
N ILE B 199 13.20 2.11 21.58
CA ILE B 199 12.54 2.16 22.90
C ILE B 199 11.02 2.25 22.71
N SER B 200 10.32 1.27 23.27
CA SER B 200 8.88 1.18 23.22
C SER B 200 8.28 1.95 24.40
N MET B 201 6.97 2.21 24.35
CA MET B 201 6.33 2.83 25.50
C MET B 201 6.40 2.03 26.80
N GLU B 202 6.29 0.69 26.73
CA GLU B 202 6.45 -0.14 27.93
C GLU B 202 7.81 0.05 28.56
N THR B 203 8.87 0.03 27.76
CA THR B 203 10.23 0.18 28.29
C THR B 203 10.50 1.59 28.88
N ALA B 204 9.99 2.61 28.22
CA ALA B 204 10.17 4.00 28.65
C ALA B 204 9.46 4.23 29.98
N LYS B 205 8.25 3.68 30.09
CA LYS B 205 7.44 3.82 31.29
C LYS B 205 8.05 3.07 32.44
N LEU B 206 8.56 1.86 32.18
CA LEU B 206 9.27 1.13 33.20
C LEU B 206 10.45 1.96 33.70
N LEU B 207 11.26 2.44 32.78
CA LEU B 207 12.45 3.23 33.15
C LEU B 207 12.02 4.48 33.91
N TYR B 208 10.95 5.10 33.44
CA TYR B 208 10.45 6.31 34.07
C TYR B 208 10.00 6.04 35.50
N SER B 209 9.45 4.85 35.77
CA SER B 209 9.02 4.47 37.12
C SER B 209 10.23 4.36 38.06
N TYR B 210 11.41 4.17 37.50
CA TYR B 210 12.64 4.10 38.27
C TYR B 210 13.44 5.41 38.29
N GLY B 211 12.80 6.48 37.84
CA GLY B 211 13.40 7.82 37.88
C GLY B 211 14.13 8.21 36.60
N ILE B 212 13.94 7.44 35.52
CA ILE B 212 14.60 7.81 34.27
C ILE B 212 13.73 8.76 33.42
N LYS B 213 14.30 9.91 33.10
CA LYS B 213 13.59 10.99 32.43
C LYS B 213 14.20 11.33 31.06
N ASN B 214 15.40 10.83 30.79
CA ASN B 214 16.12 11.17 29.55
C ASN B 214 16.37 9.92 28.75
N PHE B 215 15.96 9.91 27.48
CA PHE B 215 15.98 8.69 26.64
C PHE B 215 16.66 8.99 25.30
N ASP B 216 17.27 7.97 24.72
CA ASP B 216 17.78 8.13 23.37
C ASP B 216 17.21 6.94 22.61
N THR B 217 16.30 7.21 21.68
CA THR B 217 15.53 6.15 21.04
C THR B 217 16.40 5.05 20.41
N SER B 218 17.49 5.42 19.74
CA SER B 218 18.30 4.45 18.96
C SER B 218 17.45 3.32 18.35
N GLY B 219 16.49 3.66 17.49
CA GLY B 219 15.56 2.68 16.90
C GLY B 219 16.14 1.99 15.68
N GLN B 220 15.37 1.03 15.13
CA GLN B 220 15.83 0.36 13.90
C GLN B 220 15.77 1.29 12.71
N GLY B 221 16.56 0.94 11.69
CA GLY B 221 16.65 1.72 10.50
C GLY B 221 18.06 2.19 10.19
N GLY B 222 18.93 2.24 11.20
CA GLY B 222 20.30 2.69 11.04
C GLY B 222 21.23 1.52 11.23
N THR B 223 22.29 1.72 12.01
CA THR B 223 23.18 0.62 12.38
C THR B 223 22.36 -0.59 12.86
N ASN B 224 22.56 -1.74 12.22
CA ASN B 224 21.78 -2.93 12.52
C ASN B 224 22.70 -3.92 13.25
N TRP B 225 22.62 -3.94 14.57
CA TRP B 225 23.50 -4.78 15.36
C TRP B 225 23.23 -6.26 15.24
N ILE B 226 21.98 -6.62 14.96
CA ILE B 226 21.66 -8.02 14.64
C ILE B 226 22.40 -8.40 13.34
N ALA B 227 22.46 -7.46 12.40
CA ALA B 227 23.20 -7.67 11.15
C ALA B 227 24.70 -7.84 11.41
N ILE B 228 25.25 -7.01 12.28
CA ILE B 228 26.66 -7.12 12.65
C ILE B 228 26.98 -8.47 13.27
N GLU B 229 26.13 -8.95 14.17
CA GLU B 229 26.35 -10.26 14.78
C GLU B 229 26.12 -11.41 13.81
N MET B 230 25.17 -11.23 12.87
CA MET B 230 24.96 -12.17 11.78
C MET B 230 26.24 -12.34 10.98
N ILE B 231 26.86 -11.22 10.63
CA ILE B 231 28.14 -11.24 9.90
C ILE B 231 29.24 -11.92 10.70
N ARG B 232 29.39 -11.56 11.96
CA ARG B 232 30.35 -12.24 12.85
C ARG B 232 30.11 -13.75 12.86
N ASP B 233 28.85 -14.15 13.07
CA ASP B 233 28.48 -15.56 13.02
C ASP B 233 28.83 -16.19 11.66
N ILE B 234 28.57 -15.48 10.57
CA ILE B 234 28.90 -16.04 9.25
C ILE B 234 30.40 -16.32 9.20
N ARG B 235 31.18 -15.36 9.67
CA ARG B 235 32.64 -15.42 9.64
C ARG B 235 33.22 -16.62 10.39
N ARG B 236 32.52 -17.09 11.41
CA ARG B 236 33.00 -18.25 12.15
C ARG B 236 32.25 -19.55 11.85
N GLY B 237 31.43 -19.52 10.80
CA GLY B 237 30.63 -20.67 10.40
C GLY B 237 29.68 -21.12 11.47
N ASN B 238 29.17 -20.17 12.26
CA ASN B 238 28.19 -20.40 13.34
C ASN B 238 26.77 -20.35 12.76
N TRP B 239 26.00 -21.41 13.01
CA TRP B 239 24.64 -21.55 12.51
C TRP B 239 23.67 -20.45 13.00
N LYS B 240 24.01 -19.74 14.08
CA LYS B 240 23.15 -18.65 14.58
C LYS B 240 22.94 -17.56 13.52
N ALA B 241 23.79 -17.52 12.48
CA ALA B 241 23.70 -16.49 11.45
C ALA B 241 22.36 -16.57 10.69
N GLU B 242 21.88 -17.80 10.48
CA GLU B 242 20.58 -18.00 9.84
C GLU B 242 19.45 -17.49 10.74
N SER B 243 19.58 -17.68 12.05
CA SER B 243 18.57 -17.19 13.01
C SER B 243 18.57 -15.66 13.06
N ALA B 244 19.77 -15.06 13.18
CA ALA B 244 19.94 -13.59 13.09
C ALA B 244 19.29 -12.98 11.84
N LYS B 245 19.45 -13.63 10.68
CA LYS B 245 18.80 -13.17 9.46
C LYS B 245 17.28 -13.02 9.59
N ASN B 246 16.62 -13.94 10.29
CA ASN B 246 15.18 -13.86 10.55
C ASN B 246 14.79 -12.67 11.41
N PHE B 247 15.78 -12.05 12.06
CA PHE B 247 15.55 -10.97 13.01
C PHE B 247 16.09 -9.64 12.52
N LEU B 248 16.47 -9.56 11.26
CA LEU B 248 17.07 -8.31 10.74
C LEU B 248 16.14 -7.10 10.84
N ASP B 249 14.83 -7.32 10.76
CA ASP B 249 13.86 -6.23 10.87
C ASP B 249 13.23 -6.13 12.24
N TRP B 250 13.90 -6.71 13.23
CA TRP B 250 13.43 -6.67 14.61
C TRP B 250 13.66 -5.29 15.26
N GLY B 251 12.65 -4.80 15.97
CA GLY B 251 12.82 -3.61 16.80
C GLY B 251 11.79 -2.53 16.50
N VAL B 252 11.79 -1.46 17.30
CA VAL B 252 10.92 -0.32 17.08
C VAL B 252 11.67 0.64 16.13
N PRO B 253 11.08 0.96 14.96
CA PRO B 253 11.59 1.99 14.05
C PRO B 253 11.78 3.32 14.75
N THR B 254 12.88 4.00 14.43
CA THR B 254 13.18 5.29 15.03
C THR B 254 12.01 6.26 15.09
N ALA B 255 11.31 6.49 13.98
CA ALA B 255 10.13 7.40 14.06
C ALA B 255 9.06 6.97 15.05
N ALA B 256 8.75 5.67 15.09
CA ALA B 256 7.75 5.10 16.00
C ALA B 256 8.23 5.23 17.44
N SER B 257 9.52 5.02 17.65
CA SER B 257 10.12 5.12 18.98
C SER B 257 10.06 6.54 19.55
N ILE B 258 10.41 7.51 18.71
CA ILE B 258 10.25 8.94 19.07
C ILE B 258 8.80 9.18 19.49
N MET B 259 7.86 8.70 18.69
CA MET B 259 6.44 8.88 19.01
C MET B 259 6.00 8.22 20.32
N GLU B 260 6.44 6.99 20.52
CA GLU B 260 6.03 6.24 21.71
C GLU B 260 6.63 6.82 22.98
N VAL B 261 7.88 7.26 22.90
CA VAL B 261 8.52 7.82 24.11
C VAL B 261 7.93 9.20 24.47
N ARG B 262 7.76 10.06 23.48
CA ARG B 262 7.16 11.39 23.68
C ARG B 262 5.71 11.27 24.18
N TYR B 263 4.99 10.32 23.63
CA TYR B 263 3.63 10.09 24.04
C TYR B 263 3.51 9.54 25.46
N SER B 264 4.36 8.57 25.81
CA SER B 264 4.23 7.86 27.07
C SER B 264 4.94 8.57 28.21
N VAL B 265 6.00 9.31 27.86
CA VAL B 265 6.63 10.25 28.79
C VAL B 265 6.83 11.66 28.22
N PRO B 266 5.75 12.46 28.26
CA PRO B 266 5.62 13.79 27.69
C PRO B 266 6.68 14.76 28.17
N ASP B 267 7.10 14.59 29.42
CA ASP B 267 8.08 15.46 30.05
C ASP B 267 9.53 15.05 29.80
N SER B 268 9.74 13.97 29.04
CA SER B 268 11.10 13.43 28.82
C SER B 268 12.01 14.42 28.11
N PHE B 269 13.31 14.29 28.32
CA PHE B 269 14.28 14.86 27.40
C PHE B 269 14.62 13.70 26.46
N LEU B 270 14.48 13.92 25.15
CA LEU B 270 14.47 12.83 24.16
C LEU B 270 15.45 13.03 23.01
N VAL B 271 16.37 12.09 22.83
CA VAL B 271 17.25 12.10 21.65
C VAL B 271 16.60 11.17 20.60
N GLY B 272 16.34 11.72 19.42
CA GLY B 272 15.80 10.93 18.32
C GLY B 272 16.98 10.41 17.55
N SER B 273 17.28 9.12 17.71
CA SER B 273 18.41 8.53 16.98
C SER B 273 18.12 7.15 16.42
N GLY B 274 19.00 6.70 15.52
CA GLY B 274 18.88 5.40 14.89
C GLY B 274 18.54 5.65 13.42
N GLY B 275 19.57 5.69 12.56
CA GLY B 275 19.31 5.87 11.14
C GLY B 275 19.20 7.32 10.73
N ILE B 276 19.67 8.24 11.57
CA ILE B 276 19.65 9.67 11.18
C ILE B 276 20.86 9.89 10.28
N ARG B 277 20.60 10.20 9.01
CA ARG B 277 21.71 10.25 8.01
C ARG B 277 21.80 11.58 7.27
N SER B 278 20.87 12.49 7.53
CA SER B 278 20.88 13.79 6.89
C SER B 278 20.32 14.78 7.88
N GLY B 279 20.53 16.07 7.61
CA GLY B 279 19.86 17.14 8.38
C GLY B 279 18.35 17.17 8.23
N LEU B 280 17.85 16.58 7.15
CA LEU B 280 16.40 16.37 6.95
C LEU B 280 15.87 15.30 7.91
N ASP B 281 16.56 14.17 8.01
CA ASP B 281 16.25 13.14 9.00
C ASP B 281 16.24 13.75 10.40
N ALA B 282 17.24 14.60 10.66
CA ALA B 282 17.37 15.27 11.95
C ALA B 282 16.16 16.17 12.23
N ALA B 283 15.76 16.94 11.23
CA ALA B 283 14.64 17.87 11.32
C ALA B 283 13.34 17.12 11.52
N LYS B 284 13.15 16.03 10.78
CA LYS B 284 12.00 15.16 10.99
C LYS B 284 11.91 14.60 12.41
N ALA B 285 13.02 14.09 12.92
CA ALA B 285 13.06 13.53 14.28
C ALA B 285 12.64 14.55 15.36
N ILE B 286 13.14 15.77 15.23
CA ILE B 286 12.82 16.87 16.14
C ILE B 286 11.37 17.31 15.95
N ALA B 287 10.95 17.49 14.70
CA ALA B 287 9.54 17.90 14.48
C ALA B 287 8.57 16.86 15.02
N LEU B 288 8.91 15.58 14.82
CA LEU B 288 8.09 14.46 15.36
C LEU B 288 7.93 14.43 16.86
N GLY B 289 8.93 14.92 17.59
CA GLY B 289 8.89 14.95 19.02
C GLY B 289 10.19 14.88 19.78
N ALA B 290 11.31 14.60 19.12
CA ALA B 290 12.61 14.60 19.82
C ALA B 290 13.05 16.02 20.17
N ASP B 291 13.92 16.15 21.17
CA ASP B 291 14.54 17.43 21.48
C ASP B 291 15.83 17.65 20.68
N ILE B 292 16.51 16.55 20.40
CA ILE B 292 17.70 16.59 19.56
C ILE B 292 17.78 15.30 18.75
N ALA B 293 18.54 15.34 17.65
CA ALA B 293 18.81 14.13 16.86
C ALA B 293 20.19 13.62 17.21
N GLY B 294 20.36 12.30 17.20
CA GLY B 294 21.65 11.70 17.44
C GLY B 294 22.08 10.92 16.20
N MET B 295 23.39 10.83 16.02
CA MET B 295 24.01 10.05 14.94
C MET B 295 25.26 9.35 15.47
N ALA B 296 25.56 8.17 14.92
CA ALA B 296 26.77 7.47 15.29
C ALA B 296 27.51 7.03 14.05
N LEU B 297 26.99 6.03 13.34
CA LEU B 297 27.71 5.39 12.21
C LEU B 297 28.26 6.35 11.13
N PRO B 298 27.45 7.30 10.61
CA PRO B 298 28.06 8.11 9.53
C PRO B 298 29.17 9.02 10.06
N VAL B 299 29.13 9.32 11.36
CA VAL B 299 30.17 10.13 12.01
C VAL B 299 31.47 9.31 12.08
N LEU B 300 31.33 8.05 12.45
CA LEU B 300 32.45 7.11 12.46
C LEU B 300 33.08 7.00 11.07
N LYS B 301 32.26 6.72 10.06
CA LYS B 301 32.73 6.55 8.70
C LYS B 301 33.46 7.81 8.18
N SER B 302 32.97 8.99 8.54
CA SER B 302 33.66 10.23 8.17
C SER B 302 34.93 10.49 8.98
N ALA B 303 34.89 10.22 10.28
CA ALA B 303 36.08 10.33 11.12
C ALA B 303 37.22 9.41 10.64
N ILE B 304 36.88 8.23 10.14
CA ILE B 304 37.87 7.28 9.62
C ILE B 304 38.58 7.90 8.41
N GLU B 305 37.83 8.62 7.58
CA GLU B 305 38.39 9.30 6.43
C GLU B 305 39.27 10.45 6.89
N GLY B 306 38.90 11.08 7.99
CA GLY B 306 39.74 12.09 8.60
C GLY B 306 38.97 13.29 9.10
N LYS B 307 39.71 14.15 9.81
CA LYS B 307 39.21 15.39 10.37
C LYS B 307 38.46 16.26 9.35
N GLU B 308 39.05 16.48 8.17
CA GLU B 308 38.42 17.36 7.18
C GLU B 308 37.15 16.73 6.60
N SER B 309 37.17 15.43 6.37
CA SER B 309 35.97 14.74 5.95
C SER B 309 34.84 14.91 6.98
N LEU B 310 35.17 14.85 8.27
CA LEU B 310 34.12 14.93 9.30
C LEU B 310 33.62 16.36 9.46
N GLU B 311 34.51 17.34 9.28
CA GLU B 311 34.09 18.73 9.30
C GLU B 311 33.08 19.01 8.18
N GLN B 312 33.35 18.48 7.00
CA GLN B 312 32.45 18.61 5.83
C GLN B 312 31.12 17.87 6.05
N PHE B 313 31.21 16.74 6.74
CA PHE B 313 30.01 15.98 7.07
C PHE B 313 29.08 16.86 7.93
N PHE B 314 29.61 17.47 8.98
CA PHE B 314 28.80 18.33 9.86
C PHE B 314 28.27 19.58 9.17
N ARG B 315 29.07 20.22 8.33
CA ARG B 315 28.60 21.40 7.61
C ARG B 315 27.36 21.05 6.77
N LYS B 316 27.38 19.85 6.17
CA LYS B 316 26.31 19.34 5.34
C LYS B 316 25.05 19.04 6.17
N ILE B 317 25.22 18.35 7.29
CA ILE B 317 24.10 18.04 8.21
C ILE B 317 23.43 19.34 8.64
N ILE B 318 24.25 20.30 9.03
CA ILE B 318 23.77 21.59 9.52
C ILE B 318 23.05 22.36 8.42
N PHE B 319 23.63 22.41 7.22
CA PHE B 319 22.96 23.04 6.08
C PHE B 319 21.58 22.43 5.81
N GLU B 320 21.54 21.09 5.79
CA GLU B 320 20.30 20.33 5.56
C GLU B 320 19.27 20.61 6.67
N LEU B 321 19.71 20.61 7.91
CA LEU B 321 18.81 21.02 9.01
C LEU B 321 18.24 22.42 8.78
N LYS B 322 19.10 23.39 8.53
CA LYS B 322 18.63 24.77 8.37
C LYS B 322 17.74 24.91 7.13
N ALA B 323 17.99 24.10 6.09
CA ALA B 323 17.13 24.13 4.90
C ALA B 323 15.73 23.65 5.27
N ALA B 324 15.64 22.58 6.08
CA ALA B 324 14.31 22.13 6.49
C ALA B 324 13.65 23.15 7.44
N MET B 325 14.43 23.84 8.27
CA MET B 325 13.84 24.90 9.10
C MET B 325 13.35 26.10 8.27
N MET B 326 14.14 26.51 7.28
CA MET B 326 13.75 27.59 6.36
C MET B 326 12.47 27.23 5.62
N LEU B 327 12.44 26.02 5.06
CA LEU B 327 11.34 25.65 4.18
C LEU B 327 10.06 25.24 4.94
N THR B 328 10.15 25.17 6.26
CA THR B 328 8.94 24.99 7.11
C THR B 328 8.62 26.29 7.87
N GLY B 329 9.38 27.35 7.62
CA GLY B 329 9.17 28.62 8.33
C GLY B 329 9.49 28.54 9.81
N SER B 330 10.50 27.73 10.17
CA SER B 330 10.94 27.56 11.56
C SER B 330 12.18 28.37 11.86
N LYS B 331 12.02 29.46 12.63
CA LYS B 331 13.12 30.38 12.91
C LYS B 331 14.09 29.80 13.93
N ASP B 332 13.62 28.83 14.71
CA ASP B 332 14.44 28.27 15.76
C ASP B 332 13.96 26.86 16.09
N VAL B 333 14.69 26.18 16.98
CA VAL B 333 14.42 24.78 17.30
C VAL B 333 13.05 24.63 17.96
N ASP B 334 12.66 25.57 18.83
CA ASP B 334 11.30 25.56 19.38
C ASP B 334 10.21 25.59 18.30
N ALA B 335 10.35 26.46 17.29
CA ALA B 335 9.41 26.51 16.18
C ALA B 335 9.39 25.23 15.37
N LEU B 336 10.57 24.64 15.12
CA LEU B 336 10.66 23.37 14.37
C LEU B 336 9.84 22.28 15.09
N LYS B 337 10.06 22.16 16.39
CA LYS B 337 9.23 21.27 17.25
C LYS B 337 7.71 21.42 17.11
N LYS B 338 7.22 22.59 16.72
CA LYS B 338 5.78 22.69 16.50
C LYS B 338 5.34 22.88 15.05
N THR B 339 6.26 22.65 14.10
CA THR B 339 5.87 22.90 12.71
C THR B 339 4.90 21.84 12.21
N SER B 340 4.18 22.13 11.14
CA SER B 340 3.23 21.17 10.56
C SER B 340 3.85 19.95 9.86
N ILE B 341 3.30 18.77 10.17
CA ILE B 341 3.77 17.51 9.56
C ILE B 341 2.63 16.70 8.94
N VAL B 342 2.98 15.71 8.14
CA VAL B 342 2.04 14.67 7.77
C VAL B 342 2.65 13.34 8.17
N ILE B 343 1.82 12.49 8.81
CA ILE B 343 2.18 11.11 9.11
C ILE B 343 1.34 10.17 8.23
N LEU B 344 2.02 9.33 7.46
CA LEU B 344 1.38 8.47 6.45
C LEU B 344 1.73 7.02 6.75
N GLY B 345 1.11 6.13 5.99
CA GLY B 345 1.63 4.76 5.79
C GLY B 345 1.74 3.90 7.02
N LYS B 346 2.81 3.11 7.11
CA LYS B 346 2.99 2.17 8.21
C LYS B 346 3.15 2.84 9.58
N LEU B 347 3.79 4.01 9.63
CA LEU B 347 3.95 4.72 10.91
C LEU B 347 2.57 5.09 11.48
N LYS B 348 1.69 5.53 10.59
CA LYS B 348 0.33 5.86 10.97
C LYS B 348 -0.37 4.62 11.57
N GLU B 349 -0.24 3.47 10.89
CA GLU B 349 -0.86 2.22 11.33
C GLU B 349 -0.29 1.73 12.67
N TRP B 350 1.03 1.84 12.79
CA TRP B 350 1.75 1.62 14.05
C TRP B 350 1.17 2.46 15.20
N ALA B 351 1.14 3.77 15.00
CA ALA B 351 0.63 4.67 16.04
C ALA B 351 -0.81 4.34 16.47
N GLU B 352 -1.71 4.23 15.49
CA GLU B 352 -3.10 3.84 15.70
C GLU B 352 -3.22 2.53 16.49
N TYR B 353 -2.56 1.48 16.03
CA TYR B 353 -2.60 0.21 16.76
C TYR B 353 -2.13 0.34 18.21
N ARG B 354 -1.16 1.23 18.45
CA ARG B 354 -0.49 1.27 19.76
C ARG B 354 -1.24 2.21 20.69
N GLY B 355 -2.37 2.73 20.21
CA GLY B 355 -3.27 3.54 21.04
C GLY B 355 -2.95 5.01 21.04
N ILE B 356 -2.08 5.43 20.13
CA ILE B 356 -1.67 6.85 20.02
C ILE B 356 -2.68 7.67 19.24
N ASN B 357 -3.57 8.36 19.96
CA ASN B 357 -4.48 9.28 19.30
C ASN B 357 -3.64 10.37 18.66
N LEU B 358 -3.67 10.43 17.34
CA LEU B 358 -2.83 11.36 16.59
C LEU B 358 -3.26 12.81 16.85
N SER B 359 -4.53 13.00 17.21
CA SER B 359 -5.02 14.29 17.63
C SER B 359 -4.35 14.72 18.94
N ILE B 360 -4.38 13.89 19.97
CA ILE B 360 -3.68 14.26 21.19
C ILE B 360 -2.14 14.26 21.05
N TYR B 361 -1.62 13.41 20.14
CA TYR B 361 -0.16 13.39 19.89
C TYR B 361 0.38 14.77 19.46
N GLU B 362 -0.33 15.40 18.53
CA GLU B 362 -0.05 16.74 18.05
C GLU B 362 0.08 17.77 19.19
N LYS B 363 -0.88 17.76 20.13
CA LYS B 363 -0.81 18.60 21.32
C LYS B 363 0.47 18.37 22.12
N VAL B 364 0.74 17.13 22.52
CA VAL B 364 1.93 16.82 23.34
C VAL B 364 3.27 17.18 22.65
N ARG B 365 3.41 16.85 21.37
CA ARG B 365 4.65 17.13 20.64
C ARG B 365 4.90 18.65 20.47
N LYS B 366 3.80 19.42 20.39
CA LYS B 366 3.87 20.89 20.30
C LYS B 366 4.03 21.60 21.66
N ARG B 367 4.16 20.85 22.75
CA ARG B 367 4.41 21.47 24.07
C ARG B 367 5.62 20.85 24.74
N VAL C 9 6.52 -41.58 -2.37
CA VAL C 9 5.18 -41.33 -2.96
C VAL C 9 5.15 -39.92 -3.54
N GLU C 10 4.31 -39.74 -4.56
CA GLU C 10 4.31 -38.53 -5.38
C GLU C 10 4.10 -37.25 -4.55
N HIS C 11 3.16 -37.30 -3.60
CA HIS C 11 2.94 -36.13 -2.73
C HIS C 11 4.17 -35.71 -1.96
N VAL C 12 4.88 -36.67 -1.38
CA VAL C 12 6.12 -36.36 -0.64
C VAL C 12 7.23 -35.84 -1.59
N GLU C 13 7.36 -36.48 -2.75
CA GLU C 13 8.32 -36.08 -3.80
C GLU C 13 8.15 -34.61 -4.22
N ILE C 14 6.92 -34.22 -4.53
CA ILE C 14 6.57 -32.85 -4.90
C ILE C 14 6.79 -31.86 -3.73
N ALA C 15 6.25 -32.17 -2.55
CA ALA C 15 6.42 -31.29 -1.37
C ALA C 15 7.89 -31.05 -1.03
N ALA C 16 8.66 -32.14 -0.94
CA ALA C 16 10.07 -32.04 -0.56
C ALA C 16 10.96 -31.35 -1.62
N PHE C 17 10.72 -31.60 -2.90
CA PHE C 17 11.71 -31.19 -3.91
C PHE C 17 11.20 -30.24 -4.99
N GLU C 18 9.91 -29.94 -5.05
CA GLU C 18 9.40 -28.90 -5.97
C GLU C 18 9.17 -27.58 -5.23
N ASN C 19 8.88 -26.52 -5.99
CA ASN C 19 8.66 -25.18 -5.43
C ASN C 19 7.18 -24.97 -5.07
N VAL C 20 6.81 -25.46 -3.88
CA VAL C 20 5.41 -25.40 -3.44
C VAL C 20 5.22 -24.80 -2.06
N ASP C 21 6.32 -24.38 -1.42
CA ASP C 21 6.22 -23.81 -0.08
C ASP C 21 5.93 -22.32 -0.23
N GLY C 22 4.69 -21.92 0.10
CA GLY C 22 4.31 -20.51 0.02
C GLY C 22 4.14 -19.97 -1.39
N LEU C 23 4.01 -20.86 -2.36
CA LEU C 23 3.89 -20.46 -3.77
C LEU C 23 2.65 -19.60 -4.02
N SER C 24 2.88 -18.34 -4.39
CA SER C 24 1.81 -17.38 -4.64
C SER C 24 0.83 -17.24 -3.47
N SER C 25 1.27 -17.56 -2.28
CA SER C 25 0.40 -17.50 -1.11
C SER C 25 1.13 -16.75 0.02
N SER C 26 0.42 -16.48 1.13
CA SER C 26 0.94 -15.65 2.23
C SER C 26 0.32 -16.05 3.55
N THR C 27 1.14 -16.18 4.60
CA THR C 27 0.62 -16.43 5.97
C THR C 27 0.01 -15.16 6.61
N PHE C 28 0.29 -14.00 6.00
CA PHE C 28 0.02 -12.69 6.61
C PHE C 28 0.83 -12.44 7.90
N LEU C 29 1.81 -13.28 8.21
CA LEU C 29 2.56 -13.06 9.48
C LEU C 29 3.52 -11.87 9.43
N ASN C 30 3.86 -11.44 8.22
CA ASN C 30 4.66 -10.24 8.05
C ASN C 30 3.89 -8.98 8.49
N ASP C 31 2.58 -9.10 8.66
CA ASP C 31 1.74 -7.97 9.11
C ASP C 31 1.64 -7.91 10.63
N VAL C 32 2.35 -8.83 11.29
CA VAL C 32 2.34 -8.95 12.76
C VAL C 32 3.73 -8.61 13.26
N ILE C 33 3.82 -7.59 14.11
CA ILE C 33 5.08 -7.22 14.70
C ILE C 33 5.03 -7.45 16.21
N LEU C 34 6.03 -8.15 16.75
CA LEU C 34 6.23 -8.26 18.18
C LEU C 34 7.00 -7.02 18.66
N VAL C 35 6.50 -6.35 19.70
CA VAL C 35 7.11 -5.09 20.13
C VAL C 35 8.39 -5.39 20.91
N HIS C 36 9.51 -4.89 20.40
CA HIS C 36 10.79 -4.99 21.09
C HIS C 36 10.81 -4.23 22.43
N GLN C 37 11.35 -4.89 23.45
CA GLN C 37 11.50 -4.30 24.76
C GLN C 37 12.98 -4.22 25.09
N GLY C 38 13.54 -3.00 25.05
CA GLY C 38 14.98 -2.79 25.30
C GLY C 38 15.43 -3.13 26.71
N PHE C 39 14.50 -3.05 27.66
CA PHE C 39 14.76 -3.61 28.98
C PHE C 39 13.77 -4.74 29.20
N PRO C 40 14.16 -5.98 28.81
CA PRO C 40 13.24 -7.11 28.91
C PRO C 40 12.70 -7.41 30.34
N GLY C 41 13.54 -7.28 31.36
CA GLY C 41 13.09 -7.48 32.74
C GLY C 41 13.13 -8.94 33.15
N ILE C 42 13.90 -9.72 32.38
CA ILE C 42 14.04 -11.14 32.57
C ILE C 42 15.46 -11.45 32.11
N SER C 43 15.96 -12.65 32.41
CA SER C 43 17.21 -13.06 31.80
C SER C 43 16.97 -14.26 30.92
N PHE C 44 17.89 -14.53 29.99
CA PHE C 44 17.68 -15.55 28.98
C PHE C 44 17.55 -16.98 29.56
N SER C 45 18.31 -17.25 30.62
CA SER C 45 18.30 -18.57 31.24
C SER C 45 17.05 -18.83 32.08
N GLU C 46 16.34 -17.80 32.51
CA GLU C 46 15.10 -18.02 33.25
C GLU C 46 13.90 -18.32 32.31
N ILE C 47 14.09 -18.21 31.00
CA ILE C 47 12.97 -18.39 30.06
C ILE C 47 12.50 -19.84 30.09
N ASN C 48 11.20 -20.00 30.25
CA ASN C 48 10.57 -21.30 30.36
C ASN C 48 9.60 -21.52 29.18
N THR C 49 9.92 -22.49 28.32
CA THR C 49 9.14 -22.76 27.10
C THR C 49 8.16 -23.93 27.27
N LYS C 50 8.06 -24.44 28.49
CA LYS C 50 7.19 -25.58 28.77
C LYS C 50 5.74 -25.15 28.68
N THR C 51 4.93 -26.05 28.12
CA THR C 51 3.50 -25.81 28.11
C THR C 51 2.67 -27.09 28.21
N LYS C 52 1.35 -26.96 28.27
CA LYS C 52 0.49 -28.12 28.36
C LYS C 52 -0.01 -28.57 26.97
N PHE C 53 -0.13 -29.89 26.80
CA PHE C 53 -0.73 -30.47 25.62
C PHE C 53 -1.66 -31.56 26.13
N PHE C 54 -2.93 -31.21 26.27
CA PHE C 54 -3.92 -32.01 27.00
C PHE C 54 -3.34 -32.40 28.36
N ARG C 55 -3.20 -33.68 28.65
CA ARG C 55 -2.80 -34.08 29.99
C ARG C 55 -1.30 -34.19 30.20
N LYS C 56 -0.53 -33.95 29.13
CA LYS C 56 0.93 -34.04 29.17
C LYS C 56 1.55 -32.64 29.21
N GLU C 57 2.81 -32.57 29.63
CA GLU C 57 3.58 -31.35 29.50
C GLU C 57 4.57 -31.53 28.37
N ILE C 58 4.67 -30.50 27.53
CA ILE C 58 5.66 -30.52 26.46
C ILE C 58 6.77 -29.47 26.74
N SER C 59 7.93 -29.65 26.14
CA SER C 59 9.10 -28.85 26.50
C SER C 59 9.15 -27.50 25.81
N VAL C 60 8.44 -27.43 24.68
CA VAL C 60 8.43 -26.26 23.79
C VAL C 60 7.00 -26.17 23.24
N PRO C 61 6.47 -24.96 23.01
CA PRO C 61 5.09 -24.86 22.45
C PRO C 61 5.03 -25.02 20.92
N VAL C 62 5.52 -26.15 20.43
CA VAL C 62 5.53 -26.42 19.00
C VAL C 62 5.25 -27.91 18.84
N MET C 63 4.50 -28.27 17.80
CA MET C 63 4.30 -29.68 17.46
C MET C 63 4.69 -29.93 15.99
N VAL C 64 5.08 -31.17 15.70
CA VAL C 64 5.11 -31.62 14.31
C VAL C 64 3.72 -32.11 13.95
N THR C 65 3.16 -31.58 12.88
CA THR C 65 1.85 -32.03 12.42
C THR C 65 1.96 -33.16 11.39
N GLY C 66 0.84 -33.85 11.14
CA GLY C 66 0.83 -35.11 10.39
C GLY C 66 1.33 -35.01 8.96
N MET C 67 2.11 -36.00 8.54
CA MET C 67 2.57 -36.10 7.15
C MET C 67 2.57 -37.52 6.63
N THR C 68 1.86 -37.69 5.54
CA THR C 68 1.68 -38.94 4.85
C THR C 68 2.94 -39.33 4.04
N ASN C 72 7.40 -48.83 4.04
CA ASN C 72 8.69 -48.90 4.73
C ASN C 72 9.46 -47.57 4.73
N GLU C 73 9.51 -46.91 3.58
CA GLU C 73 10.25 -45.66 3.43
C GLU C 73 9.55 -44.47 4.13
N LEU C 74 8.23 -44.54 4.21
CA LEU C 74 7.44 -43.54 4.91
C LEU C 74 7.58 -43.73 6.43
N GLY C 75 7.80 -44.98 6.83
CA GLY C 75 8.03 -45.33 8.23
C GLY C 75 9.41 -45.00 8.76
N ARG C 76 10.41 -44.86 7.89
CA ARG C 76 11.73 -44.45 8.38
C ARG C 76 11.84 -42.94 8.63
N ILE C 77 11.14 -42.14 7.82
CA ILE C 77 11.03 -40.72 8.09
C ILE C 77 10.24 -40.49 9.38
N ASN C 78 9.11 -41.20 9.55
CA ASN C 78 8.36 -41.14 10.81
C ASN C 78 9.22 -41.52 12.00
N LYS C 79 10.03 -42.57 11.85
CA LYS C 79 10.90 -43.05 12.93
C LYS C 79 11.89 -41.97 13.35
N ILE C 80 12.52 -41.32 12.37
CA ILE C 80 13.46 -40.23 12.63
C ILE C 80 12.79 -39.04 13.32
N ILE C 81 11.64 -38.64 12.79
CA ILE C 81 10.89 -37.50 13.36
C ILE C 81 10.47 -37.82 14.80
N ALA C 82 9.89 -38.99 14.99
CA ALA C 82 9.54 -39.51 16.31
C ALA C 82 10.71 -39.58 17.29
N GLU C 83 11.87 -40.09 16.89
CA GLU C 83 12.96 -40.13 17.88
C GLU C 83 13.47 -38.74 18.25
N VAL C 84 13.49 -37.82 17.29
CA VAL C 84 13.94 -36.45 17.56
C VAL C 84 12.89 -35.68 18.38
N ALA C 85 11.62 -35.83 18.03
CA ALA C 85 10.54 -35.24 18.81
C ALA C 85 10.57 -35.69 20.27
N GLU C 86 10.73 -37.00 20.50
CA GLU C 86 10.91 -37.55 21.85
C GLU C 86 12.09 -36.87 22.53
N LYS C 87 13.22 -36.78 21.82
CA LYS C 87 14.43 -36.15 22.36
C LYS C 87 14.16 -34.73 22.84
N PHE C 88 13.39 -33.97 22.06
CA PHE C 88 13.18 -32.56 22.36
C PHE C 88 11.92 -32.28 23.19
N GLY C 89 11.14 -33.32 23.45
CA GLY C 89 9.91 -33.19 24.27
C GLY C 89 8.76 -32.48 23.57
N ILE C 90 8.69 -32.66 22.25
CA ILE C 90 7.65 -32.01 21.45
C ILE C 90 6.62 -33.01 20.89
N PRO C 91 5.34 -32.63 20.86
CA PRO C 91 4.33 -33.56 20.33
C PRO C 91 4.46 -33.82 18.83
N MET C 92 4.03 -35.00 18.40
CA MET C 92 4.12 -35.40 17.00
C MET C 92 2.82 -36.02 16.50
N GLY C 93 2.22 -35.41 15.47
CA GLY C 93 1.12 -36.04 14.72
C GLY C 93 1.70 -36.92 13.62
N VAL C 94 1.10 -38.09 13.40
CA VAL C 94 1.46 -38.91 12.25
C VAL C 94 0.58 -38.49 11.08
N GLY C 95 0.95 -38.88 9.87
CA GLY C 95 0.07 -38.66 8.72
C GLY C 95 -1.04 -39.70 8.67
N SER C 96 -1.87 -39.62 7.64
CA SER C 96 -3.07 -40.41 7.57
C SER C 96 -2.84 -41.89 7.82
N GLN C 97 -3.60 -42.47 8.74
CA GLN C 97 -3.54 -43.90 9.03
C GLN C 97 -4.54 -44.75 8.23
N ARG C 98 -5.09 -44.20 7.15
CA ARG C 98 -6.06 -44.93 6.33
C ARG C 98 -5.50 -46.27 5.84
N VAL C 99 -4.30 -46.21 5.27
CA VAL C 99 -3.68 -47.40 4.68
C VAL C 99 -3.45 -48.49 5.75
N ALA C 100 -3.18 -48.06 6.98
CA ALA C 100 -2.97 -48.98 8.10
C ALA C 100 -4.27 -49.60 8.66
N ILE C 101 -5.39 -48.88 8.51
CA ILE C 101 -6.71 -49.45 8.83
C ILE C 101 -7.09 -50.44 7.74
N GLU C 102 -6.72 -50.10 6.51
CA GLU C 102 -7.06 -50.91 5.37
C GLU C 102 -6.13 -52.13 5.18
N LYS C 103 -4.87 -52.04 5.61
CA LYS C 103 -3.88 -53.11 5.41
C LYS C 103 -2.99 -53.36 6.63
N ALA C 104 -3.00 -54.59 7.13
CA ALA C 104 -2.26 -54.95 8.37
C ALA C 104 -0.77 -54.65 8.29
N GLU C 105 -0.17 -54.86 7.12
CA GLU C 105 1.25 -54.64 6.89
C GLU C 105 1.70 -53.20 7.13
N ALA C 106 0.81 -52.25 6.80
CA ALA C 106 1.12 -50.81 6.92
C ALA C 106 1.21 -50.30 8.37
N ARG C 107 0.79 -51.14 9.31
CA ARG C 107 0.76 -50.81 10.74
C ARG C 107 2.12 -50.51 11.36
N GLU C 108 3.11 -51.32 11.03
CA GLU C 108 4.46 -51.16 11.58
C GLU C 108 5.05 -49.77 11.34
N SER C 109 4.90 -49.24 10.12
CA SER C 109 5.39 -47.89 9.78
C SER C 109 4.80 -46.74 10.63
N PHE C 110 3.74 -47.07 11.38
CA PHE C 110 3.20 -46.18 12.41
C PHE C 110 3.63 -46.62 13.81
N ALA C 111 3.33 -47.86 14.16
CA ALA C 111 3.66 -48.43 15.46
C ALA C 111 5.05 -48.03 15.99
N ILE C 112 6.10 -48.24 15.18
CA ILE C 112 7.48 -47.83 15.50
C ILE C 112 7.54 -46.50 16.26
N VAL C 113 6.66 -45.58 15.88
CA VAL C 113 6.51 -44.27 16.52
C VAL C 113 6.56 -44.37 18.05
N ARG C 114 5.84 -45.33 18.60
CA ARG C 114 5.65 -45.37 20.05
C ARG C 114 6.79 -46.13 20.73
N LYS C 115 7.47 -47.00 19.97
CA LYS C 115 8.68 -47.69 20.42
C LYS C 115 9.86 -46.74 20.57
N VAL C 116 9.85 -45.70 19.76
CA VAL C 116 10.97 -44.79 19.61
C VAL C 116 10.63 -43.50 20.37
N ALA C 117 9.34 -43.28 20.59
CA ALA C 117 8.88 -42.06 21.25
C ALA C 117 7.87 -42.41 22.33
N PRO C 118 8.34 -43.02 23.45
CA PRO C 118 7.41 -43.53 24.47
C PRO C 118 6.68 -42.49 25.32
N THR C 119 7.21 -41.27 25.39
CA THR C 119 6.69 -40.36 26.40
C THR C 119 5.91 -39.15 25.84
N ILE C 120 6.34 -38.60 24.70
CA ILE C 120 5.69 -37.41 24.15
C ILE C 120 4.23 -37.65 23.75
N PRO C 121 3.43 -36.56 23.60
CA PRO C 121 2.12 -36.75 23.03
C PRO C 121 2.27 -37.19 21.58
N ILE C 122 1.50 -38.21 21.20
CA ILE C 122 1.45 -38.66 19.82
C ILE C 122 0.02 -38.56 19.32
N ILE C 123 -0.17 -37.92 18.16
CA ILE C 123 -1.52 -37.66 17.66
C ILE C 123 -1.83 -38.47 16.42
N ALA C 124 -2.85 -39.34 16.53
CA ALA C 124 -3.29 -40.13 15.41
C ALA C 124 -3.86 -39.24 14.31
N ASN C 125 -4.11 -39.83 13.15
CA ASN C 125 -4.58 -39.06 11.99
C ASN C 125 -5.49 -39.85 11.07
N LEU C 126 -6.72 -39.34 10.90
CA LEU C 126 -7.65 -39.82 9.88
C LEU C 126 -8.32 -38.62 9.17
N GLY C 127 -8.67 -38.80 7.90
CA GLY C 127 -9.30 -37.73 7.13
C GLY C 127 -10.79 -37.60 7.34
N MET C 128 -11.29 -36.37 7.28
CA MET C 128 -12.73 -36.16 7.16
C MET C 128 -13.33 -36.92 5.96
N PRO C 129 -12.62 -37.05 4.83
CA PRO C 129 -13.14 -37.93 3.76
C PRO C 129 -13.42 -39.40 4.20
N GLN C 130 -12.68 -39.91 5.18
CA GLN C 130 -12.96 -41.25 5.74
C GLN C 130 -14.27 -41.29 6.52
N LEU C 131 -14.64 -40.16 7.12
CA LEU C 131 -15.89 -40.06 7.87
C LEU C 131 -17.09 -39.90 6.95
N VAL C 132 -16.89 -39.28 5.79
CA VAL C 132 -17.99 -39.27 4.83
C VAL C 132 -18.15 -40.68 4.25
N LYS C 133 -17.06 -41.45 4.24
CA LYS C 133 -17.05 -42.81 3.69
C LYS C 133 -17.20 -43.98 4.70
N GLY C 134 -17.91 -43.86 5.79
CA GLY C 134 -18.09 -45.19 6.48
C GLY C 134 -17.05 -45.71 7.48
N TYR C 135 -15.95 -44.98 7.67
CA TYR C 135 -15.23 -45.10 8.94
C TYR C 135 -16.20 -44.68 10.04
N GLY C 136 -16.03 -45.26 11.22
CA GLY C 136 -16.86 -44.96 12.37
C GLY C 136 -15.98 -45.19 13.59
N LEU C 137 -16.63 -45.47 14.72
CA LEU C 137 -15.94 -45.58 16.01
C LEU C 137 -14.74 -46.53 16.00
N LYS C 138 -14.94 -47.77 15.55
CA LYS C 138 -13.88 -48.79 15.67
C LYS C 138 -12.62 -48.39 14.93
N GLU C 139 -12.80 -47.87 13.72
CA GLU C 139 -11.68 -47.43 12.88
C GLU C 139 -10.88 -46.35 13.57
N PHE C 140 -11.60 -45.42 14.21
CA PHE C 140 -11.01 -44.35 15.02
C PHE C 140 -10.23 -44.85 16.24
N GLN C 141 -10.85 -45.73 17.03
CA GLN C 141 -10.19 -46.47 18.13
C GLN C 141 -8.95 -47.24 17.70
N ASP C 142 -9.02 -47.93 16.56
CA ASP C 142 -7.88 -48.69 16.05
C ASP C 142 -6.70 -47.78 15.69
N ALA C 143 -6.99 -46.63 15.08
CA ALA C 143 -5.96 -45.66 14.70
C ALA C 143 -5.25 -45.17 15.96
N ILE C 144 -6.04 -44.85 16.98
CA ILE C 144 -5.51 -44.43 18.26
C ILE C 144 -4.66 -45.54 18.93
N GLN C 145 -5.21 -46.74 19.01
CA GLN C 145 -4.54 -47.85 19.72
C GLN C 145 -3.19 -48.22 19.06
N MET C 146 -3.15 -48.21 17.74
CA MET C 146 -1.97 -48.58 16.95
C MET C 146 -0.68 -47.84 17.39
N ILE C 147 -0.85 -46.63 17.93
CA ILE C 147 0.28 -45.79 18.34
C ILE C 147 0.09 -45.24 19.78
N GLU C 148 -0.84 -45.85 20.52
CA GLU C 148 -1.22 -45.39 21.87
C GLU C 148 -1.25 -43.87 21.87
N ALA C 149 -2.02 -43.33 20.94
CA ALA C 149 -2.15 -41.87 20.75
C ALA C 149 -2.81 -41.17 21.95
N ASP C 150 -2.40 -39.92 22.16
CA ASP C 150 -2.98 -39.04 23.15
C ASP C 150 -4.12 -38.14 22.61
N ALA C 151 -4.31 -38.15 21.30
CA ALA C 151 -5.37 -37.38 20.64
C ALA C 151 -5.49 -37.91 19.24
N ILE C 152 -6.54 -37.54 18.51
CA ILE C 152 -6.57 -37.87 17.08
C ILE C 152 -6.86 -36.59 16.28
N ALA C 153 -6.14 -36.42 15.15
CA ALA C 153 -6.46 -35.30 14.29
C ALA C 153 -7.32 -35.76 13.14
N VAL C 154 -8.39 -35.03 12.87
CA VAL C 154 -9.10 -35.26 11.63
C VAL C 154 -8.94 -34.07 10.68
N HIS C 155 -8.42 -34.36 9.48
CA HIS C 155 -8.03 -33.32 8.54
C HIS C 155 -9.08 -32.99 7.49
N LEU C 156 -9.15 -31.69 7.18
CA LEU C 156 -10.01 -31.13 6.16
C LEU C 156 -9.10 -30.78 5.01
N ASN C 157 -9.40 -31.34 3.85
CA ASN C 157 -8.62 -31.08 2.64
C ASN C 157 -9.50 -30.93 1.35
N PRO C 158 -10.62 -30.16 1.44
CA PRO C 158 -11.47 -30.07 0.25
C PRO C 158 -10.77 -29.47 -0.96
N ALA C 159 -9.84 -28.53 -0.76
CA ALA C 159 -9.15 -27.91 -1.91
C ALA C 159 -8.30 -28.92 -2.65
N GLN C 160 -7.58 -29.74 -1.89
CA GLN C 160 -6.80 -30.82 -2.47
C GLN C 160 -7.66 -31.78 -3.30
N GLU C 161 -8.80 -32.19 -2.76
CA GLU C 161 -9.72 -33.11 -3.43
C GLU C 161 -10.30 -32.52 -4.71
N VAL C 162 -10.58 -31.21 -4.68
CA VAL C 162 -11.17 -30.51 -5.81
C VAL C 162 -10.23 -30.57 -7.03
N PHE C 163 -8.93 -30.35 -6.78
CA PHE C 163 -7.94 -30.15 -7.85
C PHE C 163 -7.12 -31.39 -8.22
N GLN C 164 -7.27 -32.45 -7.43
CA GLN C 164 -6.58 -33.69 -7.74
C GLN C 164 -7.14 -34.29 -9.04
N PRO C 165 -6.28 -35.00 -9.82
CA PRO C 165 -6.79 -35.53 -11.09
C PRO C 165 -8.00 -36.45 -10.87
N GLU C 166 -7.94 -37.27 -9.82
CA GLU C 166 -8.92 -38.33 -9.61
C GLU C 166 -10.00 -37.97 -8.59
N GLY C 167 -11.22 -37.73 -9.06
CA GLY C 167 -12.38 -37.68 -8.14
C GLY C 167 -12.74 -36.32 -7.55
N GLU C 168 -13.70 -36.33 -6.61
CA GLU C 168 -14.32 -35.08 -6.15
C GLU C 168 -14.84 -35.08 -4.70
N PRO C 169 -14.65 -33.96 -4.00
CA PRO C 169 -14.90 -33.88 -2.57
C PRO C 169 -16.34 -34.03 -2.14
N GLU C 170 -16.50 -34.62 -0.96
CA GLU C 170 -17.79 -34.78 -0.30
C GLU C 170 -17.60 -34.43 1.15
N TYR C 171 -18.32 -33.41 1.59
CA TYR C 171 -18.24 -32.92 2.95
C TYR C 171 -19.63 -32.64 3.51
N GLN C 172 -20.53 -33.63 3.38
CA GLN C 172 -21.90 -33.50 3.93
C GLN C 172 -21.94 -33.45 5.44
N ILE C 173 -23.03 -32.88 5.96
CA ILE C 173 -23.23 -32.69 7.38
C ILE C 173 -23.27 -33.96 8.26
N TYR C 174 -23.77 -35.07 7.73
CA TYR C 174 -23.78 -36.34 8.49
C TYR C 174 -22.38 -36.79 8.95
N ALA C 175 -21.34 -36.37 8.22
CA ALA C 175 -19.96 -36.68 8.63
C ALA C 175 -19.66 -36.00 9.97
N LEU C 176 -20.23 -34.82 10.19
CA LEU C 176 -20.08 -34.12 11.48
C LEU C 176 -20.92 -34.76 12.55
N GLU C 177 -22.08 -35.25 12.15
CA GLU C 177 -22.92 -35.99 13.07
C GLU C 177 -22.15 -37.22 13.53
N LYS C 178 -21.49 -37.88 12.58
CA LYS C 178 -20.64 -39.03 12.91
C LYS C 178 -19.45 -38.67 13.81
N LEU C 179 -18.79 -37.56 13.54
CA LEU C 179 -17.65 -37.14 14.38
C LEU C 179 -18.14 -36.92 15.81
N ARG C 180 -19.28 -36.25 15.93
CA ARG C 180 -19.89 -35.93 17.23
C ARG C 180 -20.14 -37.21 18.00
N ASP C 181 -20.77 -38.18 17.34
CA ASP C 181 -21.02 -39.48 17.94
C ASP C 181 -19.74 -40.21 18.34
N ILE C 182 -18.77 -40.24 17.44
CA ILE C 182 -17.48 -40.87 17.74
C ILE C 182 -16.81 -40.26 18.98
N SER C 183 -16.78 -38.94 19.02
CA SER C 183 -16.15 -38.19 20.12
C SER C 183 -16.66 -38.60 21.49
N LYS C 184 -17.85 -39.20 21.50
CA LYS C 184 -18.48 -39.59 22.77
C LYS C 184 -17.97 -40.88 23.37
N GLU C 185 -17.39 -41.72 22.52
CA GLU C 185 -16.86 -42.99 22.99
C GLU C 185 -15.36 -43.09 22.84
N LEU C 186 -14.74 -42.04 22.30
CA LEU C 186 -13.28 -41.97 22.22
C LEU C 186 -12.66 -41.65 23.58
N SER C 187 -11.53 -42.29 23.88
CA SER C 187 -10.78 -42.07 25.11
C SER C 187 -9.87 -40.83 25.10
N VAL C 188 -9.67 -40.24 23.92
CA VAL C 188 -8.76 -39.11 23.76
C VAL C 188 -9.46 -38.03 22.92
N PRO C 189 -9.00 -36.76 23.06
CA PRO C 189 -9.59 -35.64 22.34
C PRO C 189 -9.37 -35.67 20.85
N ILE C 190 -10.28 -35.00 20.14
CA ILE C 190 -10.21 -34.85 18.71
C ILE C 190 -9.72 -33.44 18.39
N ILE C 191 -8.74 -33.36 17.48
CA ILE C 191 -8.32 -32.07 16.92
C ILE C 191 -8.80 -32.00 15.46
N VAL C 192 -9.46 -30.91 15.07
CA VAL C 192 -9.77 -30.74 13.65
C VAL C 192 -8.78 -29.76 13.01
N LYS C 193 -8.13 -30.20 11.93
CA LYS C 193 -7.09 -29.39 11.26
C LYS C 193 -7.37 -29.22 9.78
N GLU C 194 -6.89 -28.14 9.19
CA GLU C 194 -6.95 -28.01 7.74
C GLU C 194 -5.65 -28.57 7.19
N SER C 195 -5.37 -28.28 5.93
CA SER C 195 -4.22 -28.87 5.28
C SER C 195 -3.58 -27.86 4.34
N GLY C 196 -3.55 -26.60 4.75
CA GLY C 196 -2.93 -25.56 3.92
C GLY C 196 -3.81 -24.44 3.47
N ASN C 197 -5.12 -24.53 3.74
CA ASN C 197 -6.07 -23.50 3.31
C ASN C 197 -6.84 -22.81 4.43
N GLY C 198 -6.58 -23.22 5.68
CA GLY C 198 -6.95 -22.38 6.82
C GLY C 198 -8.36 -22.58 7.31
N ILE C 199 -8.59 -22.19 8.57
CA ILE C 199 -9.90 -22.36 9.19
C ILE C 199 -10.52 -20.99 9.47
N SER C 200 -11.71 -20.79 8.91
CA SER C 200 -12.47 -19.58 9.02
C SER C 200 -13.34 -19.62 10.28
N MET C 201 -13.84 -18.46 10.67
CA MET C 201 -14.77 -18.43 11.79
C MET C 201 -16.05 -19.22 11.54
N GLU C 202 -16.55 -19.25 10.30
CA GLU C 202 -17.77 -20.02 10.02
C GLU C 202 -17.50 -21.50 10.19
N THR C 203 -16.33 -21.96 9.70
CA THR C 203 -15.96 -23.36 9.86
C THR C 203 -15.70 -23.75 11.32
N ALA C 204 -15.06 -22.86 12.08
CA ALA C 204 -14.74 -23.13 13.48
C ALA C 204 -16.02 -23.22 14.28
N LYS C 205 -16.92 -22.26 14.07
CA LYS C 205 -18.20 -22.21 14.78
C LYS C 205 -19.06 -23.45 14.48
N LEU C 206 -19.09 -23.88 13.22
CA LEU C 206 -19.77 -25.11 12.84
C LEU C 206 -19.18 -26.32 13.57
N LEU C 207 -17.86 -26.49 13.50
CA LEU C 207 -17.21 -27.60 14.19
C LEU C 207 -17.48 -27.55 15.68
N TYR C 208 -17.44 -26.36 16.23
CA TYR C 208 -17.71 -26.16 17.65
C TYR C 208 -19.13 -26.60 18.06
N SER C 209 -20.11 -26.27 17.23
CA SER C 209 -21.51 -26.67 17.47
C SER C 209 -21.72 -28.20 17.53
N TYR C 210 -20.78 -28.97 16.97
CA TYR C 210 -20.76 -30.42 17.01
C TYR C 210 -19.79 -30.96 18.09
N GLY C 211 -19.26 -30.08 18.94
CA GLY C 211 -18.45 -30.51 20.07
C GLY C 211 -16.93 -30.40 19.90
N ILE C 212 -16.48 -29.88 18.75
CA ILE C 212 -15.03 -29.75 18.51
C ILE C 212 -14.49 -28.50 19.24
N LYS C 213 -13.46 -28.72 20.05
CA LYS C 213 -12.91 -27.72 20.95
C LYS C 213 -11.45 -27.41 20.59
N ASN C 214 -10.87 -28.26 19.75
CA ASN C 214 -9.43 -28.25 19.47
C ASN C 214 -9.24 -28.11 17.97
N PHE C 215 -8.47 -27.09 17.57
CA PHE C 215 -8.33 -26.70 16.16
C PHE C 215 -6.86 -26.50 15.80
N ASP C 216 -6.53 -26.75 14.54
CA ASP C 216 -5.17 -26.53 14.02
C ASP C 216 -5.38 -25.80 12.70
N THR C 217 -5.03 -24.53 12.71
CA THR C 217 -5.38 -23.62 11.61
C THR C 217 -4.92 -24.14 10.24
N SER C 218 -3.70 -24.65 10.15
CA SER C 218 -3.10 -25.02 8.84
C SER C 218 -3.52 -24.07 7.70
N GLY C 219 -3.19 -22.79 7.82
CA GLY C 219 -3.61 -21.77 6.86
C GLY C 219 -2.71 -21.70 5.65
N GLN C 220 -3.08 -20.83 4.70
CA GLN C 220 -2.24 -20.66 3.50
C GLN C 220 -0.93 -19.91 3.83
N GLY C 221 0.09 -20.09 2.98
CA GLY C 221 1.36 -19.40 3.17
C GLY C 221 2.51 -20.36 3.41
N GLY C 222 2.18 -21.61 3.76
CA GLY C 222 3.18 -22.68 3.88
C GLY C 222 2.91 -23.64 2.75
N THR C 223 2.90 -24.94 3.05
CA THR C 223 2.67 -25.97 2.04
C THR C 223 1.40 -25.66 1.26
N ASN C 224 1.53 -25.61 -0.05
CA ASN C 224 0.42 -25.25 -0.91
C ASN C 224 -0.05 -26.50 -1.62
N TRP C 225 -1.12 -27.10 -1.11
CA TRP C 225 -1.64 -28.34 -1.67
C TRP C 225 -2.29 -28.21 -3.03
N ILE C 226 -2.83 -27.03 -3.32
CA ILE C 226 -3.38 -26.72 -4.62
C ILE C 226 -2.23 -26.67 -5.64
N ALA C 227 -1.08 -26.16 -5.22
CA ALA C 227 0.12 -26.16 -6.07
C ALA C 227 0.65 -27.57 -6.25
N ILE C 228 0.62 -28.39 -5.19
CA ILE C 228 0.99 -29.81 -5.30
C ILE C 228 0.13 -30.54 -6.35
N GLU C 229 -1.18 -30.35 -6.28
CA GLU C 229 -2.07 -30.98 -7.25
C GLU C 229 -1.94 -30.40 -8.66
N MET C 230 -1.66 -29.11 -8.73
CA MET C 230 -1.38 -28.45 -10.01
C MET C 230 -0.23 -29.20 -10.70
N ILE C 231 0.83 -29.47 -9.93
CA ILE C 231 2.04 -30.17 -10.42
C ILE C 231 1.70 -31.61 -10.81
N ARG C 232 0.90 -32.31 -10.00
CA ARG C 232 0.41 -33.65 -10.38
C ARG C 232 -0.37 -33.58 -11.71
N ASP C 233 -1.21 -32.55 -11.83
CA ASP C 233 -2.02 -32.33 -13.03
C ASP C 233 -1.12 -32.04 -14.24
N ILE C 234 -0.15 -31.14 -14.09
CA ILE C 234 0.82 -30.83 -15.16
C ILE C 234 1.52 -32.11 -15.62
N ARG C 235 1.98 -32.88 -14.65
CA ARG C 235 2.72 -34.14 -14.88
C ARG C 235 1.89 -35.16 -15.67
N ARG C 236 0.56 -35.09 -15.60
CA ARG C 236 -0.27 -35.93 -16.46
C ARG C 236 -0.90 -35.26 -17.68
N GLY C 237 -0.50 -34.02 -17.98
CA GLY C 237 -1.10 -33.30 -19.10
C GLY C 237 -2.57 -33.00 -18.88
N ASN C 238 -2.95 -32.87 -17.60
CA ASN C 238 -4.33 -32.64 -17.19
C ASN C 238 -4.62 -31.15 -17.21
N TRP C 239 -5.64 -30.76 -17.97
CA TRP C 239 -6.00 -29.35 -18.10
C TRP C 239 -6.35 -28.67 -16.76
N LYS C 240 -6.74 -29.47 -15.75
CA LYS C 240 -7.04 -28.92 -14.41
C LYS C 240 -5.89 -28.11 -13.82
N ALA C 241 -4.68 -28.36 -14.32
CA ALA C 241 -3.49 -27.64 -13.90
C ALA C 241 -3.68 -26.13 -14.06
N GLU C 242 -4.29 -25.69 -15.16
CA GLU C 242 -4.48 -24.25 -15.41
C GLU C 242 -5.52 -23.67 -14.44
N SER C 243 -6.51 -24.50 -14.07
CA SER C 243 -7.55 -24.11 -13.13
C SER C 243 -6.94 -24.01 -11.74
N ALA C 244 -6.17 -25.03 -11.35
CA ALA C 244 -5.44 -24.98 -10.07
C ALA C 244 -4.60 -23.71 -9.93
N LYS C 245 -3.87 -23.36 -10.99
CA LYS C 245 -3.07 -22.12 -11.00
C LYS C 245 -3.85 -20.86 -10.59
N ASN C 246 -5.13 -20.81 -10.99
CA ASN C 246 -6.01 -19.69 -10.65
C ASN C 246 -6.36 -19.66 -9.14
N PHE C 247 -6.16 -20.80 -8.47
CA PHE C 247 -6.50 -20.93 -7.05
C PHE C 247 -5.29 -21.05 -6.14
N LEU C 248 -4.08 -20.78 -6.65
CA LEU C 248 -2.87 -20.88 -5.82
C LEU C 248 -2.90 -20.04 -4.52
N ASP C 249 -3.59 -18.90 -4.55
CA ASP C 249 -3.67 -18.03 -3.34
C ASP C 249 -5.01 -18.16 -2.61
N TRP C 250 -5.66 -19.31 -2.81
CA TRP C 250 -6.96 -19.58 -2.21
C TRP C 250 -6.79 -19.93 -0.74
N GLY C 251 -7.69 -19.45 0.13
CA GLY C 251 -7.61 -19.86 1.52
C GLY C 251 -7.43 -18.76 2.53
N VAL C 252 -7.56 -19.11 3.81
CA VAL C 252 -7.34 -18.16 4.88
C VAL C 252 -5.90 -18.18 5.30
N PRO C 253 -5.23 -17.03 5.20
CA PRO C 253 -3.85 -16.98 5.65
C PRO C 253 -3.71 -17.39 7.12
N THR C 254 -2.62 -18.08 7.44
CA THR C 254 -2.39 -18.55 8.80
C THR C 254 -2.66 -17.52 9.89
N ALA C 255 -2.10 -16.31 9.76
CA ALA C 255 -2.30 -15.26 10.79
C ALA C 255 -3.77 -14.91 10.94
N ALA C 256 -4.48 -14.79 9.82
CA ALA C 256 -5.90 -14.46 9.84
C ALA C 256 -6.71 -15.61 10.45
N SER C 257 -6.36 -16.84 10.09
CA SER C 257 -7.03 -18.02 10.68
C SER C 257 -6.88 -18.07 12.20
N ILE C 258 -5.66 -17.88 12.70
CA ILE C 258 -5.46 -17.83 14.14
C ILE C 258 -6.44 -16.82 14.78
N MET C 259 -6.47 -15.61 14.23
CA MET C 259 -7.36 -14.57 14.76
C MET C 259 -8.81 -15.00 14.66
N GLU C 260 -9.21 -15.60 13.53
CA GLU C 260 -10.64 -15.97 13.40
C GLU C 260 -11.08 -17.05 14.37
N VAL C 261 -10.24 -18.06 14.57
CA VAL C 261 -10.59 -19.18 15.44
C VAL C 261 -10.56 -18.73 16.92
N ARG C 262 -9.50 -18.01 17.31
CA ARG C 262 -9.39 -17.48 18.67
C ARG C 262 -10.59 -16.59 19.02
N TYR C 263 -11.01 -15.77 18.07
CA TYR C 263 -12.08 -14.81 18.28
C TYR C 263 -13.44 -15.49 18.33
N SER C 264 -13.66 -16.43 17.42
CA SER C 264 -14.97 -17.09 17.31
C SER C 264 -15.14 -18.22 18.33
N VAL C 265 -14.03 -18.83 18.75
CA VAL C 265 -14.03 -19.87 19.79
C VAL C 265 -12.95 -19.56 20.84
N PRO C 266 -13.24 -18.58 21.72
CA PRO C 266 -12.22 -18.09 22.65
C PRO C 266 -11.68 -19.14 23.60
N ASP C 267 -12.47 -20.16 23.90
CA ASP C 267 -12.05 -21.24 24.80
C ASP C 267 -11.28 -22.36 24.08
N SER C 268 -11.13 -22.27 22.75
CA SER C 268 -10.47 -23.33 21.99
C SER C 268 -9.06 -23.59 22.47
N PHE C 269 -8.59 -24.83 22.27
CA PHE C 269 -7.15 -25.10 22.20
C PHE C 269 -6.71 -25.00 20.72
N LEU C 270 -5.70 -24.16 20.46
CA LEU C 270 -5.45 -23.70 19.10
C LEU C 270 -3.99 -23.95 18.68
N VAL C 271 -3.79 -24.73 17.63
CA VAL C 271 -2.48 -24.89 17.05
C VAL C 271 -2.42 -23.88 15.90
N GLY C 272 -1.39 -23.04 15.88
CA GLY C 272 -1.21 -22.07 14.82
C GLY C 272 -0.21 -22.65 13.85
N SER C 273 -0.68 -23.09 12.70
CA SER C 273 0.19 -23.73 11.71
C SER C 273 -0.12 -23.33 10.27
N GLY C 274 0.78 -23.70 9.36
CA GLY C 274 0.61 -23.35 7.97
C GLY C 274 1.63 -22.27 7.72
N GLY C 275 2.81 -22.67 7.25
CA GLY C 275 3.86 -21.70 6.94
C GLY C 275 4.70 -21.23 8.11
N ILE C 276 4.77 -21.99 9.18
CA ILE C 276 5.64 -21.64 10.30
C ILE C 276 7.03 -22.18 9.96
N ARG C 277 7.98 -21.26 9.74
CA ARG C 277 9.30 -21.62 9.19
C ARG C 277 10.47 -21.18 10.08
N SER C 278 10.17 -20.54 11.21
CA SER C 278 11.18 -20.12 12.16
C SER C 278 10.52 -20.01 13.55
N GLY C 279 11.34 -19.94 14.60
CA GLY C 279 10.82 -19.71 15.96
C GLY C 279 10.20 -18.34 16.15
N LEU C 280 10.62 -17.38 15.32
CA LEU C 280 9.94 -16.08 15.25
C LEU C 280 8.50 -16.24 14.72
N ASP C 281 8.32 -16.93 13.58
CA ASP C 281 6.98 -17.30 13.10
C ASP C 281 6.19 -17.95 14.23
N ALA C 282 6.84 -18.86 14.95
CA ALA C 282 6.16 -19.61 16.02
C ALA C 282 5.73 -18.67 17.15
N ALA C 283 6.66 -17.81 17.58
CA ALA C 283 6.35 -16.77 18.58
C ALA C 283 5.23 -15.83 18.15
N LYS C 284 5.27 -15.38 16.90
CA LYS C 284 4.16 -14.56 16.36
C LYS C 284 2.81 -15.28 16.43
N ALA C 285 2.80 -16.57 16.09
CA ALA C 285 1.55 -17.33 16.01
C ALA C 285 0.91 -17.44 17.40
N ILE C 286 1.76 -17.68 18.40
CA ILE C 286 1.38 -17.83 19.79
C ILE C 286 0.95 -16.46 20.35
N ALA C 287 1.78 -15.43 20.17
CA ALA C 287 1.40 -14.07 20.55
C ALA C 287 0.05 -13.65 19.94
N LEU C 288 -0.17 -13.96 18.67
CA LEU C 288 -1.45 -13.66 18.04
C LEU C 288 -2.66 -14.38 18.62
N GLY C 289 -2.48 -15.57 19.19
CA GLY C 289 -3.63 -16.27 19.73
C GLY C 289 -3.55 -17.79 19.82
N ALA C 290 -2.56 -18.39 19.16
CA ALA C 290 -2.42 -19.83 19.21
C ALA C 290 -1.88 -20.24 20.61
N ASP C 291 -2.19 -21.46 21.03
CA ASP C 291 -1.57 -22.03 22.23
C ASP C 291 -0.22 -22.63 21.92
N ILE C 292 -0.10 -23.20 20.73
CA ILE C 292 1.15 -23.74 20.27
C ILE C 292 1.27 -23.51 18.77
N ALA C 293 2.49 -23.60 18.24
CA ALA C 293 2.68 -23.49 16.79
C ALA C 293 2.89 -24.88 16.20
N GLY C 294 2.48 -25.08 14.95
CA GLY C 294 2.68 -26.37 14.29
C GLY C 294 3.52 -26.23 13.03
N MET C 295 4.29 -27.27 12.72
CA MET C 295 5.11 -27.34 11.49
C MET C 295 5.06 -28.73 10.86
N ALA C 296 5.08 -28.78 9.53
CA ALA C 296 5.18 -30.05 8.84
C ALA C 296 6.35 -30.04 7.81
N LEU C 297 6.16 -29.36 6.69
CA LEU C 297 7.15 -29.39 5.59
C LEU C 297 8.64 -29.21 5.97
N PRO C 298 8.99 -28.16 6.77
CA PRO C 298 10.44 -28.03 7.00
C PRO C 298 11.00 -29.18 7.84
N VAL C 299 10.14 -29.85 8.61
CA VAL C 299 10.55 -31.00 9.40
C VAL C 299 10.80 -32.20 8.47
N LEU C 300 9.91 -32.38 7.50
CA LEU C 300 10.05 -33.43 6.50
C LEU C 300 11.36 -33.25 5.72
N LYS C 301 11.62 -32.01 5.28
CA LYS C 301 12.83 -31.69 4.54
C LYS C 301 14.08 -31.96 5.37
N SER C 302 14.05 -31.65 6.68
CA SER C 302 15.19 -31.92 7.55
C SER C 302 15.36 -33.41 7.80
N ALA C 303 14.28 -34.08 8.20
CA ALA C 303 14.26 -35.53 8.36
C ALA C 303 14.85 -36.27 7.17
N ILE C 304 14.55 -35.81 5.95
CA ILE C 304 15.07 -36.44 4.72
C ILE C 304 16.60 -36.35 4.64
N GLU C 305 17.16 -35.29 5.20
CA GLU C 305 18.61 -35.16 5.26
C GLU C 305 19.18 -36.05 6.36
N GLY C 306 18.38 -36.30 7.40
CA GLY C 306 18.79 -37.20 8.46
C GLY C 306 18.47 -36.66 9.85
N LYS C 307 18.69 -37.52 10.85
CA LYS C 307 18.39 -37.24 12.24
C LYS C 307 19.17 -36.05 12.82
N GLU C 308 20.46 -35.98 12.50
CA GLU C 308 21.27 -34.88 13.00
C GLU C 308 20.81 -33.54 12.39
N SER C 309 20.44 -33.55 11.13
CA SER C 309 19.90 -32.38 10.47
C SER C 309 18.58 -31.91 11.12
N LEU C 310 17.70 -32.85 11.45
CA LEU C 310 16.47 -32.51 12.15
C LEU C 310 16.75 -32.00 13.56
N GLU C 311 17.76 -32.56 14.23
CA GLU C 311 18.09 -32.14 15.58
C GLU C 311 18.53 -30.68 15.55
N GLN C 312 19.35 -30.35 14.55
CA GLN C 312 19.82 -28.98 14.34
C GLN C 312 18.66 -28.05 14.00
N PHE C 313 17.68 -28.55 13.26
CA PHE C 313 16.53 -27.75 12.86
C PHE C 313 15.74 -27.33 14.09
N PHE C 314 15.48 -28.29 14.96
CA PHE C 314 14.78 -27.99 16.21
C PHE C 314 15.57 -27.08 17.14
N ARG C 315 16.89 -27.27 17.23
CA ARG C 315 17.70 -26.36 18.05
C ARG C 315 17.59 -24.93 17.55
N LYS C 316 17.55 -24.78 16.23
CA LYS C 316 17.40 -23.49 15.58
C LYS C 316 16.01 -22.86 15.87
N ILE C 317 14.95 -23.63 15.67
CA ILE C 317 13.57 -23.15 15.97
C ILE C 317 13.46 -22.69 17.42
N ILE C 318 13.94 -23.53 18.35
CA ILE C 318 13.90 -23.22 19.77
C ILE C 318 14.72 -21.94 20.12
N PHE C 319 15.92 -21.82 19.56
CA PHE C 319 16.73 -20.63 19.84
C PHE C 319 15.95 -19.38 19.39
N GLU C 320 15.37 -19.43 18.18
CA GLU C 320 14.66 -18.31 17.61
C GLU C 320 13.41 -17.99 18.42
N LEU C 321 12.76 -19.02 18.95
CA LEU C 321 11.60 -18.79 19.82
C LEU C 321 12.06 -18.09 21.08
N LYS C 322 13.13 -18.59 21.67
CA LYS C 322 13.59 -17.99 22.92
C LYS C 322 14.11 -16.59 22.71
N ALA C 323 14.68 -16.33 21.52
CA ALA C 323 15.13 -14.97 21.19
C ALA C 323 13.95 -14.02 21.19
N ALA C 324 12.87 -14.39 20.51
CA ALA C 324 11.63 -13.55 20.49
C ALA C 324 11.03 -13.36 21.90
N MET C 325 11.05 -14.42 22.70
CA MET C 325 10.61 -14.33 24.10
C MET C 325 11.47 -13.35 24.90
N MET C 326 12.79 -13.52 24.82
CA MET C 326 13.74 -12.64 25.44
C MET C 326 13.50 -11.17 25.09
N LEU C 327 13.39 -10.92 23.78
CA LEU C 327 13.37 -9.56 23.27
C LEU C 327 11.99 -8.93 23.36
N THR C 328 11.04 -9.70 23.87
CA THR C 328 9.73 -9.13 24.21
C THR C 328 9.53 -9.13 25.73
N GLY C 329 10.51 -9.61 26.47
CA GLY C 329 10.42 -9.65 27.94
C GLY C 329 9.39 -10.69 28.39
N SER C 330 9.26 -11.79 27.66
CA SER C 330 8.27 -12.83 27.95
C SER C 330 8.95 -13.99 28.67
N LYS C 331 8.75 -14.13 29.98
CA LYS C 331 9.48 -15.17 30.75
C LYS C 331 8.99 -16.58 30.47
N ASP C 332 7.74 -16.70 30.04
CA ASP C 332 7.18 -17.99 29.70
C ASP C 332 6.12 -17.82 28.60
N VAL C 333 5.53 -18.93 28.17
CA VAL C 333 4.55 -18.98 27.09
C VAL C 333 3.28 -18.17 27.42
N ASP C 334 2.83 -18.24 28.68
CA ASP C 334 1.69 -17.42 29.07
C ASP C 334 1.99 -15.93 28.90
N ALA C 335 3.16 -15.47 29.31
CA ALA C 335 3.62 -14.09 29.03
C ALA C 335 3.65 -13.76 27.53
N LEU C 336 4.15 -14.70 26.72
CA LEU C 336 4.29 -14.47 25.27
C LEU C 336 2.91 -14.25 24.68
N LYS C 337 1.95 -15.07 25.11
CA LYS C 337 0.57 -14.91 24.64
C LYS C 337 -0.07 -13.54 24.94
N LYS C 338 0.48 -12.80 25.90
CA LYS C 338 -0.05 -11.46 26.18
C LYS C 338 0.92 -10.34 25.87
N THR C 339 2.00 -10.66 25.15
CA THR C 339 2.98 -9.62 24.85
C THR C 339 2.45 -8.58 23.86
N SER C 340 3.01 -7.36 23.89
CA SER C 340 2.57 -6.31 22.98
C SER C 340 2.92 -6.62 21.50
N ILE C 341 1.95 -6.38 20.63
CA ILE C 341 2.13 -6.60 19.18
C ILE C 341 1.64 -5.38 18.43
N VAL C 342 1.97 -5.33 17.14
CA VAL C 342 1.34 -4.40 16.23
C VAL C 342 0.80 -5.22 15.06
N ILE C 343 -0.46 -4.94 14.68
CA ILE C 343 -1.08 -5.52 13.49
C ILE C 343 -1.27 -4.43 12.44
N LEU C 344 -0.72 -4.70 11.25
CA LEU C 344 -0.70 -3.76 10.12
C LEU C 344 -1.31 -4.34 8.86
N GLY C 345 -1.43 -3.47 7.85
CA GLY C 345 -1.56 -3.88 6.45
C GLY C 345 -2.77 -4.73 6.14
N LYS C 346 -2.58 -5.76 5.31
CA LYS C 346 -3.71 -6.61 4.88
C LYS C 346 -4.41 -7.37 6.02
N LEU C 347 -3.64 -7.84 7.01
CA LEU C 347 -4.21 -8.62 8.13
C LEU C 347 -5.16 -7.70 8.91
N LYS C 348 -4.71 -6.47 9.13
CA LYS C 348 -5.54 -5.45 9.77
C LYS C 348 -6.84 -5.23 8.98
N GLU C 349 -6.73 -5.09 7.67
CA GLU C 349 -7.89 -4.93 6.80
C GLU C 349 -8.79 -6.17 6.80
N TRP C 350 -8.17 -7.35 6.84
CA TRP C 350 -8.91 -8.63 6.89
C TRP C 350 -9.76 -8.68 8.17
N ALA C 351 -9.07 -8.49 9.30
CA ALA C 351 -9.69 -8.48 10.62
C ALA C 351 -10.87 -7.49 10.70
N GLU C 352 -10.65 -6.26 10.24
CA GLU C 352 -11.67 -5.20 10.23
C GLU C 352 -12.89 -5.62 9.44
N TYR C 353 -12.66 -6.09 8.21
CA TYR C 353 -13.78 -6.48 7.36
C TYR C 353 -14.59 -7.65 7.95
N ARG C 354 -13.89 -8.55 8.64
CA ARG C 354 -14.52 -9.76 9.18
C ARG C 354 -15.15 -9.51 10.55
N GLY C 355 -15.22 -8.24 10.94
CA GLY C 355 -15.87 -7.84 12.19
C GLY C 355 -15.07 -8.12 13.43
N ILE C 356 -13.76 -8.29 13.31
CA ILE C 356 -12.95 -8.52 14.50
C ILE C 356 -12.53 -7.17 15.10
N ASN C 357 -13.26 -6.69 16.13
CA ASN C 357 -12.89 -5.42 16.75
C ASN C 357 -11.54 -5.64 17.39
N LEU C 358 -10.55 -4.91 16.90
CA LEU C 358 -9.16 -5.16 17.30
C LEU C 358 -8.93 -4.87 18.79
N SER C 359 -9.87 -4.13 19.40
CA SER C 359 -9.80 -3.82 20.82
C SER C 359 -10.32 -4.97 21.66
N ILE C 360 -11.48 -5.52 21.33
CA ILE C 360 -11.93 -6.70 22.04
C ILE C 360 -11.07 -7.94 21.69
N TYR C 361 -10.45 -7.96 20.50
CA TYR C 361 -9.56 -9.07 20.15
C TYR C 361 -8.38 -9.18 21.13
N GLU C 362 -7.76 -8.04 21.40
CA GLU C 362 -6.68 -7.92 22.39
C GLU C 362 -7.08 -8.53 23.73
N LYS C 363 -8.24 -8.12 24.22
CA LYS C 363 -8.79 -8.69 25.45
C LYS C 363 -8.80 -10.20 25.38
N VAL C 364 -9.45 -10.75 24.36
CA VAL C 364 -9.58 -12.20 24.16
C VAL C 364 -8.21 -12.92 24.11
N ARG C 365 -7.31 -12.49 23.22
CA ARG C 365 -6.00 -13.17 23.07
C ARG C 365 -5.17 -13.13 24.36
N LYS C 366 -5.38 -12.08 25.16
CA LYS C 366 -4.70 -11.93 26.43
C LYS C 366 -5.30 -12.75 27.59
N ARG C 367 -6.32 -13.56 27.33
CA ARG C 367 -6.89 -14.42 28.38
C ARG C 367 -6.91 -15.88 27.96
N VAL D 9 -12.27 -8.00 -39.73
CA VAL D 9 -12.55 -6.62 -39.23
C VAL D 9 -11.50 -6.14 -38.21
N GLU D 10 -11.11 -4.88 -38.30
CA GLU D 10 -9.94 -4.37 -37.57
C GLU D 10 -10.10 -4.53 -36.06
N HIS D 11 -11.27 -4.16 -35.53
CA HIS D 11 -11.56 -4.31 -34.09
C HIS D 11 -11.39 -5.75 -33.59
N VAL D 12 -11.81 -6.74 -34.38
CA VAL D 12 -11.64 -8.16 -34.02
C VAL D 12 -10.16 -8.57 -34.10
N GLU D 13 -9.52 -8.22 -35.22
CA GLU D 13 -8.07 -8.40 -35.40
C GLU D 13 -7.29 -7.91 -34.18
N ILE D 14 -7.49 -6.65 -33.80
CA ILE D 14 -6.81 -6.09 -32.62
C ILE D 14 -7.18 -6.76 -31.29
N ALA D 15 -8.48 -6.91 -31.02
CA ALA D 15 -8.92 -7.59 -29.80
C ALA D 15 -8.32 -8.97 -29.64
N ALA D 16 -8.37 -9.76 -30.72
CA ALA D 16 -7.93 -11.15 -30.66
C ALA D 16 -6.40 -11.32 -30.62
N PHE D 17 -5.68 -10.45 -31.32
CA PHE D 17 -4.22 -10.68 -31.55
C PHE D 17 -3.26 -9.62 -30.97
N GLU D 18 -3.78 -8.49 -30.51
CA GLU D 18 -2.92 -7.52 -29.85
C GLU D 18 -3.06 -7.61 -28.32
N ASN D 19 -2.15 -6.96 -27.63
CA ASN D 19 -2.11 -6.94 -26.16
C ASN D 19 -3.03 -5.84 -25.63
N VAL D 20 -4.32 -6.12 -25.58
CA VAL D 20 -5.29 -5.09 -25.18
C VAL D 20 -6.18 -5.55 -24.00
N ASP D 21 -6.01 -6.80 -23.57
CA ASP D 21 -6.83 -7.36 -22.49
C ASP D 21 -6.24 -6.93 -21.16
N GLY D 22 -6.92 -5.99 -20.50
CA GLY D 22 -6.46 -5.52 -19.19
C GLY D 22 -5.23 -4.65 -19.25
N LEU D 23 -4.97 -4.06 -20.41
CA LEU D 23 -3.79 -3.23 -20.58
C LEU D 23 -3.88 -1.94 -19.76
N SER D 24 -2.97 -1.81 -18.79
CA SER D 24 -2.91 -0.64 -17.88
C SER D 24 -4.22 -0.42 -17.10
N SER D 25 -5.01 -1.48 -16.96
CA SER D 25 -6.31 -1.38 -16.33
C SER D 25 -6.48 -2.50 -15.30
N SER D 26 -7.56 -2.45 -14.51
CA SER D 26 -7.71 -3.41 -13.42
C SER D 26 -9.19 -3.56 -13.13
N THR D 27 -9.63 -4.80 -12.89
CA THR D 27 -11.01 -5.10 -12.51
C THR D 27 -11.28 -4.82 -11.04
N PHE D 28 -10.20 -4.69 -10.26
CA PHE D 28 -10.24 -4.64 -8.80
C PHE D 28 -10.67 -5.96 -8.15
N LEU D 29 -10.82 -7.04 -8.94
CA LEU D 29 -11.27 -8.31 -8.34
C LEU D 29 -10.22 -8.98 -7.48
N ASN D 30 -8.96 -8.57 -7.61
CA ASN D 30 -7.93 -9.09 -6.69
C ASN D 30 -8.08 -8.54 -5.29
N ASP D 31 -8.92 -7.50 -5.14
CA ASP D 31 -9.23 -6.91 -3.83
C ASP D 31 -10.41 -7.60 -3.13
N VAL D 32 -10.97 -8.59 -3.82
CA VAL D 32 -12.09 -9.41 -3.33
C VAL D 32 -11.58 -10.81 -3.04
N ILE D 33 -11.79 -11.27 -1.81
CA ILE D 33 -11.39 -12.61 -1.41
C ILE D 33 -12.66 -13.37 -0.97
N LEU D 34 -12.85 -14.56 -1.52
CA LEU D 34 -13.92 -15.45 -1.05
C LEU D 34 -13.40 -16.29 0.13
N VAL D 35 -14.12 -16.29 1.25
CA VAL D 35 -13.64 -16.97 2.45
C VAL D 35 -13.69 -18.47 2.27
N HIS D 36 -12.53 -19.13 2.40
CA HIS D 36 -12.43 -20.58 2.34
C HIS D 36 -13.14 -21.25 3.52
N GLN D 37 -13.88 -22.32 3.23
CA GLN D 37 -14.59 -23.08 4.25
C GLN D 37 -14.07 -24.51 4.22
N GLY D 38 -13.19 -24.84 5.16
CA GLY D 38 -12.56 -26.17 5.20
C GLY D 38 -13.53 -27.33 5.39
N PHE D 39 -14.71 -27.03 5.94
CA PHE D 39 -15.81 -27.98 5.95
C PHE D 39 -16.98 -27.41 5.17
N PRO D 40 -17.04 -27.68 3.85
CA PRO D 40 -18.09 -27.11 2.97
C PRO D 40 -19.54 -27.44 3.33
N GLY D 41 -19.79 -28.64 3.82
CA GLY D 41 -21.15 -28.98 4.25
C GLY D 41 -22.00 -29.45 3.08
N ILE D 42 -21.33 -29.73 1.94
CA ILE D 42 -21.97 -30.13 0.69
C ILE D 42 -21.04 -31.06 -0.07
N SER D 43 -21.55 -31.77 -1.08
CA SER D 43 -20.66 -32.48 -2.02
C SER D 43 -20.61 -31.81 -3.39
N PHE D 44 -19.50 -31.98 -4.08
CA PHE D 44 -19.30 -31.40 -5.41
C PHE D 44 -20.45 -31.71 -6.39
N SER D 45 -20.87 -32.99 -6.39
CA SER D 45 -21.88 -33.48 -7.31
C SER D 45 -23.28 -32.90 -7.05
N GLU D 46 -23.54 -32.44 -5.82
CA GLU D 46 -24.81 -31.81 -5.49
C GLU D 46 -24.86 -30.32 -5.87
N ILE D 47 -23.71 -29.71 -6.20
CA ILE D 47 -23.70 -28.27 -6.53
C ILE D 47 -24.64 -27.98 -7.71
N ASN D 48 -25.57 -27.05 -7.52
CA ASN D 48 -26.58 -26.67 -8.50
C ASN D 48 -26.23 -25.28 -9.05
N THR D 49 -25.82 -25.20 -10.31
CA THR D 49 -25.44 -23.92 -10.93
C THR D 49 -26.56 -23.29 -11.75
N LYS D 50 -27.75 -23.87 -11.72
CA LYS D 50 -28.86 -23.34 -12.49
C LYS D 50 -29.32 -21.98 -11.92
N THR D 51 -29.77 -21.08 -12.79
CA THR D 51 -30.33 -19.82 -12.29
C THR D 51 -31.30 -19.25 -13.31
N LYS D 52 -32.04 -18.22 -12.92
CA LYS D 52 -33.04 -17.65 -13.81
C LYS D 52 -32.42 -16.57 -14.69
N PHE D 53 -32.88 -16.52 -15.95
CA PHE D 53 -32.51 -15.45 -16.87
C PHE D 53 -33.80 -15.01 -17.52
N PHE D 54 -34.38 -13.97 -16.93
CA PHE D 54 -35.79 -13.58 -17.19
C PHE D 54 -36.71 -14.81 -17.12
N ARG D 55 -37.38 -15.15 -18.22
CA ARG D 55 -38.41 -16.20 -18.22
C ARG D 55 -37.86 -17.62 -18.35
N LYS D 56 -36.56 -17.72 -18.60
CA LYS D 56 -35.91 -19.00 -18.86
C LYS D 56 -35.02 -19.38 -17.67
N GLU D 57 -34.67 -20.66 -17.61
CA GLU D 57 -33.67 -21.14 -16.66
C GLU D 57 -32.41 -21.45 -17.47
N ILE D 58 -31.25 -21.09 -16.94
CA ILE D 58 -29.99 -21.37 -17.62
C ILE D 58 -29.20 -22.33 -16.75
N SER D 59 -28.23 -23.02 -17.33
CA SER D 59 -27.55 -24.07 -16.61
C SER D 59 -26.41 -23.59 -15.73
N VAL D 60 -25.91 -22.38 -15.99
CA VAL D 60 -24.70 -21.85 -15.34
C VAL D 60 -24.92 -20.34 -15.29
N PRO D 61 -24.56 -19.66 -14.16
CA PRO D 61 -24.79 -18.21 -14.06
C PRO D 61 -23.75 -17.37 -14.80
N VAL D 62 -23.55 -17.66 -16.08
CA VAL D 62 -22.61 -16.93 -16.91
C VAL D 62 -23.25 -16.67 -18.29
N MET D 63 -23.00 -15.50 -18.88
CA MET D 63 -23.42 -15.29 -20.27
C MET D 63 -22.25 -14.90 -21.16
N VAL D 64 -22.44 -15.09 -22.47
CA VAL D 64 -21.54 -14.50 -23.45
C VAL D 64 -22.18 -13.18 -23.83
N THR D 65 -21.44 -12.09 -23.71
CA THR D 65 -21.93 -10.78 -24.11
C THR D 65 -21.61 -10.47 -25.57
N GLY D 66 -22.29 -9.47 -26.13
CA GLY D 66 -22.30 -9.26 -27.57
C GLY D 66 -20.95 -8.88 -28.14
N MET D 67 -20.63 -9.44 -29.32
CA MET D 67 -19.42 -9.08 -30.04
C MET D 67 -19.71 -8.97 -31.52
N THR D 68 -19.18 -7.92 -32.12
CA THR D 68 -19.52 -7.57 -33.49
C THR D 68 -18.45 -8.04 -34.50
N ASN D 72 -19.69 -12.17 -42.84
CA ASN D 72 -19.82 -13.61 -43.11
C ASN D 72 -18.88 -14.51 -42.28
N GLU D 73 -17.64 -14.05 -42.07
CA GLU D 73 -16.74 -14.70 -41.11
C GLU D 73 -17.00 -14.22 -39.68
N LEU D 74 -17.77 -13.14 -39.56
CA LEU D 74 -18.29 -12.69 -38.27
C LEU D 74 -19.45 -13.61 -37.86
N GLY D 75 -20.18 -14.11 -38.87
CA GLY D 75 -21.26 -15.06 -38.69
C GLY D 75 -20.83 -16.46 -38.28
N ARG D 76 -19.75 -16.97 -38.86
CA ARG D 76 -19.27 -18.30 -38.47
C ARG D 76 -18.80 -18.38 -37.01
N ILE D 77 -18.10 -17.35 -36.55
CA ILE D 77 -17.75 -17.22 -35.14
C ILE D 77 -19.01 -17.19 -34.28
N ASN D 78 -20.00 -16.40 -34.70
CA ASN D 78 -21.31 -16.38 -34.05
C ASN D 78 -21.98 -17.75 -34.01
N LYS D 79 -21.88 -18.48 -35.12
CA LYS D 79 -22.50 -19.81 -35.21
C LYS D 79 -21.84 -20.79 -34.23
N ILE D 80 -20.51 -20.78 -34.19
CA ILE D 80 -19.75 -21.58 -33.23
C ILE D 80 -20.13 -21.22 -31.80
N ILE D 81 -20.12 -19.92 -31.49
CA ILE D 81 -20.44 -19.49 -30.12
C ILE D 81 -21.83 -19.95 -29.77
N ALA D 82 -22.80 -19.68 -30.64
CA ALA D 82 -24.20 -20.06 -30.37
C ALA D 82 -24.40 -21.56 -30.16
N GLU D 83 -23.77 -22.38 -30.99
CA GLU D 83 -23.99 -23.82 -30.82
C GLU D 83 -23.35 -24.35 -29.54
N VAL D 84 -22.20 -23.80 -29.14
CA VAL D 84 -21.59 -24.19 -27.86
C VAL D 84 -22.41 -23.66 -26.67
N ALA D 85 -22.90 -22.43 -26.79
CA ALA D 85 -23.70 -21.86 -25.72
C ALA D 85 -24.99 -22.68 -25.57
N GLU D 86 -25.60 -23.10 -26.68
CA GLU D 86 -26.76 -23.99 -26.65
C GLU D 86 -26.43 -25.32 -25.92
N LYS D 87 -25.32 -25.93 -26.30
CA LYS D 87 -24.85 -27.15 -25.65
C LYS D 87 -24.75 -27.02 -24.13
N PHE D 88 -24.22 -25.90 -23.64
CA PHE D 88 -23.96 -25.70 -22.22
C PHE D 88 -25.11 -24.99 -21.50
N GLY D 89 -26.13 -24.62 -22.25
CA GLY D 89 -27.32 -23.97 -21.66
C GLY D 89 -26.98 -22.58 -21.15
N ILE D 90 -26.07 -21.90 -21.84
CA ILE D 90 -25.72 -20.52 -21.45
C ILE D 90 -26.23 -19.43 -22.38
N PRO D 91 -26.75 -18.33 -21.81
CA PRO D 91 -27.27 -17.26 -22.66
C PRO D 91 -26.20 -16.60 -23.51
N MET D 92 -26.60 -16.10 -24.67
CA MET D 92 -25.66 -15.47 -25.60
C MET D 92 -26.23 -14.17 -26.13
N GLY D 93 -25.44 -13.10 -26.00
CA GLY D 93 -25.77 -11.82 -26.61
C GLY D 93 -25.08 -11.78 -27.96
N VAL D 94 -25.72 -11.14 -28.94
CA VAL D 94 -25.06 -10.91 -30.24
C VAL D 94 -24.42 -9.52 -30.26
N GLY D 95 -23.50 -9.28 -31.20
CA GLY D 95 -22.97 -7.93 -31.37
C GLY D 95 -23.96 -7.01 -32.06
N SER D 96 -23.59 -5.76 -32.29
CA SER D 96 -24.52 -4.77 -32.81
C SER D 96 -25.19 -5.22 -34.12
N GLN D 97 -26.53 -5.14 -34.15
CA GLN D 97 -27.35 -5.56 -35.29
C GLN D 97 -27.63 -4.43 -36.28
N ARG D 98 -26.94 -3.32 -36.14
CA ARG D 98 -27.17 -2.14 -36.97
C ARG D 98 -27.02 -2.46 -38.46
N VAL D 99 -25.93 -3.15 -38.81
CA VAL D 99 -25.69 -3.53 -40.20
C VAL D 99 -26.80 -4.46 -40.73
N ALA D 100 -27.30 -5.33 -39.87
CA ALA D 100 -28.33 -6.27 -40.25
C ALA D 100 -29.67 -5.58 -40.50
N ILE D 101 -29.90 -4.47 -39.77
CA ILE D 101 -31.06 -3.61 -39.98
C ILE D 101 -30.97 -2.93 -41.34
N GLU D 102 -29.79 -2.42 -41.67
CA GLU D 102 -29.59 -1.66 -42.91
C GLU D 102 -29.45 -2.57 -44.14
N LYS D 103 -28.74 -3.68 -43.99
CA LYS D 103 -28.44 -4.56 -45.10
C LYS D 103 -29.10 -5.93 -44.94
N ALA D 104 -30.08 -6.21 -45.79
CA ALA D 104 -30.85 -7.45 -45.72
C ALA D 104 -29.97 -8.70 -45.79
N GLU D 105 -28.81 -8.58 -46.46
CA GLU D 105 -27.87 -9.69 -46.58
C GLU D 105 -27.26 -10.09 -45.26
N ALA D 106 -27.02 -9.11 -44.37
CA ALA D 106 -26.36 -9.36 -43.08
C ALA D 106 -27.25 -10.08 -42.06
N ARG D 107 -28.55 -10.11 -42.32
CA ARG D 107 -29.52 -10.77 -41.46
C ARG D 107 -29.18 -12.24 -41.11
N GLU D 108 -28.66 -12.98 -42.09
CA GLU D 108 -28.31 -14.39 -41.89
C GLU D 108 -27.23 -14.63 -40.83
N SER D 109 -26.15 -13.84 -40.86
CA SER D 109 -25.05 -13.98 -39.88
C SER D 109 -25.45 -13.74 -38.40
N PHE D 110 -26.72 -13.34 -38.21
CA PHE D 110 -27.37 -13.24 -36.89
C PHE D 110 -28.46 -14.30 -36.70
N ALA D 111 -29.28 -14.50 -37.74
CA ALA D 111 -30.37 -15.49 -37.70
C ALA D 111 -29.91 -16.95 -37.56
N ILE D 112 -28.75 -17.28 -38.14
CA ILE D 112 -28.14 -18.61 -37.95
C ILE D 112 -28.08 -18.96 -36.46
N VAL D 113 -27.79 -17.94 -35.64
CA VAL D 113 -27.71 -18.05 -34.18
C VAL D 113 -28.89 -18.84 -33.61
N ARG D 114 -30.08 -18.55 -34.11
CA ARG D 114 -31.30 -19.12 -33.59
C ARG D 114 -31.61 -20.50 -34.17
N LYS D 115 -31.17 -20.76 -35.40
CA LYS D 115 -31.27 -22.10 -35.98
C LYS D 115 -30.44 -23.11 -35.20
N VAL D 116 -29.30 -22.66 -34.71
CA VAL D 116 -28.31 -23.53 -34.11
C VAL D 116 -28.40 -23.52 -32.57
N ALA D 117 -29.20 -22.60 -32.04
CA ALA D 117 -29.41 -22.47 -30.60
C ALA D 117 -30.87 -22.12 -30.31
N PRO D 118 -31.78 -23.10 -30.52
CA PRO D 118 -33.22 -22.84 -30.40
C PRO D 118 -33.73 -22.58 -29.01
N THR D 119 -33.00 -22.98 -27.96
CA THR D 119 -33.62 -22.93 -26.63
C THR D 119 -33.08 -21.87 -25.66
N ILE D 120 -31.78 -21.55 -25.77
CA ILE D 120 -31.13 -20.70 -24.78
C ILE D 120 -31.61 -19.27 -24.92
N PRO D 121 -31.45 -18.46 -23.86
CA PRO D 121 -31.75 -17.04 -24.03
C PRO D 121 -30.82 -16.41 -25.06
N ILE D 122 -31.39 -15.65 -25.99
CA ILE D 122 -30.62 -14.90 -26.98
C ILE D 122 -30.90 -13.41 -26.79
N ILE D 123 -29.84 -12.60 -26.73
CA ILE D 123 -29.96 -11.18 -26.43
C ILE D 123 -29.55 -10.35 -27.65
N ALA D 124 -30.50 -9.55 -28.12
CA ALA D 124 -30.28 -8.60 -29.22
C ALA D 124 -29.35 -7.46 -28.81
N ASN D 125 -28.93 -6.65 -29.78
CA ASN D 125 -27.93 -5.59 -29.53
C ASN D 125 -28.01 -4.44 -30.53
N LEU D 126 -28.17 -3.25 -29.96
CA LEU D 126 -28.10 -1.97 -30.68
C LEU D 126 -27.46 -0.95 -29.75
N GLY D 127 -26.80 0.04 -30.33
CA GLY D 127 -26.11 1.04 -29.53
C GLY D 127 -26.96 2.19 -29.12
N MET D 128 -26.74 2.69 -27.90
CA MET D 128 -27.49 3.84 -27.38
C MET D 128 -27.45 5.04 -28.33
N PRO D 129 -26.26 5.38 -28.90
CA PRO D 129 -26.24 6.52 -29.83
C PRO D 129 -27.17 6.41 -31.06
N GLN D 130 -27.54 5.20 -31.47
CA GLN D 130 -28.51 5.05 -32.57
C GLN D 130 -29.87 5.71 -32.28
N LEU D 131 -30.24 5.78 -31.00
CA LEU D 131 -31.50 6.39 -30.57
C LEU D 131 -31.62 7.88 -30.82
N VAL D 132 -30.50 8.55 -31.06
CA VAL D 132 -30.54 9.97 -31.38
C VAL D 132 -30.34 10.17 -32.87
N LYS D 133 -30.15 9.06 -33.59
CA LYS D 133 -29.86 9.03 -35.03
C LYS D 133 -30.95 8.29 -35.84
N GLY D 134 -32.20 8.29 -35.39
CA GLY D 134 -33.28 7.68 -36.19
C GLY D 134 -33.86 6.37 -35.70
N TYR D 135 -33.05 5.59 -34.95
CA TYR D 135 -33.49 4.29 -34.47
C TYR D 135 -34.45 4.39 -33.32
N GLY D 136 -35.46 3.53 -33.33
CA GLY D 136 -36.48 3.57 -32.32
C GLY D 136 -37.16 2.23 -32.23
N LEU D 137 -38.44 2.25 -31.90
CA LEU D 137 -39.20 1.03 -31.61
C LEU D 137 -39.05 -0.02 -32.70
N LYS D 138 -39.25 0.40 -33.94
CA LYS D 138 -39.26 -0.51 -35.08
C LYS D 138 -37.93 -1.24 -35.29
N GLU D 139 -36.83 -0.51 -35.18
CA GLU D 139 -35.50 -1.09 -35.31
C GLU D 139 -35.21 -2.04 -34.14
N PHE D 140 -35.71 -1.70 -32.95
CA PHE D 140 -35.65 -2.59 -31.77
C PHE D 140 -36.44 -3.91 -31.96
N GLN D 141 -37.68 -3.78 -32.44
CA GLN D 141 -38.54 -4.93 -32.72
C GLN D 141 -37.94 -5.83 -33.77
N ASP D 142 -37.39 -5.21 -34.81
CA ASP D 142 -36.62 -5.89 -35.86
C ASP D 142 -35.47 -6.69 -35.32
N ALA D 143 -34.56 -6.00 -34.62
CA ALA D 143 -33.43 -6.65 -33.98
C ALA D 143 -33.85 -7.87 -33.17
N ILE D 144 -34.92 -7.74 -32.41
CA ILE D 144 -35.40 -8.82 -31.55
C ILE D 144 -35.99 -9.99 -32.36
N GLN D 145 -36.84 -9.65 -33.35
CA GLN D 145 -37.55 -10.65 -34.18
C GLN D 145 -36.57 -11.49 -34.99
N MET D 146 -35.51 -10.83 -35.43
CA MET D 146 -34.51 -11.43 -36.32
C MET D 146 -33.81 -12.67 -35.73
N ILE D 147 -33.72 -12.71 -34.40
CA ILE D 147 -33.06 -13.79 -33.68
C ILE D 147 -33.99 -14.37 -32.61
N GLU D 148 -35.29 -14.08 -32.73
CA GLU D 148 -36.27 -14.40 -31.67
C GLU D 148 -35.70 -14.20 -30.26
N ALA D 149 -35.23 -12.96 -30.01
CA ALA D 149 -34.56 -12.60 -28.77
C ALA D 149 -35.46 -12.65 -27.55
N ASP D 150 -34.85 -12.92 -26.39
CA ASP D 150 -35.53 -12.93 -25.10
C ASP D 150 -35.30 -11.63 -24.34
N ALA D 151 -34.43 -10.79 -24.90
CA ALA D 151 -34.11 -9.49 -24.33
C ALA D 151 -33.30 -8.71 -25.36
N ILE D 152 -33.19 -7.41 -25.16
CA ILE D 152 -32.25 -6.65 -26.00
C ILE D 152 -31.23 -5.87 -25.14
N ALA D 153 -29.96 -5.88 -25.57
CA ALA D 153 -28.93 -5.09 -24.92
C ALA D 153 -28.73 -3.80 -25.69
N VAL D 154 -28.74 -2.69 -24.97
CA VAL D 154 -28.43 -1.37 -25.54
C VAL D 154 -27.07 -0.96 -24.99
N HIS D 155 -26.06 -0.84 -25.84
CA HIS D 155 -24.70 -0.59 -25.32
C HIS D 155 -24.29 0.90 -25.19
N LEU D 156 -23.43 1.16 -24.22
CA LEU D 156 -22.83 2.48 -23.99
C LEU D 156 -21.37 2.31 -24.35
N ASN D 157 -20.86 3.11 -25.29
CA ASN D 157 -19.43 3.05 -25.57
C ASN D 157 -18.82 4.44 -25.76
N PRO D 158 -19.13 5.40 -24.88
CA PRO D 158 -18.63 6.75 -25.13
C PRO D 158 -17.11 6.88 -25.18
N ALA D 159 -16.38 6.14 -24.33
CA ALA D 159 -14.90 6.23 -24.33
C ALA D 159 -14.30 5.76 -25.66
N GLN D 160 -14.83 4.65 -26.18
CA GLN D 160 -14.42 4.19 -27.52
C GLN D 160 -14.68 5.23 -28.62
N GLU D 161 -15.83 5.89 -28.56
CA GLU D 161 -16.17 6.88 -29.59
C GLU D 161 -15.33 8.15 -29.51
N VAL D 162 -15.01 8.58 -28.29
CA VAL D 162 -14.11 9.72 -28.08
C VAL D 162 -12.75 9.53 -28.77
N PHE D 163 -12.16 8.34 -28.65
CA PHE D 163 -10.78 8.10 -29.12
C PHE D 163 -10.62 7.54 -30.54
N GLN D 164 -11.74 7.17 -31.15
CA GLN D 164 -11.68 6.65 -32.48
C GLN D 164 -11.36 7.75 -33.50
N PRO D 165 -10.68 7.37 -34.60
CA PRO D 165 -10.20 8.35 -35.57
C PRO D 165 -11.36 9.23 -36.03
N GLU D 166 -12.48 8.57 -36.31
CA GLU D 166 -13.60 9.15 -37.02
C GLU D 166 -14.87 9.25 -36.17
N GLY D 167 -15.39 10.46 -35.99
CA GLY D 167 -16.69 10.62 -35.38
C GLY D 167 -16.66 11.00 -33.91
N GLU D 168 -17.85 11.25 -33.36
CA GLU D 168 -17.98 11.71 -31.97
C GLU D 168 -19.22 11.22 -31.24
N PRO D 169 -19.07 10.95 -29.92
CA PRO D 169 -20.14 10.36 -29.11
C PRO D 169 -21.32 11.30 -28.91
N GLU D 170 -22.52 10.76 -29.06
CA GLU D 170 -23.75 11.53 -28.89
C GLU D 170 -24.64 10.82 -27.88
N TYR D 171 -24.78 11.42 -26.69
CA TYR D 171 -25.59 10.81 -25.64
C TYR D 171 -26.55 11.80 -25.00
N GLN D 172 -27.29 12.54 -25.80
CA GLN D 172 -28.29 13.52 -25.31
C GLN D 172 -29.34 12.77 -24.47
N ILE D 173 -29.99 13.43 -23.50
CA ILE D 173 -31.06 12.74 -22.72
C ILE D 173 -32.22 12.23 -23.53
N TYR D 174 -32.46 12.85 -24.69
CA TYR D 174 -33.47 12.37 -25.62
C TYR D 174 -33.36 10.87 -25.85
N ALA D 175 -32.13 10.35 -25.89
CA ALA D 175 -31.94 8.90 -26.09
C ALA D 175 -32.64 8.10 -25.01
N LEU D 176 -32.50 8.52 -23.76
CA LEU D 176 -33.21 7.84 -22.67
C LEU D 176 -34.72 8.04 -22.70
N GLU D 177 -35.16 9.22 -23.12
CA GLU D 177 -36.59 9.51 -23.25
C GLU D 177 -37.20 8.56 -24.28
N LYS D 178 -36.45 8.29 -25.34
CA LYS D 178 -36.90 7.42 -26.41
C LYS D 178 -36.88 5.96 -25.94
N LEU D 179 -35.80 5.60 -25.26
CA LEU D 179 -35.63 4.26 -24.73
C LEU D 179 -36.77 3.93 -23.78
N ARG D 180 -37.06 4.86 -22.88
CA ARG D 180 -38.17 4.74 -21.92
C ARG D 180 -39.52 4.47 -22.61
N ASP D 181 -39.83 5.26 -23.63
CA ASP D 181 -40.99 4.98 -24.49
C ASP D 181 -40.98 3.58 -25.10
N ILE D 182 -39.87 3.22 -25.74
CA ILE D 182 -39.74 1.89 -26.35
C ILE D 182 -40.01 0.77 -25.35
N SER D 183 -39.52 0.94 -24.12
CA SER D 183 -39.60 -0.07 -23.05
C SER D 183 -41.03 -0.46 -22.65
N LYS D 184 -41.97 0.40 -22.97
CA LYS D 184 -43.36 0.13 -22.59
C LYS D 184 -44.09 -0.64 -23.67
N GLU D 185 -43.45 -0.83 -24.83
CA GLU D 185 -44.07 -1.52 -25.96
C GLU D 185 -43.24 -2.67 -26.54
N LEU D 186 -42.09 -2.91 -25.94
CA LEU D 186 -41.25 -4.03 -26.31
C LEU D 186 -41.82 -5.25 -25.59
N SER D 187 -41.71 -6.40 -26.25
CA SER D 187 -42.21 -7.65 -25.70
C SER D 187 -41.16 -8.38 -24.83
N VAL D 188 -39.96 -7.82 -24.76
CA VAL D 188 -38.86 -8.40 -23.97
C VAL D 188 -38.15 -7.32 -23.14
N PRO D 189 -37.41 -7.70 -22.09
CA PRO D 189 -36.68 -6.71 -21.31
C PRO D 189 -35.49 -6.05 -22.02
N ILE D 190 -35.14 -4.86 -21.53
CA ILE D 190 -33.96 -4.14 -21.96
C ILE D 190 -32.89 -4.26 -20.88
N ILE D 191 -31.70 -4.64 -21.33
CA ILE D 191 -30.48 -4.53 -20.53
C ILE D 191 -29.63 -3.37 -21.05
N VAL D 192 -29.23 -2.45 -20.17
CA VAL D 192 -28.22 -1.45 -20.57
C VAL D 192 -26.81 -1.90 -20.14
N LYS D 193 -25.91 -1.96 -21.11
CA LYS D 193 -24.57 -2.46 -20.87
C LYS D 193 -23.51 -1.44 -21.26
N GLU D 194 -22.37 -1.47 -20.57
CA GLU D 194 -21.24 -0.64 -20.98
C GLU D 194 -20.41 -1.50 -21.94
N SER D 195 -19.18 -1.09 -22.21
CA SER D 195 -18.35 -1.76 -23.20
C SER D 195 -16.90 -1.71 -22.79
N GLY D 196 -16.64 -1.83 -21.49
CA GLY D 196 -15.28 -1.90 -20.99
C GLY D 196 -14.89 -0.79 -20.04
N ASN D 197 -15.80 0.17 -19.80
CA ASN D 197 -15.46 1.29 -18.88
C ASN D 197 -16.40 1.45 -17.67
N GLY D 198 -17.39 0.56 -17.57
CA GLY D 198 -18.11 0.36 -16.31
C GLY D 198 -19.25 1.31 -16.07
N ILE D 199 -20.17 0.90 -15.18
CA ILE D 199 -21.37 1.65 -14.87
C ILE D 199 -21.27 2.12 -13.42
N SER D 200 -21.36 3.44 -13.24
CA SER D 200 -21.22 4.08 -11.93
C SER D 200 -22.60 4.18 -11.30
N MET D 201 -22.67 4.51 -10.02
CA MET D 201 -23.98 4.73 -9.40
C MET D 201 -24.79 5.88 -10.00
N GLU D 202 -24.15 6.97 -10.40
CA GLU D 202 -24.88 8.07 -11.07
C GLU D 202 -25.57 7.61 -12.33
N THR D 203 -24.83 6.85 -13.13
CA THR D 203 -25.34 6.39 -14.39
C THR D 203 -26.42 5.33 -14.15
N ALA D 204 -26.19 4.40 -13.22
CA ALA D 204 -27.23 3.41 -12.91
C ALA D 204 -28.53 4.08 -12.43
N LYS D 205 -28.41 5.08 -11.57
CA LYS D 205 -29.59 5.77 -11.01
C LYS D 205 -30.31 6.58 -12.08
N LEU D 206 -29.54 7.21 -12.97
CA LEU D 206 -30.12 7.89 -14.11
C LEU D 206 -30.90 6.93 -15.00
N LEU D 207 -30.28 5.81 -15.40
CA LEU D 207 -30.97 4.81 -16.21
C LEU D 207 -32.23 4.29 -15.50
N TYR D 208 -32.10 3.99 -14.21
CA TYR D 208 -33.23 3.54 -13.40
C TYR D 208 -34.38 4.55 -13.41
N SER D 209 -34.06 5.85 -13.41
CA SER D 209 -35.11 6.87 -13.42
C SER D 209 -35.87 6.94 -14.76
N TYR D 210 -35.29 6.37 -15.82
CA TYR D 210 -36.00 6.20 -17.07
C TYR D 210 -36.56 4.78 -17.25
N GLY D 211 -36.55 3.99 -16.18
CA GLY D 211 -37.20 2.66 -16.21
C GLY D 211 -36.30 1.47 -16.46
N ILE D 212 -34.99 1.69 -16.54
CA ILE D 212 -34.08 0.57 -16.79
C ILE D 212 -33.84 -0.19 -15.49
N LYS D 213 -34.04 -1.52 -15.51
CA LYS D 213 -33.94 -2.36 -14.31
C LYS D 213 -32.79 -3.34 -14.42
N ASN D 214 -32.26 -3.49 -15.63
CA ASN D 214 -31.28 -4.54 -15.97
C ASN D 214 -30.01 -3.91 -16.51
N PHE D 215 -28.89 -4.34 -15.95
CA PHE D 215 -27.58 -3.68 -16.22
C PHE D 215 -26.50 -4.72 -16.38
N ASP D 216 -25.49 -4.38 -17.18
CA ASP D 216 -24.31 -5.20 -17.42
C ASP D 216 -23.12 -4.26 -17.24
N THR D 217 -22.37 -4.48 -16.17
CA THR D 217 -21.35 -3.55 -15.73
C THR D 217 -20.27 -3.27 -16.79
N SER D 218 -19.78 -4.33 -17.45
CA SER D 218 -18.69 -4.19 -18.47
C SER D 218 -17.68 -3.13 -18.01
N GLY D 219 -17.07 -3.39 -16.83
CA GLY D 219 -16.12 -2.47 -16.20
C GLY D 219 -14.73 -2.59 -16.80
N GLN D 220 -13.82 -1.71 -16.38
CA GLN D 220 -12.42 -1.80 -16.86
C GLN D 220 -11.73 -2.98 -16.21
N GLY D 221 -10.62 -3.41 -16.83
CA GLY D 221 -9.87 -4.56 -16.38
C GLY D 221 -9.87 -5.72 -17.37
N GLY D 222 -10.79 -5.68 -18.33
CA GLY D 222 -10.90 -6.72 -19.37
C GLY D 222 -10.59 -6.05 -20.69
N THR D 223 -11.38 -6.30 -21.72
CA THR D 223 -11.16 -5.63 -23.00
C THR D 223 -11.09 -4.11 -22.82
N ASN D 224 -9.99 -3.56 -23.32
CA ASN D 224 -9.72 -2.15 -23.19
C ASN D 224 -9.92 -1.53 -24.55
N TRP D 225 -11.11 -0.98 -24.75
CA TRP D 225 -11.48 -0.33 -26.00
C TRP D 225 -10.75 0.98 -26.28
N ILE D 226 -10.38 1.69 -25.23
CA ILE D 226 -9.51 2.86 -25.39
C ILE D 226 -8.14 2.41 -25.97
N ALA D 227 -7.60 1.30 -25.45
CA ALA D 227 -6.40 0.67 -26.00
C ALA D 227 -6.56 0.26 -27.46
N ILE D 228 -7.70 -0.35 -27.78
CA ILE D 228 -7.97 -0.79 -29.17
C ILE D 228 -7.98 0.42 -30.15
N GLU D 229 -8.64 1.50 -29.73
CA GLU D 229 -8.64 2.72 -30.53
C GLU D 229 -7.25 3.37 -30.58
N MET D 230 -6.48 3.24 -29.49
CA MET D 230 -5.11 3.75 -29.46
C MET D 230 -4.31 3.09 -30.60
N ILE D 231 -4.43 1.78 -30.70
CA ILE D 231 -3.72 0.99 -31.72
C ILE D 231 -4.19 1.38 -33.13
N ARG D 232 -5.51 1.47 -33.30
CA ARG D 232 -6.03 2.03 -34.55
C ARG D 232 -5.43 3.40 -34.89
N ASP D 233 -5.36 4.30 -33.90
CA ASP D 233 -4.74 5.59 -34.11
C ASP D 233 -3.24 5.41 -34.47
N ILE D 234 -2.52 4.58 -33.73
CA ILE D 234 -1.09 4.34 -34.02
C ILE D 234 -0.96 3.94 -35.48
N ARG D 235 -1.71 2.92 -35.87
CA ARG D 235 -1.69 2.37 -37.23
C ARG D 235 -1.98 3.40 -38.32
N ARG D 236 -2.71 4.45 -37.96
CA ARG D 236 -3.01 5.54 -38.91
C ARG D 236 -2.11 6.77 -38.74
N GLY D 237 -1.07 6.68 -37.90
CA GLY D 237 -0.22 7.83 -37.58
C GLY D 237 -0.98 9.01 -36.97
N ASN D 238 -2.08 8.70 -36.28
CA ASN D 238 -2.93 9.71 -35.64
C ASN D 238 -2.41 10.07 -34.24
N TRP D 239 -2.23 11.37 -34.00
CA TRP D 239 -1.75 11.88 -32.71
C TRP D 239 -2.72 11.58 -31.56
N LYS D 240 -4.00 11.32 -31.85
CA LYS D 240 -4.96 10.90 -30.79
C LYS D 240 -4.48 9.65 -30.02
N ALA D 241 -3.51 8.92 -30.60
CA ALA D 241 -2.94 7.75 -29.94
C ALA D 241 -2.29 8.14 -28.61
N GLU D 242 -1.49 9.20 -28.64
CA GLU D 242 -0.81 9.68 -27.44
C GLU D 242 -1.83 10.09 -26.35
N SER D 243 -2.96 10.65 -26.78
CA SER D 243 -4.03 11.02 -25.86
C SER D 243 -4.78 9.82 -25.27
N ALA D 244 -5.11 8.82 -26.10
CA ALA D 244 -5.67 7.54 -25.64
C ALA D 244 -4.78 6.86 -24.60
N LYS D 245 -3.46 6.91 -24.79
CA LYS D 245 -2.54 6.34 -23.81
C LYS D 245 -2.76 6.93 -22.42
N ASN D 246 -3.07 8.23 -22.37
CA ASN D 246 -3.36 8.90 -21.12
C ASN D 246 -4.61 8.35 -20.42
N PHE D 247 -5.48 7.71 -21.20
CA PHE D 247 -6.78 7.22 -20.72
C PHE D 247 -6.91 5.72 -20.61
N LEU D 248 -5.78 4.99 -20.71
CA LEU D 248 -5.85 3.52 -20.65
C LEU D 248 -6.47 2.97 -19.36
N ASP D 249 -6.26 3.66 -18.24
CA ASP D 249 -6.81 3.18 -16.97
C ASP D 249 -8.11 3.91 -16.58
N TRP D 250 -8.79 4.46 -17.58
CA TRP D 250 -10.02 5.24 -17.39
C TRP D 250 -11.21 4.29 -17.17
N GLY D 251 -12.12 4.65 -16.27
CA GLY D 251 -13.30 3.82 -16.11
C GLY D 251 -13.51 3.29 -14.71
N VAL D 252 -14.69 2.70 -14.52
CA VAL D 252 -15.03 2.06 -13.23
C VAL D 252 -14.63 0.60 -13.27
N PRO D 253 -13.72 0.17 -12.37
CA PRO D 253 -13.32 -1.21 -12.34
C PRO D 253 -14.54 -2.11 -12.15
N THR D 254 -14.54 -3.23 -12.85
CA THR D 254 -15.65 -4.22 -12.76
C THR D 254 -16.14 -4.46 -11.32
N ALA D 255 -15.25 -4.83 -10.39
CA ALA D 255 -15.70 -5.04 -8.99
C ALA D 255 -16.36 -3.79 -8.36
N ALA D 256 -15.78 -2.62 -8.62
CA ALA D 256 -16.39 -1.39 -8.11
C ALA D 256 -17.75 -1.15 -8.75
N SER D 257 -17.86 -1.38 -10.07
CA SER D 257 -19.16 -1.22 -10.78
C SER D 257 -20.26 -2.16 -10.26
N ILE D 258 -19.91 -3.43 -10.02
CA ILE D 258 -20.87 -4.39 -9.43
C ILE D 258 -21.39 -3.82 -8.10
N MET D 259 -20.47 -3.40 -7.21
CA MET D 259 -20.88 -2.82 -5.94
C MET D 259 -21.74 -1.58 -6.15
N GLU D 260 -21.35 -0.69 -7.08
CA GLU D 260 -22.09 0.56 -7.23
C GLU D 260 -23.51 0.34 -7.75
N VAL D 261 -23.66 -0.59 -8.69
CA VAL D 261 -25.00 -0.82 -9.28
C VAL D 261 -25.89 -1.57 -8.29
N ARG D 262 -25.37 -2.61 -7.65
CA ARG D 262 -26.13 -3.34 -6.63
C ARG D 262 -26.55 -2.40 -5.48
N TYR D 263 -25.61 -1.59 -5.01
CA TYR D 263 -25.90 -0.59 -3.98
C TYR D 263 -26.97 0.41 -4.37
N SER D 264 -26.84 0.99 -5.56
CA SER D 264 -27.71 2.10 -5.97
C SER D 264 -29.06 1.66 -6.54
N VAL D 265 -29.10 0.47 -7.17
CA VAL D 265 -30.35 -0.16 -7.60
C VAL D 265 -30.41 -1.62 -7.11
N PRO D 266 -30.78 -1.76 -5.83
CA PRO D 266 -30.68 -3.02 -5.09
C PRO D 266 -31.51 -4.18 -5.65
N ASP D 267 -32.53 -3.89 -6.44
CA ASP D 267 -33.37 -4.93 -7.01
C ASP D 267 -33.08 -5.14 -8.51
N SER D 268 -31.98 -4.55 -8.99
CA SER D 268 -31.57 -4.69 -10.40
C SER D 268 -31.31 -6.13 -10.72
N PHE D 269 -31.51 -6.49 -11.98
CA PHE D 269 -30.88 -7.71 -12.50
C PHE D 269 -29.52 -7.33 -13.07
N LEU D 270 -28.47 -8.01 -12.61
CA LEU D 270 -27.11 -7.46 -12.78
C LEU D 270 -26.14 -8.48 -13.37
N VAL D 271 -25.58 -8.16 -14.53
CA VAL D 271 -24.49 -8.97 -15.10
C VAL D 271 -23.17 -8.33 -14.69
N GLY D 272 -22.29 -9.12 -14.07
CA GLY D 272 -20.98 -8.61 -13.68
C GLY D 272 -20.02 -9.02 -14.78
N SER D 273 -19.55 -8.06 -15.57
CA SER D 273 -18.64 -8.39 -16.69
C SER D 273 -17.60 -7.30 -16.87
N GLY D 274 -16.62 -7.62 -17.70
CA GLY D 274 -15.48 -6.76 -17.95
C GLY D 274 -14.31 -7.39 -17.24
N GLY D 275 -13.56 -8.20 -17.97
CA GLY D 275 -12.38 -8.80 -17.38
C GLY D 275 -12.64 -10.09 -16.64
N ILE D 276 -13.80 -10.73 -16.88
CA ILE D 276 -14.07 -12.03 -16.25
C ILE D 276 -13.32 -13.07 -17.10
N ARG D 277 -12.33 -13.73 -16.51
CA ARG D 277 -11.43 -14.63 -17.27
C ARG D 277 -11.36 -16.04 -16.69
N SER D 278 -12.02 -16.28 -15.57
CA SER D 278 -12.02 -17.60 -14.98
C SER D 278 -13.32 -17.77 -14.22
N GLY D 279 -13.63 -19.02 -13.84
CA GLY D 279 -14.82 -19.29 -13.02
C GLY D 279 -14.68 -18.73 -11.62
N LEU D 280 -13.44 -18.53 -11.18
CA LEU D 280 -13.13 -17.82 -9.94
C LEU D 280 -13.47 -16.32 -10.07
N ASP D 281 -13.10 -15.70 -11.19
CA ASP D 281 -13.59 -14.33 -11.47
C ASP D 281 -15.14 -14.30 -11.49
N ALA D 282 -15.75 -15.30 -12.13
CA ALA D 282 -17.23 -15.35 -12.18
C ALA D 282 -17.84 -15.48 -10.77
N ALA D 283 -17.32 -16.42 -9.99
CA ALA D 283 -17.77 -16.59 -8.60
C ALA D 283 -17.62 -15.31 -7.78
N LYS D 284 -16.49 -14.64 -7.92
CA LYS D 284 -16.27 -13.37 -7.20
C LYS D 284 -17.30 -12.31 -7.58
N ALA D 285 -17.58 -12.20 -8.89
CA ALA D 285 -18.52 -11.23 -9.42
C ALA D 285 -19.90 -11.47 -8.84
N ILE D 286 -20.29 -12.75 -8.78
CA ILE D 286 -21.59 -13.13 -8.25
C ILE D 286 -21.69 -12.87 -6.75
N ALA D 287 -20.70 -13.35 -5.98
CA ALA D 287 -20.69 -13.13 -4.53
C ALA D 287 -20.70 -11.63 -4.16
N LEU D 288 -19.97 -10.83 -4.94
CA LEU D 288 -19.94 -9.37 -4.73
C LEU D 288 -21.28 -8.68 -4.91
N GLY D 289 -22.15 -9.25 -5.74
CA GLY D 289 -23.48 -8.69 -5.93
C GLY D 289 -24.09 -8.86 -7.31
N ALA D 290 -23.33 -9.39 -8.27
CA ALA D 290 -23.95 -9.70 -9.57
C ALA D 290 -24.89 -10.93 -9.53
N ASP D 291 -25.86 -10.97 -10.43
CA ASP D 291 -26.68 -12.17 -10.62
C ASP D 291 -26.03 -13.18 -11.51
N ILE D 292 -25.33 -12.70 -12.53
CA ILE D 292 -24.56 -13.61 -13.35
C ILE D 292 -23.29 -12.89 -13.80
N ALA D 293 -22.32 -13.65 -14.32
CA ALA D 293 -21.10 -13.05 -14.85
C ALA D 293 -21.16 -13.07 -16.37
N GLY D 294 -20.60 -12.05 -17.03
CA GLY D 294 -20.55 -12.04 -18.49
C GLY D 294 -19.11 -12.10 -18.99
N MET D 295 -18.91 -12.69 -20.18
CA MET D 295 -17.58 -12.76 -20.80
C MET D 295 -17.72 -12.50 -22.28
N ALA D 296 -16.72 -11.84 -22.85
CA ALA D 296 -16.70 -11.61 -24.28
C ALA D 296 -15.36 -12.08 -24.86
N LEU D 297 -14.29 -11.31 -24.64
CA LEU D 297 -12.98 -11.55 -25.32
C LEU D 297 -12.47 -13.01 -25.32
N PRO D 298 -12.38 -13.66 -24.14
CA PRO D 298 -11.85 -15.04 -24.10
C PRO D 298 -12.68 -16.04 -24.90
N VAL D 299 -14.00 -15.81 -24.97
CA VAL D 299 -14.91 -16.58 -25.81
C VAL D 299 -14.57 -16.41 -27.30
N LEU D 300 -14.36 -15.16 -27.71
CA LEU D 300 -13.92 -14.83 -29.07
C LEU D 300 -12.62 -15.59 -29.42
N LYS D 301 -11.61 -15.45 -28.56
CA LYS D 301 -10.32 -16.08 -28.76
C LYS D 301 -10.41 -17.58 -28.86
N SER D 302 -11.20 -18.22 -27.99
CA SER D 302 -11.45 -19.65 -28.10
C SER D 302 -12.26 -20.04 -29.33
N ALA D 303 -13.33 -19.30 -29.62
CA ALA D 303 -14.15 -19.58 -30.81
C ALA D 303 -13.28 -19.57 -32.07
N ILE D 304 -12.38 -18.60 -32.15
CA ILE D 304 -11.47 -18.47 -33.30
C ILE D 304 -10.63 -19.76 -33.49
N GLU D 305 -10.15 -20.33 -32.38
CA GLU D 305 -9.45 -21.63 -32.41
C GLU D 305 -10.36 -22.81 -32.84
N GLY D 306 -11.66 -22.69 -32.56
CA GLY D 306 -12.64 -23.68 -32.99
C GLY D 306 -13.62 -24.15 -31.93
N LYS D 307 -14.58 -24.98 -32.36
CA LYS D 307 -15.65 -25.50 -31.51
C LYS D 307 -15.16 -26.28 -30.28
N GLU D 308 -14.22 -27.20 -30.49
CA GLU D 308 -13.69 -27.97 -29.37
C GLU D 308 -12.93 -27.11 -28.37
N SER D 309 -12.23 -26.09 -28.88
CA SER D 309 -11.55 -25.14 -28.00
C SER D 309 -12.55 -24.38 -27.10
N LEU D 310 -13.64 -23.91 -27.70
CA LEU D 310 -14.67 -23.18 -26.96
C LEU D 310 -15.36 -24.09 -25.97
N GLU D 311 -15.64 -25.33 -26.39
CA GLU D 311 -16.18 -26.35 -25.50
C GLU D 311 -15.28 -26.58 -24.29
N GLN D 312 -13.98 -26.75 -24.52
CA GLN D 312 -13.00 -26.90 -23.45
C GLN D 312 -12.95 -25.65 -22.52
N PHE D 313 -13.08 -24.48 -23.13
CA PHE D 313 -13.08 -23.22 -22.39
C PHE D 313 -14.23 -23.18 -21.40
N PHE D 314 -15.45 -23.48 -21.86
CA PHE D 314 -16.60 -23.47 -20.96
C PHE D 314 -16.46 -24.55 -19.90
N ARG D 315 -15.95 -25.73 -20.27
CA ARG D 315 -15.69 -26.75 -19.25
C ARG D 315 -14.84 -26.25 -18.11
N LYS D 316 -13.80 -25.51 -18.46
CA LYS D 316 -12.82 -24.95 -17.52
C LYS D 316 -13.46 -23.90 -16.63
N ILE D 317 -14.21 -22.98 -17.23
CA ILE D 317 -14.93 -21.92 -16.51
C ILE D 317 -15.88 -22.54 -15.50
N ILE D 318 -16.64 -23.51 -15.95
CA ILE D 318 -17.62 -24.17 -15.07
C ILE D 318 -16.99 -24.93 -13.90
N PHE D 319 -15.93 -25.69 -14.18
CA PHE D 319 -15.18 -26.35 -13.12
C PHE D 319 -14.68 -25.33 -12.09
N GLU D 320 -14.12 -24.22 -12.58
CA GLU D 320 -13.57 -23.20 -11.70
C GLU D 320 -14.66 -22.57 -10.84
N LEU D 321 -15.82 -22.31 -11.41
CA LEU D 321 -16.94 -21.76 -10.65
C LEU D 321 -17.39 -22.73 -9.54
N LYS D 322 -17.59 -23.99 -9.91
CA LYS D 322 -18.02 -25.00 -8.95
C LYS D 322 -16.97 -25.23 -7.87
N ALA D 323 -15.71 -25.15 -8.25
CA ALA D 323 -14.59 -25.21 -7.29
C ALA D 323 -14.75 -24.13 -6.23
N ALA D 324 -15.03 -22.89 -6.66
CA ALA D 324 -15.17 -21.78 -5.72
C ALA D 324 -16.46 -21.98 -4.90
N MET D 325 -17.50 -22.46 -5.56
CA MET D 325 -18.75 -22.79 -4.83
C MET D 325 -18.49 -23.89 -3.80
N MET D 326 -17.83 -24.97 -4.20
CA MET D 326 -17.48 -26.06 -3.27
C MET D 326 -16.71 -25.51 -2.07
N LEU D 327 -15.67 -24.76 -2.37
CA LEU D 327 -14.70 -24.33 -1.35
C LEU D 327 -15.23 -23.18 -0.50
N THR D 328 -16.38 -22.63 -0.87
CA THR D 328 -17.07 -21.66 0.01
C THR D 328 -18.29 -22.30 0.65
N GLY D 329 -18.53 -23.58 0.37
CA GLY D 329 -19.72 -24.24 0.96
C GLY D 329 -21.00 -23.70 0.36
N SER D 330 -20.98 -23.40 -0.95
CA SER D 330 -22.14 -22.80 -1.63
C SER D 330 -22.82 -23.84 -2.47
N LYS D 331 -23.96 -24.36 -2.01
CA LYS D 331 -24.66 -25.49 -2.70
C LYS D 331 -25.30 -25.06 -4.01
N ASP D 332 -25.56 -23.77 -4.12
CA ASP D 332 -26.23 -23.22 -5.28
C ASP D 332 -25.87 -21.75 -5.46
N VAL D 333 -26.40 -21.16 -6.53
CA VAL D 333 -26.08 -19.78 -6.91
C VAL D 333 -26.56 -18.81 -5.84
N ASP D 334 -27.76 -19.06 -5.29
CA ASP D 334 -28.27 -18.24 -4.20
C ASP D 334 -27.32 -18.23 -3.01
N ALA D 335 -26.77 -19.40 -2.67
CA ALA D 335 -25.84 -19.47 -1.56
C ALA D 335 -24.54 -18.74 -1.88
N LEU D 336 -24.05 -18.87 -3.12
CA LEU D 336 -22.82 -18.14 -3.52
C LEU D 336 -23.00 -16.65 -3.31
N LYS D 337 -24.15 -16.11 -3.75
CA LYS D 337 -24.49 -14.68 -3.61
C LYS D 337 -24.43 -14.17 -2.17
N LYS D 338 -24.48 -15.08 -1.20
CA LYS D 338 -24.42 -14.61 0.19
C LYS D 338 -23.24 -15.15 0.98
N THR D 339 -22.29 -15.77 0.27
CA THR D 339 -21.18 -16.39 0.94
C THR D 339 -20.27 -15.31 1.52
N SER D 340 -19.48 -15.70 2.51
CA SER D 340 -18.60 -14.73 3.19
C SER D 340 -17.45 -14.26 2.30
N ILE D 341 -17.21 -12.96 2.30
CA ILE D 341 -16.13 -12.37 1.48
C ILE D 341 -15.28 -11.43 2.32
N VAL D 342 -14.09 -11.08 1.81
CA VAL D 342 -13.29 -10.01 2.38
C VAL D 342 -13.00 -9.00 1.27
N ILE D 343 -13.23 -7.71 1.54
CA ILE D 343 -12.85 -6.63 0.62
C ILE D 343 -11.68 -5.85 1.19
N LEU D 344 -10.63 -5.74 0.37
CA LEU D 344 -9.37 -5.14 0.77
C LEU D 344 -8.97 -3.98 -0.17
N GLY D 345 -7.91 -3.29 0.20
CA GLY D 345 -7.13 -2.45 -0.74
C GLY D 345 -7.86 -1.30 -1.41
N LYS D 346 -7.59 -1.12 -2.70
CA LYS D 346 -8.17 -0.02 -3.49
C LYS D 346 -9.69 -0.10 -3.62
N LEU D 347 -10.21 -1.31 -3.73
CA LEU D 347 -11.67 -1.47 -3.81
C LEU D 347 -12.35 -1.02 -2.50
N LYS D 348 -11.74 -1.42 -1.37
CA LYS D 348 -12.17 -0.93 -0.05
C LYS D 348 -12.19 0.61 -0.03
N GLU D 349 -11.09 1.24 -0.43
CA GLU D 349 -10.98 2.70 -0.44
C GLU D 349 -12.00 3.34 -1.39
N TRP D 350 -12.17 2.75 -2.58
CA TRP D 350 -13.17 3.21 -3.55
C TRP D 350 -14.59 3.20 -2.93
N ALA D 351 -14.99 2.07 -2.37
CA ALA D 351 -16.31 1.96 -1.75
C ALA D 351 -16.51 2.99 -0.62
N GLU D 352 -15.53 3.08 0.28
CA GLU D 352 -15.53 4.09 1.34
C GLU D 352 -15.70 5.52 0.79
N TYR D 353 -14.87 5.91 -0.18
CA TYR D 353 -15.02 7.28 -0.72
C TYR D 353 -16.40 7.52 -1.30
N ARG D 354 -17.00 6.49 -1.87
CA ARG D 354 -18.23 6.62 -2.64
C ARG D 354 -19.46 6.51 -1.76
N GLY D 355 -19.25 6.44 -0.45
CA GLY D 355 -20.37 6.39 0.50
C GLY D 355 -21.04 5.02 0.54
N ILE D 356 -20.33 3.98 0.12
CA ILE D 356 -20.87 2.63 0.25
C ILE D 356 -20.52 2.15 1.66
N ASN D 357 -21.46 2.28 2.59
CA ASN D 357 -21.29 1.74 3.93
C ASN D 357 -21.19 0.24 3.78
N LEU D 358 -20.03 -0.31 4.14
CA LEU D 358 -19.73 -1.71 3.88
C LEU D 358 -20.64 -2.68 4.65
N SER D 359 -21.34 -2.15 5.66
CA SER D 359 -22.27 -2.92 6.46
C SER D 359 -23.65 -2.98 5.80
N ILE D 360 -24.18 -1.84 5.35
CA ILE D 360 -25.45 -1.91 4.60
C ILE D 360 -25.26 -2.55 3.21
N TYR D 361 -24.06 -2.44 2.64
CA TYR D 361 -23.73 -3.20 1.41
C TYR D 361 -23.86 -4.73 1.58
N GLU D 362 -23.28 -5.25 2.66
CA GLU D 362 -23.41 -6.66 3.01
C GLU D 362 -24.88 -7.12 3.01
N LYS D 363 -25.76 -6.37 3.67
CA LYS D 363 -27.20 -6.72 3.69
C LYS D 363 -27.78 -6.77 2.26
N VAL D 364 -27.65 -5.66 1.52
CA VAL D 364 -28.16 -5.56 0.15
C VAL D 364 -27.74 -6.74 -0.76
N ARG D 365 -26.45 -7.07 -0.76
CA ARG D 365 -25.95 -8.09 -1.69
C ARG D 365 -26.41 -9.50 -1.30
N LYS D 366 -26.72 -9.67 -0.01
CA LYS D 366 -27.20 -10.94 0.56
C LYS D 366 -28.72 -11.15 0.47
N ARG D 367 -29.46 -10.25 -0.19
CA ARG D 367 -30.93 -10.39 -0.22
C ARG D 367 -31.49 -10.51 -1.63
#